data_1AW2
#
_entry.id   1AW2
#
_cell.length_a   89.660
_cell.length_b   137.820
_cell.length_c   89.540
_cell.angle_alpha   90.00
_cell.angle_beta   90.94
_cell.angle_gamma   90.00
#
_symmetry.space_group_name_H-M   'P 1 21 1'
#
loop_
_entity.id
_entity.type
_entity.pdbx_description
1 polymer 'TRIOSEPHOSPHATE ISOMERASE'
2 non-polymer 'SULFATE ION'
3 water water
#
_entity_poly.entity_id   1
_entity_poly.type   'polypeptide(L)'
_entity_poly.pdbx_seq_one_letter_code
;MRHPVVMGNWKLNGSKEMVVDLLNGLNAELEGVTGVDVAVAPPALFVDLAERTLTEAGSAIILGAQNTDLNNSGAFTGDM
SPAMLKEFGATHIIIGHSERREYHAESDEFVAKKFAFLKENGLTPVLCIGESDAQNEAGETMAVCARQLDAVINTQGVEA
LEGAIIAYEPIWAIGTGKAATAEDAQRIHAQIRAHIAEKSEAVAKNVVIQYGGSVKPENAAAYFAQPDIDGALVGGAALD
AKSFAAIAKAAAEAKA
;
_entity_poly.pdbx_strand_id   A,B,D,E,G,H,J,K
#
loop_
_chem_comp.id
_chem_comp.type
_chem_comp.name
_chem_comp.formula
SO4 non-polymer 'SULFATE ION' 'O4 S -2'
#
# COMPACT_ATOMS: atom_id res chain seq x y z
N ARG A 2 -11.22 30.41 11.27
CA ARG A 2 -12.55 30.86 10.71
C ARG A 2 -13.64 30.59 11.73
N HIS A 3 -14.44 31.64 11.98
CA HIS A 3 -15.52 31.61 12.94
C HIS A 3 -16.66 30.89 12.26
N PRO A 4 -17.24 29.87 12.89
CA PRO A 4 -18.32 29.15 12.22
C PRO A 4 -19.65 29.87 12.07
N VAL A 5 -20.31 29.52 10.97
CA VAL A 5 -21.62 30.04 10.62
C VAL A 5 -22.56 28.87 10.36
N VAL A 6 -23.66 28.85 11.11
CA VAL A 6 -24.71 27.86 10.99
C VAL A 6 -25.97 28.63 10.55
N MET A 7 -26.46 28.33 9.35
CA MET A 7 -27.63 28.98 8.80
C MET A 7 -28.78 28.02 8.61
N GLY A 8 -29.96 28.39 9.08
CA GLY A 8 -31.10 27.55 8.85
C GLY A 8 -31.88 28.04 7.63
N ASN A 9 -32.00 27.25 6.56
CA ASN A 9 -32.81 27.64 5.40
C ASN A 9 -34.17 27.01 5.69
N TRP A 10 -35.18 27.82 5.98
CA TRP A 10 -36.52 27.31 6.27
C TRP A 10 -37.33 26.91 5.05
N LYS A 11 -36.82 27.16 3.86
CA LYS A 11 -37.61 26.83 2.68
C LYS A 11 -39.06 27.31 2.72
N LEU A 12 -39.96 26.58 2.05
CA LEU A 12 -41.36 26.95 2.02
C LEU A 12 -42.05 26.53 3.30
N ASN A 13 -41.58 27.12 4.40
CA ASN A 13 -42.11 26.84 5.73
C ASN A 13 -42.22 28.12 6.54
N GLY A 14 -43.34 28.26 7.22
CA GLY A 14 -43.54 29.45 8.01
C GLY A 14 -45.00 29.71 8.25
N SER A 15 -45.29 30.48 9.27
CA SER A 15 -46.65 30.82 9.60
C SER A 15 -46.52 31.88 10.67
N LYS A 16 -47.53 32.69 10.86
CA LYS A 16 -47.39 33.72 11.87
C LYS A 16 -47.07 33.18 13.23
N GLU A 17 -47.77 32.15 13.66
CA GLU A 17 -47.55 31.62 14.99
C GLU A 17 -46.24 30.92 15.08
N MET A 18 -45.88 30.20 14.04
CA MET A 18 -44.64 29.46 14.02
C MET A 18 -43.39 30.33 14.03
N VAL A 19 -43.38 31.40 13.25
CA VAL A 19 -42.22 32.26 13.23
C VAL A 19 -41.88 32.78 14.63
N VAL A 20 -42.87 33.20 15.40
CA VAL A 20 -42.47 33.70 16.68
C VAL A 20 -42.15 32.64 17.67
N ASP A 21 -42.84 31.51 17.64
CA ASP A 21 -42.48 30.46 18.59
C ASP A 21 -41.06 29.97 18.33
N LEU A 22 -40.74 29.71 17.07
CA LEU A 22 -39.41 29.24 16.70
C LEU A 22 -38.28 30.19 17.06
N LEU A 23 -38.42 31.47 16.73
CA LEU A 23 -37.37 32.42 17.01
C LEU A 23 -37.23 32.64 18.48
N ASN A 24 -38.32 32.56 19.24
CA ASN A 24 -38.26 32.79 20.68
C ASN A 24 -37.62 31.64 21.43
N GLY A 25 -37.94 30.40 21.04
CA GLY A 25 -37.35 29.24 21.67
C GLY A 25 -35.89 29.09 21.30
N LEU A 26 -35.59 29.43 20.07
CA LEU A 26 -34.25 29.37 19.54
C LEU A 26 -33.34 30.28 20.31
N ASN A 27 -33.77 31.50 20.49
CA ASN A 27 -33.01 32.53 21.21
C ASN A 27 -32.84 32.15 22.71
N ALA A 28 -33.72 31.32 23.21
CA ALA A 28 -33.68 30.94 24.60
C ALA A 28 -32.61 29.89 24.72
N GLU A 29 -32.57 29.02 23.73
CA GLU A 29 -31.61 27.92 23.67
C GLU A 29 -30.18 28.38 23.46
N LEU A 30 -29.98 29.54 22.85
CA LEU A 30 -28.64 29.95 22.52
C LEU A 30 -28.06 30.91 23.52
N GLU A 31 -28.71 30.97 24.67
CA GLU A 31 -28.30 31.82 25.77
C GLU A 31 -26.84 32.00 26.09
N GLY A 32 -26.05 30.99 26.32
CA GLY A 32 -24.67 31.41 26.58
C GLY A 32 -23.74 31.32 25.40
N VAL A 33 -24.25 30.75 24.31
CA VAL A 33 -23.53 30.45 23.08
C VAL A 33 -23.02 31.68 22.36
N THR A 34 -21.72 31.77 22.08
CA THR A 34 -21.16 32.96 21.41
C THR A 34 -20.08 32.70 20.38
N GLY A 35 -19.73 31.44 20.21
CA GLY A 35 -18.71 31.14 19.26
C GLY A 35 -19.20 30.63 17.94
N VAL A 36 -20.40 31.02 17.53
CA VAL A 36 -20.96 30.60 16.24
C VAL A 36 -21.90 31.71 15.84
N ASP A 37 -21.98 32.03 14.54
CA ASP A 37 -22.93 33.02 14.01
C ASP A 37 -24.13 32.18 13.60
N VAL A 38 -25.34 32.47 14.10
CA VAL A 38 -26.53 31.72 13.75
C VAL A 38 -27.39 32.60 12.88
N ALA A 39 -27.63 32.19 11.64
CA ALA A 39 -28.48 33.01 10.76
C ALA A 39 -29.75 32.22 10.50
N VAL A 40 -30.82 32.89 10.13
CA VAL A 40 -32.09 32.24 9.87
C VAL A 40 -32.61 32.88 8.58
N ALA A 41 -33.19 32.09 7.67
CA ALA A 41 -33.71 32.61 6.39
C ALA A 41 -35.17 32.21 6.23
N PRO A 42 -36.08 33.10 6.61
CA PRO A 42 -37.47 32.68 6.45
C PRO A 42 -38.06 33.10 5.10
N PRO A 43 -39.30 32.66 4.80
CA PRO A 43 -39.83 33.11 3.50
C PRO A 43 -40.00 34.63 3.53
N ALA A 44 -39.82 35.30 2.38
CA ALA A 44 -39.95 36.76 2.22
C ALA A 44 -41.15 37.30 2.97
N LEU A 45 -42.27 36.60 2.88
CA LEU A 45 -43.50 36.95 3.56
C LEU A 45 -43.34 37.15 5.03
N PHE A 46 -42.37 36.49 5.64
CA PHE A 46 -42.16 36.61 7.08
C PHE A 46 -40.90 37.29 7.52
N VAL A 47 -40.19 37.94 6.63
CA VAL A 47 -38.98 38.66 7.04
C VAL A 47 -39.33 39.79 8.01
N ASP A 48 -40.44 40.50 7.80
CA ASP A 48 -40.83 41.59 8.71
C ASP A 48 -41.12 41.02 10.12
N LEU A 49 -41.97 40.01 10.23
CA LEU A 49 -42.30 39.39 11.50
C LEU A 49 -41.03 38.86 12.15
N ALA A 50 -40.16 38.23 11.36
CA ALA A 50 -38.90 37.75 11.89
C ALA A 50 -38.16 38.91 12.58
N GLU A 51 -38.00 40.04 11.89
CA GLU A 51 -37.31 41.22 12.43
C GLU A 51 -37.96 41.70 13.70
N ARG A 52 -39.28 41.83 13.67
CA ARG A 52 -39.98 42.32 14.83
C ARG A 52 -39.69 41.46 16.06
N THR A 53 -39.74 40.14 15.90
CA THR A 53 -39.51 39.21 17.00
C THR A 53 -38.07 39.33 17.52
N LEU A 54 -37.09 39.26 16.63
CA LEU A 54 -35.70 39.35 17.02
C LEU A 54 -35.35 40.66 17.68
N THR A 55 -35.98 41.72 17.22
CA THR A 55 -35.71 43.00 17.79
C THR A 55 -36.28 43.10 19.19
N GLU A 56 -37.53 42.68 19.38
CA GLU A 56 -38.12 42.75 20.70
C GLU A 56 -37.29 41.99 21.71
N ALA A 57 -36.74 40.87 21.26
CA ALA A 57 -35.94 39.99 22.11
C ALA A 57 -34.51 40.43 22.31
N GLY A 58 -34.02 41.35 21.49
CA GLY A 58 -32.65 41.79 21.61
C GLY A 58 -31.78 40.64 21.20
N SER A 59 -32.30 39.79 20.31
CA SER A 59 -31.60 38.60 19.86
C SER A 59 -30.38 38.96 19.07
N ALA A 60 -29.45 38.01 18.95
CA ALA A 60 -28.24 38.24 18.18
C ALA A 60 -28.28 37.39 16.92
N ILE A 61 -29.35 36.60 16.76
CA ILE A 61 -29.50 35.75 15.60
C ILE A 61 -29.51 36.66 14.36
N ILE A 62 -28.83 36.24 13.29
CA ILE A 62 -28.71 36.98 12.02
C ILE A 62 -29.89 36.66 11.10
N LEU A 63 -30.43 37.68 10.42
CA LEU A 63 -31.58 37.50 9.51
C LEU A 63 -31.07 37.48 8.09
N GLY A 64 -31.64 36.57 7.31
CA GLY A 64 -31.27 36.43 5.92
C GLY A 64 -32.53 36.14 5.15
N ALA A 65 -32.40 35.84 3.86
CA ALA A 65 -33.54 35.56 3.00
C ALA A 65 -33.13 34.44 2.07
N GLN A 66 -34.08 33.90 1.31
CA GLN A 66 -33.80 32.73 0.48
C GLN A 66 -33.49 32.96 -0.96
N ASN A 67 -33.46 34.22 -1.38
CA ASN A 67 -33.17 34.52 -2.77
C ASN A 67 -33.17 36.01 -3.01
N THR A 68 -32.66 36.45 -4.16
CA THR A 68 -32.69 37.84 -4.51
C THR A 68 -32.74 37.96 -6.01
N ASP A 69 -33.15 39.12 -6.48
CA ASP A 69 -33.17 39.37 -7.91
C ASP A 69 -32.13 40.44 -8.17
N LEU A 70 -32.06 40.90 -9.42
CA LEU A 70 -31.04 41.84 -9.87
C LEU A 70 -31.35 43.33 -9.89
N ASN A 71 -32.49 43.73 -9.31
CA ASN A 71 -32.88 45.15 -9.24
C ASN A 71 -33.37 45.59 -7.87
N ASN A 72 -33.11 46.85 -7.54
CA ASN A 72 -33.53 47.44 -6.27
C ASN A 72 -34.91 48.06 -6.29
N SER A 73 -35.25 48.65 -7.42
CA SER A 73 -36.57 49.26 -7.61
C SER A 73 -36.81 49.34 -9.10
N GLY A 74 -38.07 49.42 -9.49
CA GLY A 74 -38.35 49.53 -10.92
C GLY A 74 -39.48 48.68 -11.40
N ALA A 75 -39.58 48.56 -12.71
CA ALA A 75 -40.65 47.79 -13.30
C ALA A 75 -40.36 46.31 -13.35
N PHE A 76 -40.30 45.66 -12.20
CA PHE A 76 -40.06 44.24 -12.23
C PHE A 76 -41.03 43.56 -11.29
N THR A 77 -42.25 43.39 -11.77
CA THR A 77 -43.31 42.75 -11.02
C THR A 77 -42.87 41.45 -10.41
N GLY A 78 -43.12 41.31 -9.12
CA GLY A 78 -42.78 40.10 -8.41
C GLY A 78 -41.35 39.82 -8.05
N ASP A 79 -40.39 40.71 -8.35
CA ASP A 79 -38.98 40.52 -8.02
C ASP A 79 -38.59 40.82 -6.57
N MET A 80 -37.40 40.36 -6.17
CA MET A 80 -36.85 40.53 -4.82
C MET A 80 -35.73 41.54 -4.80
N SER A 81 -35.87 42.52 -3.94
CA SER A 81 -34.92 43.60 -3.89
C SER A 81 -33.98 43.65 -2.74
N PRO A 82 -32.68 43.73 -3.05
CA PRO A 82 -31.62 43.80 -2.05
C PRO A 82 -31.89 44.99 -1.17
N ALA A 83 -32.24 46.13 -1.77
CA ALA A 83 -32.51 47.34 -0.96
C ALA A 83 -33.72 47.17 -0.04
N MET A 84 -34.78 46.55 -0.54
CA MET A 84 -35.91 46.34 0.36
C MET A 84 -35.50 45.38 1.48
N LEU A 85 -34.69 44.38 1.15
CA LEU A 85 -34.21 43.44 2.15
C LEU A 85 -33.39 44.16 3.23
N LYS A 86 -32.53 45.10 2.83
CA LYS A 86 -31.73 45.87 3.79
C LYS A 86 -32.56 46.63 4.79
N GLU A 87 -33.79 46.97 4.46
CA GLU A 87 -34.64 47.70 5.38
C GLU A 87 -35.04 46.90 6.58
N PHE A 88 -35.12 45.58 6.42
CA PHE A 88 -35.53 44.72 7.54
C PHE A 88 -34.31 44.19 8.28
N GLY A 89 -33.13 44.58 7.81
CA GLY A 89 -31.90 44.13 8.40
C GLY A 89 -31.42 42.76 7.89
N ALA A 90 -31.97 42.23 6.79
CA ALA A 90 -31.55 40.93 6.26
C ALA A 90 -30.18 41.07 5.61
N THR A 91 -29.17 40.28 6.01
CA THR A 91 -27.84 40.43 5.41
C THR A 91 -27.38 39.24 4.61
N HIS A 92 -27.60 38.03 5.13
CA HIS A 92 -27.15 36.79 4.47
C HIS A 92 -28.15 36.30 3.47
N ILE A 93 -27.81 36.39 2.21
CA ILE A 93 -28.75 36.01 1.17
C ILE A 93 -28.34 34.77 0.36
N ILE A 94 -29.14 33.72 0.49
CA ILE A 94 -28.91 32.46 -0.22
C ILE A 94 -29.18 32.66 -1.72
N ILE A 95 -28.20 32.32 -2.56
CA ILE A 95 -28.36 32.39 -4.02
C ILE A 95 -27.76 31.09 -4.59
N GLY A 96 -28.32 30.59 -5.68
CA GLY A 96 -27.81 29.38 -6.30
C GLY A 96 -28.29 28.07 -5.69
N HIS A 97 -29.18 28.12 -4.73
CA HIS A 97 -29.66 26.92 -4.11
C HIS A 97 -30.04 25.96 -5.17
N SER A 98 -29.80 24.69 -4.89
CA SER A 98 -30.09 23.66 -5.84
C SER A 98 -31.54 23.61 -6.24
N GLU A 99 -32.44 23.90 -5.32
CA GLU A 99 -33.85 23.86 -5.71
C GLU A 99 -34.21 24.96 -6.72
N ARG A 100 -33.46 26.07 -6.73
CA ARG A 100 -33.71 27.15 -7.67
C ARG A 100 -33.05 26.87 -9.00
N ARG A 101 -31.85 26.31 -8.91
CA ARG A 101 -31.04 25.92 -10.07
C ARG A 101 -31.80 24.85 -10.88
N GLU A 102 -32.57 24.01 -10.20
CA GLU A 102 -33.33 22.96 -10.85
C GLU A 102 -34.74 23.34 -11.27
N TYR A 103 -35.53 23.82 -10.32
CA TYR A 103 -36.91 24.20 -10.56
C TYR A 103 -37.11 25.51 -11.36
N HIS A 104 -36.18 26.44 -11.24
CA HIS A 104 -36.26 27.74 -11.91
C HIS A 104 -35.17 27.89 -12.94
N ALA A 105 -34.44 26.81 -13.16
CA ALA A 105 -33.38 26.83 -14.13
C ALA A 105 -32.48 28.05 -14.04
N GLU A 106 -31.99 28.38 -12.85
CA GLU A 106 -31.07 29.50 -12.70
C GLU A 106 -29.63 29.02 -13.10
N SER A 107 -29.02 29.72 -14.06
CA SER A 107 -27.70 29.34 -14.55
C SER A 107 -26.59 29.86 -13.65
N ASP A 108 -25.34 29.50 -13.96
CA ASP A 108 -24.23 29.99 -13.16
C ASP A 108 -24.06 31.46 -13.46
N GLU A 109 -24.38 31.85 -14.69
CA GLU A 109 -24.26 33.25 -15.13
C GLU A 109 -25.24 34.12 -14.36
N PHE A 110 -26.47 33.64 -14.21
CA PHE A 110 -27.51 34.32 -13.44
C PHE A 110 -27.09 34.42 -11.96
N VAL A 111 -26.81 33.27 -11.36
CA VAL A 111 -26.36 33.20 -9.97
C VAL A 111 -25.16 34.14 -9.77
N ALA A 112 -24.15 34.08 -10.63
CA ALA A 112 -22.99 34.97 -10.51
C ALA A 112 -23.38 36.44 -10.54
N LYS A 113 -24.40 36.79 -11.33
CA LYS A 113 -24.85 38.17 -11.40
C LYS A 113 -25.45 38.57 -10.08
N LYS A 114 -26.22 37.69 -9.46
CA LYS A 114 -26.75 37.99 -8.14
C LYS A 114 -25.66 38.19 -7.07
N PHE A 115 -24.55 37.46 -7.18
CA PHE A 115 -23.44 37.57 -6.22
C PHE A 115 -22.87 38.97 -6.27
N ALA A 116 -22.60 39.44 -7.49
CA ALA A 116 -22.04 40.77 -7.66
C ALA A 116 -22.95 41.88 -7.16
N PHE A 117 -24.25 41.66 -7.33
CA PHE A 117 -25.25 42.64 -6.94
C PHE A 117 -25.36 42.70 -5.41
N LEU A 118 -25.22 41.53 -4.78
CA LEU A 118 -25.29 41.47 -3.34
C LEU A 118 -24.08 42.22 -2.80
N LYS A 119 -22.91 41.92 -3.35
CA LYS A 119 -21.71 42.60 -2.90
C LYS A 119 -21.90 44.09 -3.15
N GLU A 120 -22.47 44.47 -4.29
CA GLU A 120 -22.72 45.90 -4.59
C GLU A 120 -23.60 46.58 -3.54
N ASN A 121 -24.56 45.85 -2.99
CA ASN A 121 -25.44 46.42 -1.99
C ASN A 121 -25.06 46.25 -0.56
N GLY A 122 -23.88 45.68 -0.30
CA GLY A 122 -23.46 45.53 1.08
C GLY A 122 -23.97 44.29 1.80
N LEU A 123 -24.52 43.32 1.07
CA LEU A 123 -25.05 42.11 1.71
C LEU A 123 -24.07 40.94 1.59
N THR A 124 -24.33 39.88 2.36
CA THR A 124 -23.46 38.68 2.38
C THR A 124 -24.08 37.55 1.59
N PRO A 125 -23.48 37.22 0.44
CA PRO A 125 -24.06 36.12 -0.31
C PRO A 125 -23.64 34.73 0.20
N VAL A 126 -24.59 33.81 0.30
CA VAL A 126 -24.31 32.45 0.73
C VAL A 126 -24.41 31.73 -0.60
N LEU A 127 -23.28 31.61 -1.26
CA LEU A 127 -23.19 31.00 -2.59
C LEU A 127 -23.31 29.49 -2.56
N CYS A 128 -24.43 28.92 -2.99
CA CYS A 128 -24.55 27.46 -3.03
C CYS A 128 -23.95 26.86 -4.32
N ILE A 129 -23.23 25.76 -4.19
CA ILE A 129 -22.64 25.06 -5.33
C ILE A 129 -22.80 23.58 -5.00
N GLY A 130 -22.71 22.71 -6.00
CA GLY A 130 -22.82 21.29 -5.73
C GLY A 130 -23.11 20.50 -6.98
N GLU A 131 -22.71 19.21 -6.98
CA GLU A 131 -22.96 18.35 -8.15
C GLU A 131 -24.02 17.27 -7.95
N SER A 132 -24.60 16.85 -9.06
CA SER A 132 -25.64 15.84 -9.07
C SER A 132 -25.10 14.43 -8.97
N ASP A 133 -26.03 13.48 -8.88
CA ASP A 133 -25.73 12.06 -8.78
C ASP A 133 -24.84 11.58 -9.93
N ALA A 134 -25.32 11.77 -11.16
CA ALA A 134 -24.60 11.34 -12.33
C ALA A 134 -23.23 12.00 -12.51
N GLN A 135 -23.02 13.16 -11.90
CA GLN A 135 -21.74 13.84 -12.05
C GLN A 135 -20.80 13.29 -11.00
N ASN A 136 -21.37 13.00 -9.85
CA ASN A 136 -20.59 12.44 -8.78
C ASN A 136 -20.16 11.01 -9.13
N GLU A 137 -21.10 10.21 -9.66
CA GLU A 137 -20.83 8.84 -10.07
C GLU A 137 -19.73 8.95 -11.13
N ALA A 138 -19.96 9.81 -12.13
CA ALA A 138 -18.98 10.05 -13.19
C ALA A 138 -17.75 10.69 -12.55
N GLY A 139 -17.84 10.91 -11.24
CA GLY A 139 -16.76 11.52 -10.47
C GLY A 139 -16.26 12.86 -10.96
N GLU A 140 -17.16 13.78 -11.31
CA GLU A 140 -16.72 15.08 -11.77
C GLU A 140 -16.99 16.19 -10.78
N THR A 141 -17.05 15.86 -9.50
CA THR A 141 -17.28 16.82 -8.44
C THR A 141 -16.51 18.14 -8.55
N MET A 142 -15.21 18.10 -8.78
CA MET A 142 -14.49 19.38 -8.86
C MET A 142 -14.66 20.19 -10.13
N ALA A 143 -14.90 19.52 -11.24
CA ALA A 143 -15.11 20.21 -12.50
C ALA A 143 -16.39 21.06 -12.36
N VAL A 144 -17.42 20.46 -11.76
CA VAL A 144 -18.69 21.12 -11.55
C VAL A 144 -18.52 22.28 -10.57
N CYS A 145 -17.98 21.98 -9.39
CA CYS A 145 -17.76 22.99 -8.37
C CYS A 145 -16.89 24.13 -8.86
N ALA A 146 -15.78 23.80 -9.49
CA ALA A 146 -14.90 24.84 -9.99
C ALA A 146 -15.58 25.65 -11.08
N ARG A 147 -16.40 24.98 -11.87
CA ARG A 147 -17.11 25.65 -12.95
C ARG A 147 -17.98 26.72 -12.32
N GLN A 148 -18.77 26.28 -11.35
CA GLN A 148 -19.68 27.16 -10.67
C GLN A 148 -19.04 28.29 -9.85
N LEU A 149 -17.86 28.06 -9.28
CA LEU A 149 -17.17 29.10 -8.51
C LEU A 149 -16.49 30.07 -9.49
N ASP A 150 -16.01 29.53 -10.60
CA ASP A 150 -15.34 30.35 -11.60
C ASP A 150 -16.27 31.39 -12.21
N ALA A 151 -17.55 31.06 -12.30
CA ALA A 151 -18.56 31.97 -12.80
C ALA A 151 -18.41 33.32 -12.08
N VAL A 152 -18.12 33.28 -10.78
CA VAL A 152 -17.94 34.53 -10.10
C VAL A 152 -16.49 34.92 -10.09
N ILE A 153 -15.58 33.97 -9.86
CA ILE A 153 -14.14 34.28 -9.85
C ILE A 153 -13.60 34.86 -11.15
N ASN A 154 -14.00 34.29 -12.27
CA ASN A 154 -13.53 34.76 -13.58
C ASN A 154 -14.09 36.07 -14.11
N THR A 155 -15.13 36.57 -13.47
CA THR A 155 -15.74 37.79 -13.92
C THR A 155 -15.60 38.86 -12.86
N GLN A 156 -15.30 38.48 -11.62
CA GLN A 156 -15.19 39.45 -10.56
C GLN A 156 -13.89 39.40 -9.74
N GLY A 157 -13.10 38.32 -9.87
CA GLY A 157 -11.85 38.22 -9.13
C GLY A 157 -12.01 37.51 -7.81
N VAL A 158 -11.02 36.72 -7.38
CA VAL A 158 -11.15 35.98 -6.12
C VAL A 158 -11.48 36.82 -4.94
N GLU A 159 -11.06 38.08 -4.96
CA GLU A 159 -11.31 38.94 -3.83
C GLU A 159 -12.78 39.15 -3.62
N ALA A 160 -13.58 38.84 -4.63
CA ALA A 160 -15.03 38.96 -4.54
C ALA A 160 -15.59 38.00 -3.49
N LEU A 161 -14.86 36.91 -3.24
CA LEU A 161 -15.27 35.92 -2.26
C LEU A 161 -14.97 36.43 -0.89
N GLU A 162 -14.18 37.48 -0.77
CA GLU A 162 -13.88 37.98 0.56
C GLU A 162 -15.18 38.49 1.15
N GLY A 163 -15.56 37.93 2.29
CA GLY A 163 -16.80 38.34 2.93
C GLY A 163 -17.99 37.50 2.52
N ALA A 164 -17.80 36.55 1.63
CA ALA A 164 -18.88 35.71 1.18
C ALA A 164 -18.81 34.40 1.96
N ILE A 165 -19.85 33.60 1.79
CA ILE A 165 -19.95 32.29 2.40
C ILE A 165 -20.28 31.37 1.20
N ILE A 166 -19.69 30.16 1.18
CA ILE A 166 -19.91 29.17 0.12
C ILE A 166 -20.51 27.95 0.79
N ALA A 167 -21.54 27.32 0.23
CA ALA A 167 -22.13 26.14 0.83
C ALA A 167 -22.12 25.02 -0.18
N TYR A 168 -21.38 23.95 0.12
CA TYR A 168 -21.34 22.82 -0.76
C TYR A 168 -22.57 21.96 -0.56
N GLU A 169 -23.35 21.74 -1.62
CA GLU A 169 -24.52 20.86 -1.55
C GLU A 169 -24.26 19.53 -2.27
N PRO A 170 -24.12 18.44 -1.52
CA PRO A 170 -23.88 17.19 -2.25
C PRO A 170 -25.27 16.77 -2.67
N ILE A 171 -25.67 17.19 -3.87
CA ILE A 171 -27.00 16.90 -4.37
C ILE A 171 -27.17 15.42 -4.68
N TRP A 172 -26.07 14.76 -5.05
CA TRP A 172 -26.03 13.32 -5.34
C TRP A 172 -26.40 12.45 -4.14
N ALA A 173 -26.17 12.99 -2.96
CA ALA A 173 -26.48 12.30 -1.73
C ALA A 173 -27.93 12.57 -1.41
N ILE A 174 -28.43 13.68 -1.94
CA ILE A 174 -29.79 14.09 -1.65
C ILE A 174 -30.89 13.47 -2.52
N GLY A 175 -31.77 12.72 -1.84
CA GLY A 175 -32.88 12.05 -2.49
C GLY A 175 -32.50 10.86 -3.38
N THR A 176 -31.25 10.39 -3.27
CA THR A 176 -30.81 9.27 -4.11
C THR A 176 -29.85 8.33 -3.40
N GLY A 177 -30.39 7.58 -2.46
CA GLY A 177 -29.64 6.55 -1.70
C GLY A 177 -28.18 6.65 -1.24
N LYS A 178 -27.44 7.63 -1.77
CA LYS A 178 -26.06 7.83 -1.37
C LYS A 178 -26.06 8.66 -0.07
N ALA A 179 -24.89 8.71 0.56
CA ALA A 179 -24.68 9.42 1.81
C ALA A 179 -23.26 10.01 1.83
N ALA A 180 -23.14 11.20 2.42
CA ALA A 180 -21.81 11.80 2.51
C ALA A 180 -21.38 11.54 3.94
N THR A 181 -20.10 11.58 4.16
CA THR A 181 -19.57 11.33 5.49
C THR A 181 -18.75 12.52 5.82
N ALA A 182 -18.45 12.71 7.08
CA ALA A 182 -17.64 13.84 7.42
C ALA A 182 -16.33 13.82 6.60
N GLU A 183 -15.85 12.60 6.35
CA GLU A 183 -14.60 12.33 5.64
C GLU A 183 -14.64 12.64 4.15
N ASP A 184 -15.75 12.34 3.50
CA ASP A 184 -15.92 12.68 2.09
C ASP A 184 -16.14 14.19 2.01
N ALA A 185 -16.92 14.73 2.94
CA ALA A 185 -17.21 16.17 3.00
C ALA A 185 -15.89 16.93 3.14
N GLN A 186 -15.12 16.59 4.17
CA GLN A 186 -13.82 17.23 4.38
C GLN A 186 -12.95 17.16 3.14
N ARG A 187 -13.05 16.07 2.39
CA ARG A 187 -12.24 15.92 1.18
C ARG A 187 -12.68 16.88 0.10
N ILE A 188 -13.98 17.09 -0.04
CA ILE A 188 -14.49 18.03 -1.04
C ILE A 188 -14.25 19.49 -0.69
N HIS A 189 -14.29 19.83 0.60
CA HIS A 189 -14.05 21.21 1.03
C HIS A 189 -12.62 21.64 0.89
N ALA A 190 -11.70 20.70 0.94
CA ALA A 190 -10.31 21.08 0.82
C ALA A 190 -9.96 21.29 -0.62
N GLN A 191 -10.68 20.61 -1.51
CA GLN A 191 -10.44 20.75 -2.93
C GLN A 191 -10.99 22.08 -3.38
N ILE A 192 -12.16 22.40 -2.83
CA ILE A 192 -12.79 23.68 -3.08
C ILE A 192 -11.86 24.75 -2.55
N ARG A 193 -11.43 24.66 -1.30
CA ARG A 193 -10.54 25.68 -0.75
C ARG A 193 -9.26 25.82 -1.54
N ALA A 194 -8.77 24.69 -2.04
CA ALA A 194 -7.51 24.66 -2.77
C ALA A 194 -7.61 25.31 -4.15
N HIS A 195 -8.81 25.31 -4.72
CA HIS A 195 -9.08 25.93 -6.02
C HIS A 195 -9.03 27.44 -5.86
N ILE A 196 -9.63 27.90 -4.77
CA ILE A 196 -9.67 29.30 -4.45
C ILE A 196 -8.25 29.76 -4.08
N ALA A 197 -7.51 28.87 -3.45
CA ALA A 197 -6.14 29.20 -3.00
C ALA A 197 -5.17 29.27 -4.17
N GLU A 198 -5.51 28.63 -5.27
CA GLU A 198 -4.64 28.69 -6.42
C GLU A 198 -4.65 30.13 -6.92
N LYS A 199 -5.70 30.90 -6.58
CA LYS A 199 -5.79 32.30 -7.01
C LYS A 199 -5.40 33.22 -5.88
N SER A 200 -5.72 32.85 -4.66
CA SER A 200 -5.36 33.67 -3.50
C SER A 200 -5.40 32.85 -2.23
N GLU A 201 -4.29 32.85 -1.51
CA GLU A 201 -4.21 32.10 -0.28
C GLU A 201 -4.93 32.84 0.80
N ALA A 202 -4.76 34.15 0.82
CA ALA A 202 -5.41 34.97 1.81
C ALA A 202 -6.91 34.76 1.76
N VAL A 203 -7.50 34.87 0.57
CA VAL A 203 -8.94 34.66 0.44
C VAL A 203 -9.26 33.24 0.89
N ALA A 204 -8.66 32.23 0.30
CA ALA A 204 -8.94 30.85 0.68
C ALA A 204 -8.89 30.53 2.17
N LYS A 205 -7.94 31.12 2.91
CA LYS A 205 -7.81 30.86 4.35
C LYS A 205 -8.97 31.35 5.15
N ASN A 206 -9.52 32.46 4.68
CA ASN A 206 -10.60 33.10 5.39
C ASN A 206 -12.03 32.81 4.99
N VAL A 207 -12.26 32.22 3.83
CA VAL A 207 -13.61 31.94 3.39
C VAL A 207 -14.26 30.81 4.15
N VAL A 208 -15.49 31.07 4.58
CA VAL A 208 -16.31 30.11 5.31
C VAL A 208 -16.98 29.26 4.29
N ILE A 209 -16.71 27.95 4.34
CA ILE A 209 -17.34 27.03 3.42
C ILE A 209 -18.24 26.15 4.24
N GLN A 210 -19.53 26.35 4.12
CA GLN A 210 -20.46 25.57 4.85
C GLN A 210 -20.72 24.23 4.19
N TYR A 211 -21.17 23.28 4.99
CA TYR A 211 -21.51 21.98 4.51
C TYR A 211 -23.03 22.00 4.32
N GLY A 212 -23.46 21.67 3.11
CA GLY A 212 -24.88 21.68 2.81
C GLY A 212 -25.61 20.37 2.73
N GLY A 213 -24.99 19.26 3.06
CA GLY A 213 -25.71 18.00 2.97
C GLY A 213 -26.74 17.93 4.07
N SER A 214 -27.21 16.74 4.40
CA SER A 214 -28.18 16.59 5.47
C SER A 214 -27.46 16.56 6.80
N VAL A 215 -27.58 17.63 7.58
CA VAL A 215 -26.91 17.68 8.86
C VAL A 215 -28.02 17.49 9.88
N LYS A 216 -27.68 16.78 10.96
CA LYS A 216 -28.63 16.46 12.02
C LYS A 216 -27.89 16.51 13.34
N PRO A 217 -28.61 16.69 14.45
CA PRO A 217 -27.93 16.77 15.74
C PRO A 217 -27.07 15.55 16.08
N GLU A 218 -27.38 14.40 15.51
CA GLU A 218 -26.61 13.17 15.75
C GLU A 218 -25.30 13.10 14.99
N ASN A 219 -25.31 13.57 13.74
CA ASN A 219 -24.11 13.56 12.92
C ASN A 219 -23.30 14.91 12.85
N ALA A 220 -23.75 15.96 13.55
CA ALA A 220 -23.07 17.25 13.44
C ALA A 220 -21.63 17.37 13.90
N ALA A 221 -21.32 16.89 15.11
CA ALA A 221 -19.94 16.98 15.64
C ALA A 221 -18.93 16.26 14.75
N ALA A 222 -19.43 15.28 14.02
CA ALA A 222 -18.63 14.50 13.10
C ALA A 222 -18.16 15.47 12.02
N TYR A 223 -19.11 16.24 11.46
CA TYR A 223 -18.77 17.22 10.43
C TYR A 223 -17.98 18.44 10.90
N PHE A 224 -18.41 19.06 12.01
CA PHE A 224 -17.72 20.24 12.51
C PHE A 224 -16.34 19.92 13.03
N ALA A 225 -16.03 18.63 13.09
CA ALA A 225 -14.71 18.16 13.52
C ALA A 225 -13.64 18.33 12.39
N GLN A 226 -14.06 18.16 11.13
CA GLN A 226 -13.18 18.33 9.98
C GLN A 226 -12.66 19.76 9.88
N PRO A 227 -11.37 19.92 9.65
CA PRO A 227 -10.87 21.29 9.56
C PRO A 227 -11.36 22.19 8.42
N ASP A 228 -11.96 21.64 7.37
CA ASP A 228 -12.39 22.51 6.29
C ASP A 228 -13.86 22.78 6.17
N ILE A 229 -14.61 22.30 7.16
CA ILE A 229 -16.06 22.48 7.24
C ILE A 229 -16.26 23.57 8.31
N ASP A 230 -16.61 24.80 7.86
CA ASP A 230 -16.80 26.01 8.72
C ASP A 230 -18.22 26.32 9.25
N GLY A 231 -19.15 25.41 9.03
CA GLY A 231 -20.49 25.59 9.52
C GLY A 231 -21.33 24.67 8.69
N ALA A 232 -22.62 24.96 8.64
CA ALA A 232 -23.62 24.20 7.91
C ALA A 232 -24.75 25.10 7.39
N LEU A 233 -25.39 24.68 6.32
CA LEU A 233 -26.56 25.39 5.80
C LEU A 233 -27.60 24.32 6.06
N VAL A 234 -28.37 24.50 7.12
CA VAL A 234 -29.36 23.50 7.52
C VAL A 234 -30.77 23.63 6.92
N GLY A 235 -31.41 22.49 6.67
CA GLY A 235 -32.74 22.51 6.10
C GLY A 235 -33.76 22.16 7.15
N GLY A 236 -34.21 20.91 7.08
CA GLY A 236 -35.21 20.33 7.99
C GLY A 236 -34.96 20.50 9.46
N ALA A 237 -33.72 20.33 9.92
CA ALA A 237 -33.41 20.48 11.34
C ALA A 237 -33.52 21.93 11.78
N ALA A 238 -33.64 22.84 10.82
CA ALA A 238 -33.78 24.30 11.06
C ALA A 238 -35.15 24.62 11.62
N LEU A 239 -36.14 23.79 11.31
CA LEU A 239 -37.52 23.98 11.72
C LEU A 239 -37.86 23.72 13.16
N ASP A 240 -36.90 23.24 13.93
CA ASP A 240 -37.08 22.94 15.34
C ASP A 240 -36.01 23.69 16.16
N ALA A 241 -36.41 24.45 17.17
CA ALA A 241 -35.43 25.17 17.97
C ALA A 241 -34.44 24.27 18.72
N LYS A 242 -34.92 23.13 19.22
CA LYS A 242 -34.03 22.22 19.97
C LYS A 242 -33.02 21.53 19.09
N SER A 243 -33.41 21.11 17.90
CA SER A 243 -32.51 20.51 16.93
C SER A 243 -31.52 21.50 16.35
N PHE A 244 -32.01 22.65 15.89
CA PHE A 244 -31.15 23.66 15.30
C PHE A 244 -30.12 24.22 16.28
N ALA A 245 -30.51 24.41 17.55
CA ALA A 245 -29.60 24.93 18.60
C ALA A 245 -28.52 23.91 18.98
N ALA A 246 -28.86 22.63 18.85
CA ALA A 246 -27.93 21.53 19.10
C ALA A 246 -26.85 21.55 18.05
N ILE A 247 -27.23 21.68 16.78
CA ILE A 247 -26.27 21.79 15.70
C ILE A 247 -25.44 23.05 15.89
N ALA A 248 -26.05 24.19 16.25
CA ALA A 248 -25.24 25.42 16.47
C ALA A 248 -24.20 25.22 17.58
N LYS A 249 -24.60 24.64 18.72
CA LYS A 249 -23.68 24.38 19.84
C LYS A 249 -22.48 23.50 19.47
N ALA A 250 -22.74 22.35 18.85
CA ALA A 250 -21.66 21.45 18.42
C ALA A 250 -20.62 22.19 17.59
N ALA A 251 -21.06 23.06 16.70
CA ALA A 251 -20.17 23.86 15.88
C ALA A 251 -19.33 24.77 16.77
N ALA A 252 -19.98 25.39 17.75
CA ALA A 252 -19.34 26.31 18.72
C ALA A 252 -18.20 25.61 19.41
N GLU A 253 -18.49 24.46 20.01
CA GLU A 253 -17.43 23.72 20.68
C GLU A 253 -16.35 23.15 19.75
N ALA A 254 -16.76 22.52 18.65
CA ALA A 254 -15.83 21.95 17.69
C ALA A 254 -14.75 22.91 17.30
N LYS A 255 -15.12 24.16 17.14
CA LYS A 255 -14.16 25.16 16.72
C LYS A 255 -13.58 26.08 17.77
N ALA A 256 -13.83 25.81 19.04
CA ALA A 256 -13.28 26.66 20.09
C ALA A 256 -11.75 26.52 20.18
N ARG B 2 -71.46 43.86 -14.32
CA ARG B 2 -69.98 43.76 -13.96
C ARG B 2 -69.44 44.93 -13.13
N HIS B 3 -69.23 44.67 -11.84
CA HIS B 3 -68.70 45.65 -10.88
C HIS B 3 -67.23 45.97 -11.23
N PRO B 4 -66.92 47.24 -11.51
CA PRO B 4 -65.53 47.56 -11.86
C PRO B 4 -64.57 47.21 -10.73
N VAL B 5 -63.33 46.84 -11.10
CA VAL B 5 -62.26 46.48 -10.16
C VAL B 5 -61.04 47.23 -10.61
N VAL B 6 -60.44 48.05 -9.74
CA VAL B 6 -59.20 48.78 -10.09
C VAL B 6 -58.07 48.30 -9.19
N MET B 7 -57.02 47.73 -9.79
CA MET B 7 -55.87 47.23 -9.04
C MET B 7 -54.59 47.99 -9.29
N GLY B 8 -53.86 48.19 -8.20
CA GLY B 8 -52.60 48.87 -8.28
C GLY B 8 -51.45 47.88 -8.18
N ASN B 9 -50.66 47.81 -9.23
CA ASN B 9 -49.52 46.93 -9.25
C ASN B 9 -48.34 47.83 -8.89
N TRP B 10 -47.85 47.76 -7.65
CA TRP B 10 -46.72 48.61 -7.22
C TRP B 10 -45.37 48.19 -7.75
N LYS B 11 -45.31 46.95 -8.22
CA LYS B 11 -44.09 46.37 -8.77
C LYS B 11 -42.93 46.29 -7.78
N LEU B 12 -41.77 46.80 -8.14
CA LEU B 12 -40.59 46.76 -7.30
C LEU B 12 -40.33 48.10 -6.70
N ASN B 13 -41.32 48.55 -5.91
CA ASN B 13 -41.30 49.85 -5.26
C ASN B 13 -41.96 49.69 -3.95
N GLY B 14 -41.29 50.17 -2.93
CA GLY B 14 -41.86 50.10 -1.61
C GLY B 14 -40.74 50.36 -0.65
N SER B 15 -41.12 50.82 0.53
CA SER B 15 -40.21 51.11 1.62
C SER B 15 -41.11 51.13 2.84
N LYS B 16 -40.52 51.15 4.04
CA LYS B 16 -41.36 51.15 5.22
C LYS B 16 -42.13 52.43 5.39
N GLU B 17 -41.53 53.58 5.05
CA GLU B 17 -42.23 54.86 5.19
C GLU B 17 -43.32 55.01 4.13
N MET B 18 -42.92 54.83 2.87
CA MET B 18 -43.85 54.92 1.77
C MET B 18 -45.10 54.04 1.92
N VAL B 19 -44.92 52.76 2.20
CA VAL B 19 -46.07 51.87 2.32
C VAL B 19 -47.10 52.43 3.26
N VAL B 20 -46.66 52.93 4.40
CA VAL B 20 -47.61 53.46 5.37
C VAL B 20 -48.23 54.74 4.87
N ASP B 21 -47.38 55.66 4.40
CA ASP B 21 -47.93 56.90 3.87
C ASP B 21 -48.99 56.62 2.80
N LEU B 22 -48.54 56.00 1.70
CA LEU B 22 -49.40 55.70 0.57
C LEU B 22 -50.70 55.05 0.93
N LEU B 23 -50.67 54.01 1.76
CA LEU B 23 -51.90 53.32 2.13
C LEU B 23 -52.82 54.18 2.98
N ASN B 24 -52.25 55.12 3.74
CA ASN B 24 -53.08 55.99 4.56
C ASN B 24 -53.69 57.05 3.67
N GLY B 25 -52.85 57.66 2.83
CA GLY B 25 -53.34 58.63 1.88
C GLY B 25 -54.43 57.95 1.09
N LEU B 26 -54.12 56.82 0.49
CA LEU B 26 -55.10 56.09 -0.27
C LEU B 26 -56.42 55.92 0.47
N ASN B 27 -56.36 55.57 1.74
CA ASN B 27 -57.58 55.33 2.48
C ASN B 27 -58.39 56.62 2.63
N ALA B 28 -57.67 57.71 2.84
CA ALA B 28 -58.29 59.02 2.99
C ALA B 28 -59.08 59.34 1.71
N GLU B 29 -58.36 59.43 0.60
CA GLU B 29 -58.94 59.75 -0.70
C GLU B 29 -60.13 58.89 -1.02
N LEU B 30 -60.04 57.62 -0.76
CA LEU B 30 -61.13 56.76 -1.10
C LEU B 30 -62.17 56.67 0.00
N GLU B 31 -62.10 57.56 0.98
CA GLU B 31 -63.07 57.52 2.06
C GLU B 31 -64.50 57.61 1.47
N GLY B 32 -65.25 56.52 1.66
CA GLY B 32 -66.61 56.42 1.16
C GLY B 32 -66.76 56.65 -0.36
N VAL B 33 -65.90 56.00 -1.15
CA VAL B 33 -65.95 56.15 -2.60
C VAL B 33 -66.50 54.88 -3.25
N THR B 34 -67.62 54.43 -2.72
CA THR B 34 -68.38 53.24 -3.14
C THR B 34 -68.49 53.04 -4.66
N GLY B 35 -68.69 51.79 -5.09
CA GLY B 35 -68.83 51.52 -6.52
C GLY B 35 -67.78 50.71 -7.27
N VAL B 36 -66.56 50.73 -6.75
CA VAL B 36 -65.45 50.00 -7.33
C VAL B 36 -64.85 49.14 -6.26
N ASP B 37 -64.01 48.21 -6.69
CA ASP B 37 -63.25 47.35 -5.81
C ASP B 37 -61.80 47.84 -6.01
N VAL B 38 -61.17 48.36 -4.96
CA VAL B 38 -59.81 48.83 -5.09
C VAL B 38 -58.84 47.84 -4.45
N ALA B 39 -57.82 47.42 -5.20
CA ALA B 39 -56.86 46.47 -4.67
C ALA B 39 -55.42 46.93 -4.85
N VAL B 40 -54.58 46.58 -3.89
CA VAL B 40 -53.15 46.88 -3.96
C VAL B 40 -52.29 45.58 -3.96
N ALA B 41 -51.20 45.64 -4.73
CA ALA B 41 -50.29 44.52 -4.86
C ALA B 41 -48.89 44.99 -4.52
N PRO B 42 -48.51 44.93 -3.25
CA PRO B 42 -47.16 45.36 -2.91
C PRO B 42 -46.11 44.22 -2.99
N PRO B 43 -44.82 44.56 -2.99
CA PRO B 43 -43.78 43.52 -3.04
C PRO B 43 -44.02 42.55 -1.86
N ALA B 44 -43.75 41.25 -2.03
CA ALA B 44 -43.96 40.29 -0.95
C ALA B 44 -43.37 40.74 0.37
N LEU B 45 -42.20 41.34 0.35
CA LEU B 45 -41.66 41.80 1.63
C LEU B 45 -42.61 42.71 2.42
N PHE B 46 -43.51 43.46 1.73
CA PHE B 46 -44.46 44.39 2.38
C PHE B 46 -45.93 43.98 2.57
N VAL B 47 -46.25 42.70 2.34
CA VAL B 47 -47.61 42.22 2.54
C VAL B 47 -47.97 42.27 4.01
N ASP B 48 -47.02 41.96 4.89
CA ASP B 48 -47.30 42.00 6.33
C ASP B 48 -47.71 43.42 6.71
N LEU B 49 -46.86 44.43 6.38
CA LEU B 49 -47.13 45.88 6.66
C LEU B 49 -48.45 46.36 6.09
N ALA B 50 -48.68 46.06 4.82
CA ALA B 50 -49.90 46.44 4.14
C ALA B 50 -51.04 45.94 4.97
N GLU B 51 -51.06 44.66 5.29
CA GLU B 51 -52.18 44.16 6.08
C GLU B 51 -52.40 44.90 7.38
N ARG B 52 -51.34 45.12 8.14
CA ARG B 52 -51.42 45.81 9.42
C ARG B 52 -51.93 47.27 9.29
N THR B 53 -51.42 47.97 8.30
CA THR B 53 -51.81 49.33 8.04
C THR B 53 -53.30 49.43 7.67
N LEU B 54 -53.73 48.61 6.72
CA LEU B 54 -55.13 48.62 6.29
C LEU B 54 -56.04 48.21 7.43
N THR B 55 -55.68 47.16 8.15
CA THR B 55 -56.50 46.70 9.26
C THR B 55 -56.63 47.78 10.34
N GLU B 56 -55.55 48.47 10.68
CA GLU B 56 -55.70 49.53 11.66
C GLU B 56 -56.73 50.48 11.05
N ALA B 57 -56.40 51.02 9.89
CA ALA B 57 -57.27 51.93 9.17
C ALA B 57 -58.71 51.42 8.97
N GLY B 58 -58.98 50.15 9.26
CA GLY B 58 -60.32 49.64 9.03
C GLY B 58 -60.72 49.76 7.56
N SER B 59 -59.74 49.95 6.67
CA SER B 59 -59.90 50.11 5.22
C SER B 59 -60.66 49.03 4.45
N ALA B 60 -61.09 49.35 3.23
CA ALA B 60 -61.83 48.38 2.42
C ALA B 60 -61.05 47.93 1.19
N ILE B 61 -59.86 48.50 1.04
CA ILE B 61 -58.92 48.17 -0.02
C ILE B 61 -58.58 46.69 0.06
N ILE B 62 -58.54 46.02 -1.10
CA ILE B 62 -58.19 44.59 -1.16
C ILE B 62 -56.67 44.45 -1.23
N LEU B 63 -56.17 43.39 -0.60
CA LEU B 63 -54.73 43.14 -0.59
C LEU B 63 -54.42 42.05 -1.63
N GLY B 64 -53.42 42.31 -2.45
CA GLY B 64 -53.04 41.32 -3.44
C GLY B 64 -51.54 41.09 -3.41
N ALA B 65 -51.02 40.35 -4.37
CA ALA B 65 -49.58 40.08 -4.44
C ALA B 65 -49.25 39.94 -5.93
N GLN B 66 -47.97 40.19 -6.25
CA GLN B 66 -47.47 40.17 -7.62
C GLN B 66 -47.09 38.85 -8.31
N ASN B 67 -47.40 37.69 -7.72
CA ASN B 67 -47.02 36.42 -8.34
C ASN B 67 -47.27 35.34 -7.34
N THR B 68 -47.16 34.10 -7.79
CA THR B 68 -47.28 32.95 -6.92
C THR B 68 -46.44 31.83 -7.51
N ASP B 69 -46.17 30.82 -6.69
CA ASP B 69 -45.44 29.67 -7.16
C ASP B 69 -46.38 28.52 -7.13
N LEU B 70 -45.92 27.31 -7.41
CA LEU B 70 -46.82 26.18 -7.48
C LEU B 70 -46.98 25.24 -6.29
N ASN B 71 -46.52 25.64 -5.10
CA ASN B 71 -46.68 24.79 -3.92
C ASN B 71 -46.94 25.64 -2.70
N ASN B 72 -47.59 25.03 -1.72
CA ASN B 72 -47.90 25.70 -0.50
C ASN B 72 -46.84 25.60 0.57
N SER B 73 -46.08 24.52 0.54
CA SER B 73 -45.02 24.30 1.51
C SER B 73 -44.12 23.20 1.03
N GLY B 74 -42.91 23.15 1.56
CA GLY B 74 -42.01 22.08 1.12
C GLY B 74 -40.63 22.55 0.81
N ALA B 75 -39.88 21.68 0.14
CA ALA B 75 -38.52 22.02 -0.18
C ALA B 75 -38.49 22.82 -1.46
N PHE B 76 -38.85 24.09 -1.35
CA PHE B 76 -38.86 24.93 -2.51
C PHE B 76 -38.30 26.25 -2.09
N THR B 77 -36.98 26.28 -2.02
CA THR B 77 -36.26 27.45 -1.59
C THR B 77 -36.57 28.64 -2.48
N GLY B 78 -37.08 29.70 -1.84
CA GLY B 78 -37.35 30.95 -2.52
C GLY B 78 -38.75 31.14 -3.08
N ASP B 79 -39.63 30.14 -2.95
CA ASP B 79 -40.97 30.23 -3.53
C ASP B 79 -42.04 31.00 -2.78
N MET B 80 -43.06 31.39 -3.56
CA MET B 80 -44.23 32.13 -3.11
C MET B 80 -45.37 31.14 -2.95
N SER B 81 -45.90 31.07 -1.73
CA SER B 81 -46.98 30.15 -1.40
C SER B 81 -48.37 30.76 -1.19
N PRO B 82 -49.39 30.24 -1.92
CA PRO B 82 -50.76 30.74 -1.80
C PRO B 82 -51.26 30.65 -0.36
N ALA B 83 -50.95 29.53 0.28
CA ALA B 83 -51.36 29.32 1.67
C ALA B 83 -50.73 30.36 2.61
N MET B 84 -49.49 30.77 2.34
CA MET B 84 -48.85 31.78 3.16
C MET B 84 -49.45 33.17 2.93
N LEU B 85 -49.72 33.47 1.66
CA LEU B 85 -50.34 34.73 1.25
C LEU B 85 -51.71 34.85 1.96
N LYS B 86 -52.46 33.75 2.03
CA LYS B 86 -53.76 33.70 2.69
C LYS B 86 -53.72 34.09 4.14
N GLU B 87 -52.58 33.92 4.79
CA GLU B 87 -52.46 34.23 6.20
C GLU B 87 -52.47 35.73 6.48
N PHE B 88 -52.25 36.53 5.44
CA PHE B 88 -52.21 37.98 5.54
C PHE B 88 -53.41 38.61 4.89
N GLY B 89 -54.38 37.79 4.48
CA GLY B 89 -55.57 38.30 3.83
C GLY B 89 -55.46 38.55 2.33
N ALA B 90 -54.26 38.44 1.72
CA ALA B 90 -54.10 38.65 0.28
C ALA B 90 -55.06 37.74 -0.48
N THR B 91 -55.54 38.13 -1.66
CA THR B 91 -56.47 37.26 -2.38
C THR B 91 -56.46 37.43 -3.87
N HIS B 92 -55.88 38.54 -4.33
CA HIS B 92 -55.83 38.87 -5.72
C HIS B 92 -54.38 38.78 -6.12
N ILE B 93 -54.05 37.75 -6.93
CA ILE B 93 -52.67 37.49 -7.32
C ILE B 93 -52.38 37.70 -8.77
N ILE B 94 -51.55 38.71 -9.04
CA ILE B 94 -51.15 39.01 -10.40
C ILE B 94 -50.29 37.84 -10.92
N ILE B 95 -50.70 37.24 -12.04
CA ILE B 95 -49.95 36.15 -12.69
C ILE B 95 -49.80 36.39 -14.21
N GLY B 96 -48.68 35.97 -14.79
CA GLY B 96 -48.44 36.14 -16.21
C GLY B 96 -48.04 37.53 -16.64
N HIS B 97 -47.84 38.42 -15.69
CA HIS B 97 -47.46 39.76 -16.04
C HIS B 97 -46.35 39.78 -17.10
N SER B 98 -46.44 40.73 -18.02
CA SER B 98 -45.48 40.83 -19.11
C SER B 98 -44.01 40.85 -18.71
N GLU B 99 -43.74 41.32 -17.50
CA GLU B 99 -42.39 41.43 -16.97
C GLU B 99 -41.82 40.09 -16.51
N ARG B 100 -42.68 39.24 -15.94
CA ARG B 100 -42.25 37.93 -15.50
C ARG B 100 -42.09 37.04 -16.73
N ARG B 101 -43.02 37.14 -17.69
CA ARG B 101 -42.98 36.36 -18.92
C ARG B 101 -41.67 36.60 -19.72
N GLU B 102 -41.33 37.87 -19.84
CA GLU B 102 -40.14 38.31 -20.52
C GLU B 102 -38.86 38.01 -19.75
N TYR B 103 -38.76 38.52 -18.53
CA TYR B 103 -37.57 38.32 -17.75
C TYR B 103 -37.41 36.94 -17.15
N HIS B 104 -38.48 36.39 -16.60
CA HIS B 104 -38.39 35.08 -15.96
C HIS B 104 -38.81 33.97 -16.86
N ALA B 105 -39.08 34.32 -18.12
CA ALA B 105 -39.49 33.34 -19.11
C ALA B 105 -40.66 32.44 -18.66
N GLU B 106 -41.67 33.05 -18.05
CA GLU B 106 -42.82 32.29 -17.62
C GLU B 106 -43.60 32.02 -18.90
N SER B 107 -44.01 30.77 -19.06
CA SER B 107 -44.71 30.35 -20.26
C SER B 107 -46.21 30.28 -20.03
N ASP B 108 -46.93 30.13 -21.14
CA ASP B 108 -48.39 30.02 -21.16
C ASP B 108 -48.79 28.84 -20.27
N GLU B 109 -48.12 27.72 -20.41
CA GLU B 109 -48.48 26.56 -19.64
C GLU B 109 -48.14 26.76 -18.18
N PHE B 110 -47.02 27.43 -17.92
CA PHE B 110 -46.60 27.69 -16.52
C PHE B 110 -47.64 28.58 -15.84
N VAL B 111 -47.91 29.74 -16.45
CA VAL B 111 -48.90 30.69 -15.97
C VAL B 111 -50.28 30.05 -15.84
N ALA B 112 -50.62 29.10 -16.70
CA ALA B 112 -51.90 28.40 -16.61
C ALA B 112 -51.97 27.49 -15.37
N LYS B 113 -50.85 26.87 -15.01
CA LYS B 113 -50.79 26.02 -13.84
C LYS B 113 -50.98 26.90 -12.60
N LYS B 114 -50.35 28.06 -12.64
CA LYS B 114 -50.48 28.99 -11.54
C LYS B 114 -51.98 29.35 -11.40
N PHE B 115 -52.63 29.66 -12.54
CA PHE B 115 -54.05 30.03 -12.59
C PHE B 115 -54.89 28.99 -11.85
N ALA B 116 -54.67 27.72 -12.22
CA ALA B 116 -55.38 26.59 -11.62
C ALA B 116 -55.10 26.39 -10.13
N PHE B 117 -53.84 26.55 -9.73
CA PHE B 117 -53.47 26.38 -8.34
C PHE B 117 -54.07 27.45 -7.44
N LEU B 118 -54.04 28.70 -7.92
CA LEU B 118 -54.62 29.81 -7.18
C LEU B 118 -56.10 29.55 -6.91
N LYS B 119 -56.80 29.15 -7.96
CA LYS B 119 -58.24 28.87 -7.87
C LYS B 119 -58.50 27.74 -6.90
N GLU B 120 -57.56 26.80 -6.90
CA GLU B 120 -57.63 25.61 -6.05
C GLU B 120 -57.45 26.04 -4.60
N ASN B 121 -56.83 27.20 -4.43
CA ASN B 121 -56.57 27.69 -3.10
C ASN B 121 -57.54 28.73 -2.62
N GLY B 122 -58.60 28.93 -3.38
CA GLY B 122 -59.60 29.90 -3.00
C GLY B 122 -59.18 31.32 -3.29
N LEU B 123 -58.17 31.52 -4.12
CA LEU B 123 -57.69 32.85 -4.43
C LEU B 123 -58.19 33.33 -5.79
N THR B 124 -58.01 34.61 -6.06
CA THR B 124 -58.45 35.19 -7.31
C THR B 124 -57.32 35.55 -8.27
N PRO B 125 -57.21 34.83 -9.39
CA PRO B 125 -56.14 35.17 -10.33
C PRO B 125 -56.46 36.41 -11.14
N VAL B 126 -55.42 37.13 -11.49
CA VAL B 126 -55.49 38.34 -12.28
C VAL B 126 -54.52 37.99 -13.40
N LEU B 127 -55.02 37.20 -14.35
CA LEU B 127 -54.28 36.71 -15.50
C LEU B 127 -53.91 37.78 -16.50
N CYS B 128 -52.63 38.01 -16.75
CA CYS B 128 -52.26 39.00 -17.73
C CYS B 128 -51.92 38.42 -19.06
N ILE B 129 -52.48 39.00 -20.11
CA ILE B 129 -52.23 38.61 -21.48
C ILE B 129 -51.85 39.88 -22.24
N GLY B 130 -51.33 39.74 -23.44
CA GLY B 130 -50.92 40.92 -24.18
C GLY B 130 -49.87 40.61 -25.22
N GLU B 131 -49.92 41.33 -26.35
CA GLU B 131 -49.02 41.14 -27.47
C GLU B 131 -47.87 42.16 -27.57
N SER B 132 -46.80 41.71 -28.21
CA SER B 132 -45.59 42.48 -28.41
C SER B 132 -45.77 43.56 -29.47
N ASP B 133 -44.70 44.31 -29.71
CA ASP B 133 -44.70 45.36 -30.68
C ASP B 133 -44.81 44.77 -32.06
N ALA B 134 -44.06 43.70 -32.28
CA ALA B 134 -44.00 43.03 -33.56
C ALA B 134 -45.16 42.15 -33.83
N GLN B 135 -45.78 41.58 -32.80
CA GLN B 135 -46.96 40.76 -33.02
C GLN B 135 -48.10 41.71 -33.38
N ASN B 136 -47.98 42.98 -32.95
CA ASN B 136 -48.97 44.05 -33.21
C ASN B 136 -48.83 44.66 -34.62
N GLU B 137 -47.59 44.89 -35.04
CA GLU B 137 -47.29 45.39 -36.37
C GLU B 137 -47.80 44.34 -37.32
N ALA B 138 -47.57 43.08 -36.99
CA ALA B 138 -48.03 41.97 -37.80
C ALA B 138 -49.55 41.73 -37.74
N GLY B 139 -50.26 42.53 -36.96
CA GLY B 139 -51.70 42.33 -36.87
C GLY B 139 -52.04 40.99 -36.28
N GLU B 140 -51.30 40.56 -35.27
CA GLU B 140 -51.55 39.27 -34.61
C GLU B 140 -52.10 39.36 -33.18
N THR B 141 -52.53 40.57 -32.78
CA THR B 141 -53.04 40.82 -31.45
C THR B 141 -53.96 39.76 -30.87
N MET B 142 -54.96 39.33 -31.63
CA MET B 142 -55.91 38.35 -31.13
C MET B 142 -55.45 36.93 -31.19
N ALA B 143 -54.49 36.69 -32.08
CA ALA B 143 -53.92 35.36 -32.22
C ALA B 143 -53.27 35.14 -30.88
N VAL B 144 -52.42 36.09 -30.50
CA VAL B 144 -51.72 36.03 -29.23
C VAL B 144 -52.62 35.94 -28.00
N CYS B 145 -53.60 36.84 -27.88
CA CYS B 145 -54.53 36.84 -26.75
C CYS B 145 -55.39 35.61 -26.71
N ALA B 146 -55.71 35.08 -27.87
CA ALA B 146 -56.51 33.87 -27.93
C ALA B 146 -55.66 32.72 -27.40
N ARG B 147 -54.39 32.74 -27.80
CA ARG B 147 -53.43 31.71 -27.40
C ARG B 147 -53.25 31.66 -25.87
N GLN B 148 -52.84 32.79 -25.29
CA GLN B 148 -52.63 32.90 -23.86
C GLN B 148 -53.85 32.56 -23.03
N LEU B 149 -55.02 32.77 -23.58
CA LEU B 149 -56.26 32.50 -22.86
C LEU B 149 -56.68 31.04 -22.96
N ASP B 150 -56.43 30.44 -24.11
CA ASP B 150 -56.78 29.03 -24.35
C ASP B 150 -55.97 28.02 -23.55
N ALA B 151 -54.79 28.42 -23.09
CA ALA B 151 -53.93 27.58 -22.28
C ALA B 151 -54.67 27.22 -20.99
N VAL B 152 -55.67 28.03 -20.64
CA VAL B 152 -56.47 27.78 -19.46
C VAL B 152 -57.79 27.11 -19.86
N ILE B 153 -58.49 27.76 -20.80
CA ILE B 153 -59.77 27.32 -21.30
C ILE B 153 -59.66 25.92 -21.87
N ASN B 154 -58.67 25.71 -22.73
CA ASN B 154 -58.52 24.39 -23.34
C ASN B 154 -57.99 23.32 -22.43
N THR B 155 -57.98 23.56 -21.13
CA THR B 155 -57.51 22.55 -20.20
C THR B 155 -58.48 22.47 -19.07
N GLN B 156 -58.67 23.62 -18.44
CA GLN B 156 -59.54 23.74 -17.30
C GLN B 156 -60.99 23.99 -17.71
N GLY B 157 -61.16 24.55 -18.91
CA GLY B 157 -62.48 24.83 -19.43
C GLY B 157 -62.99 26.22 -19.13
N VAL B 158 -63.74 26.79 -20.09
CA VAL B 158 -64.32 28.12 -19.98
C VAL B 158 -64.74 28.48 -18.59
N GLU B 159 -65.53 27.62 -17.95
CA GLU B 159 -65.99 27.89 -16.61
C GLU B 159 -64.85 28.44 -15.76
N ALA B 160 -63.68 27.79 -15.81
CA ALA B 160 -62.51 28.20 -15.00
C ALA B 160 -62.28 29.70 -14.86
N LEU B 161 -62.67 30.50 -15.85
CA LEU B 161 -62.50 31.95 -15.76
C LEU B 161 -63.55 32.56 -14.82
N GLU B 162 -64.36 31.66 -14.26
CA GLU B 162 -65.42 31.96 -13.30
C GLU B 162 -64.80 32.67 -12.11
N GLY B 163 -65.10 33.96 -11.93
CA GLY B 163 -64.55 34.63 -10.78
C GLY B 163 -63.05 34.83 -10.80
N ALA B 164 -62.56 35.22 -11.96
CA ALA B 164 -61.16 35.52 -12.19
C ALA B 164 -61.20 36.88 -12.88
N ILE B 165 -60.06 37.55 -12.92
CA ILE B 165 -59.94 38.83 -13.60
C ILE B 165 -58.90 38.61 -14.72
N ILE B 166 -59.09 39.29 -15.85
CA ILE B 166 -58.19 39.16 -16.99
C ILE B 166 -57.71 40.58 -17.16
N ALA B 167 -56.44 40.75 -17.48
CA ALA B 167 -55.93 42.09 -17.64
C ALA B 167 -55.19 42.11 -18.97
N TYR B 168 -55.61 42.99 -19.88
CA TYR B 168 -54.99 43.06 -21.17
C TYR B 168 -53.85 44.06 -21.20
N GLU B 169 -52.64 43.57 -21.44
CA GLU B 169 -51.48 44.44 -21.50
C GLU B 169 -50.99 44.78 -22.90
N PRO B 170 -51.17 46.03 -23.30
CA PRO B 170 -50.71 46.41 -24.63
C PRO B 170 -49.20 46.65 -24.54
N ILE B 171 -48.43 45.56 -24.52
CA ILE B 171 -46.97 45.64 -24.42
C ILE B 171 -46.34 46.44 -25.56
N TRP B 172 -46.95 46.35 -26.75
CA TRP B 172 -46.47 47.08 -27.93
C TRP B 172 -46.33 48.58 -27.68
N ALA B 173 -47.30 49.17 -26.97
CA ALA B 173 -47.23 50.61 -26.62
C ALA B 173 -46.19 50.59 -25.49
N ILE B 174 -46.01 51.70 -24.75
CA ILE B 174 -45.05 51.76 -23.62
C ILE B 174 -43.73 52.51 -23.94
N GLY B 175 -43.81 53.84 -23.82
CA GLY B 175 -42.66 54.70 -24.07
C GLY B 175 -42.13 54.72 -25.50
N THR B 176 -42.47 53.67 -26.26
CA THR B 176 -42.05 53.48 -27.66
C THR B 176 -42.80 54.38 -28.65
N GLY B 177 -43.15 55.58 -28.16
CA GLY B 177 -43.84 56.57 -28.95
C GLY B 177 -45.24 56.11 -29.27
N LYS B 178 -45.47 54.80 -29.16
CA LYS B 178 -46.78 54.24 -29.44
C LYS B 178 -47.75 54.31 -28.31
N ALA B 179 -49.01 54.50 -28.71
CA ALA B 179 -50.13 54.66 -27.79
C ALA B 179 -51.37 53.90 -28.17
N ALA B 180 -52.07 53.45 -27.13
CA ALA B 180 -53.34 52.74 -27.25
C ALA B 180 -54.35 53.83 -26.90
N THR B 181 -55.53 53.79 -27.52
CA THR B 181 -56.55 54.78 -27.25
C THR B 181 -57.67 54.01 -26.60
N ALA B 182 -58.67 54.71 -26.06
CA ALA B 182 -59.79 54.02 -25.44
C ALA B 182 -60.53 53.18 -26.48
N GLU B 183 -60.39 53.56 -27.75
CA GLU B 183 -61.04 52.88 -28.88
C GLU B 183 -60.34 51.56 -29.19
N ASP B 184 -59.01 51.61 -29.21
CA ASP B 184 -58.16 50.44 -29.41
C ASP B 184 -58.50 49.44 -28.31
N ALA B 185 -58.37 49.91 -27.06
CA ALA B 185 -58.63 49.12 -25.89
C ALA B 185 -59.98 48.40 -25.99
N GLN B 186 -61.04 49.16 -26.29
CA GLN B 186 -62.39 48.59 -26.39
C GLN B 186 -62.49 47.59 -27.53
N ARG B 187 -61.81 47.91 -28.64
CA ARG B 187 -61.80 47.05 -29.83
C ARG B 187 -61.32 45.71 -29.35
N ILE B 188 -60.08 45.70 -28.87
CA ILE B 188 -59.44 44.50 -28.35
C ILE B 188 -60.23 43.76 -27.24
N HIS B 189 -60.74 44.48 -26.24
CA HIS B 189 -61.49 43.84 -25.14
C HIS B 189 -62.76 43.21 -25.61
N ALA B 190 -63.29 43.69 -26.72
CA ALA B 190 -64.52 43.13 -27.26
C ALA B 190 -64.22 41.80 -27.92
N GLN B 191 -63.07 41.75 -28.62
CA GLN B 191 -62.64 40.52 -29.28
C GLN B 191 -62.36 39.41 -28.27
N ILE B 192 -61.66 39.73 -27.18
CA ILE B 192 -61.34 38.75 -26.14
C ILE B 192 -62.61 38.21 -25.55
N ARG B 193 -63.50 39.11 -25.10
CA ARG B 193 -64.75 38.68 -24.49
C ARG B 193 -65.49 37.77 -25.46
N ALA B 194 -65.52 38.19 -26.72
CA ALA B 194 -66.18 37.44 -27.78
C ALA B 194 -65.60 36.03 -27.91
N HIS B 195 -64.29 35.93 -27.76
CA HIS B 195 -63.60 34.65 -27.84
C HIS B 195 -64.07 33.72 -26.73
N ILE B 196 -64.44 34.34 -25.62
CA ILE B 196 -64.91 33.61 -24.48
C ILE B 196 -66.39 33.31 -24.73
N ALA B 197 -67.09 34.28 -25.31
CA ALA B 197 -68.53 34.13 -25.60
C ALA B 197 -68.82 33.00 -26.56
N GLU B 198 -67.77 32.53 -27.22
CA GLU B 198 -67.85 31.45 -28.19
C GLU B 198 -68.02 30.11 -27.51
N LYS B 199 -67.43 29.97 -26.33
CA LYS B 199 -67.54 28.71 -25.58
C LYS B 199 -68.71 28.84 -24.58
N SER B 200 -68.85 30.04 -24.02
CA SER B 200 -69.89 30.36 -23.05
C SER B 200 -70.14 31.88 -23.03
N GLU B 201 -71.41 32.25 -23.14
CA GLU B 201 -71.81 33.67 -23.15
C GLU B 201 -72.06 34.16 -21.72
N ALA B 202 -72.46 33.23 -20.86
CA ALA B 202 -72.72 33.57 -19.47
C ALA B 202 -71.40 33.99 -18.86
N VAL B 203 -70.40 33.15 -19.02
CA VAL B 203 -69.06 33.43 -18.52
C VAL B 203 -68.61 34.76 -19.12
N ALA B 204 -68.59 34.83 -20.44
CA ALA B 204 -68.14 36.04 -21.11
C ALA B 204 -68.78 37.33 -20.60
N LYS B 205 -70.09 37.35 -20.43
CA LYS B 205 -70.70 38.59 -20.01
C LYS B 205 -70.35 39.00 -18.60
N ASN B 206 -69.95 38.01 -17.80
CA ASN B 206 -69.58 38.21 -16.38
C ASN B 206 -68.10 38.49 -16.06
N VAL B 207 -67.18 37.99 -16.89
CA VAL B 207 -65.78 38.14 -16.61
C VAL B 207 -65.27 39.55 -16.66
N VAL B 208 -64.65 39.99 -15.55
CA VAL B 208 -64.08 41.32 -15.46
C VAL B 208 -62.84 41.29 -16.30
N ILE B 209 -62.71 42.26 -17.18
CA ILE B 209 -61.60 42.35 -18.07
C ILE B 209 -61.05 43.74 -17.90
N GLN B 210 -59.97 43.85 -17.14
CA GLN B 210 -59.33 45.12 -16.88
C GLN B 210 -58.40 45.50 -18.04
N TYR B 211 -58.13 46.79 -18.18
CA TYR B 211 -57.23 47.29 -19.20
C TYR B 211 -55.89 47.59 -18.52
N GLY B 212 -54.81 47.02 -19.07
CA GLY B 212 -53.51 47.22 -18.49
C GLY B 212 -52.60 48.25 -19.14
N GLY B 213 -53.14 49.13 -19.97
CA GLY B 213 -52.28 50.11 -20.60
C GLY B 213 -52.01 51.26 -19.70
N SER B 214 -51.40 52.31 -20.25
CA SER B 214 -51.10 53.50 -19.47
C SER B 214 -52.35 54.36 -19.29
N VAL B 215 -52.88 54.36 -18.09
CA VAL B 215 -54.08 55.10 -17.75
C VAL B 215 -53.69 56.09 -16.68
N LYS B 216 -54.13 57.34 -16.85
CA LYS B 216 -53.84 58.40 -15.90
C LYS B 216 -55.18 59.03 -15.49
N PRO B 217 -55.18 59.87 -14.42
CA PRO B 217 -56.40 60.53 -13.94
C PRO B 217 -57.30 61.08 -15.04
N GLU B 218 -56.67 61.69 -16.04
CA GLU B 218 -57.38 62.26 -17.19
C GLU B 218 -57.38 61.37 -18.44
N ASN B 219 -57.56 60.07 -18.23
CA ASN B 219 -57.63 59.06 -19.31
C ASN B 219 -58.80 58.26 -18.81
N ALA B 220 -58.60 57.82 -17.57
CA ALA B 220 -59.49 56.97 -16.81
C ALA B 220 -60.95 56.89 -17.25
N ALA B 221 -61.64 58.03 -17.30
CA ALA B 221 -63.06 57.98 -17.67
C ALA B 221 -63.32 57.76 -19.16
N ALA B 222 -62.33 58.09 -19.99
CA ALA B 222 -62.47 57.85 -21.41
C ALA B 222 -62.45 56.32 -21.55
N TYR B 223 -61.61 55.69 -20.72
CA TYR B 223 -61.50 54.26 -20.74
C TYR B 223 -62.66 53.59 -20.09
N PHE B 224 -62.95 53.97 -18.87
CA PHE B 224 -64.03 53.33 -18.15
C PHE B 224 -65.41 53.51 -18.74
N ALA B 225 -65.45 54.19 -19.88
CA ALA B 225 -66.67 54.46 -20.63
C ALA B 225 -66.99 53.28 -21.56
N GLN B 226 -65.94 52.66 -22.11
CA GLN B 226 -66.12 51.54 -23.00
C GLN B 226 -66.88 50.44 -22.28
N PRO B 227 -67.80 49.81 -22.96
CA PRO B 227 -68.58 48.75 -22.35
C PRO B 227 -67.86 47.44 -21.99
N ASP B 228 -66.71 47.18 -22.62
CA ASP B 228 -65.94 45.94 -22.34
C ASP B 228 -64.68 46.07 -21.51
N ILE B 229 -64.38 47.30 -21.07
CA ILE B 229 -63.25 47.63 -20.22
C ILE B 229 -63.90 47.72 -18.81
N ASP B 230 -63.55 46.84 -17.87
CA ASP B 230 -64.17 46.86 -16.54
C ASP B 230 -63.35 47.35 -15.38
N GLY B 231 -62.26 48.05 -15.66
CA GLY B 231 -61.40 48.51 -14.60
C GLY B 231 -60.01 48.67 -15.16
N ALA B 232 -59.01 48.79 -14.30
CA ALA B 232 -57.65 48.96 -14.78
C ALA B 232 -56.60 48.33 -13.86
N LEU B 233 -55.53 47.81 -14.46
CA LEU B 233 -54.47 47.29 -13.66
C LEU B 233 -53.48 48.43 -13.81
N VAL B 234 -53.38 49.25 -12.79
CA VAL B 234 -52.56 50.43 -12.84
C VAL B 234 -51.14 50.23 -12.37
N GLY B 235 -50.21 50.78 -13.16
CA GLY B 235 -48.80 50.76 -12.90
C GLY B 235 -48.34 52.03 -12.19
N GLY B 236 -47.67 52.97 -12.88
CA GLY B 236 -47.20 54.19 -12.23
C GLY B 236 -48.18 55.01 -11.37
N ALA B 237 -49.40 55.21 -11.84
CA ALA B 237 -50.37 56.00 -11.06
C ALA B 237 -50.69 55.41 -9.68
N ALA B 238 -50.47 54.10 -9.53
CA ALA B 238 -50.73 53.36 -8.29
C ALA B 238 -49.83 53.78 -7.14
N LEU B 239 -48.77 54.48 -7.47
CA LEU B 239 -47.79 54.92 -6.49
C LEU B 239 -48.11 56.25 -5.88
N ASP B 240 -49.14 56.89 -6.42
CA ASP B 240 -49.58 58.19 -5.92
C ASP B 240 -51.03 58.06 -5.46
N ALA B 241 -51.25 58.32 -4.17
CA ALA B 241 -52.58 58.26 -3.59
C ALA B 241 -53.63 59.10 -4.35
N LYS B 242 -53.28 60.32 -4.74
CA LYS B 242 -54.22 61.20 -5.44
C LYS B 242 -54.62 60.62 -6.75
N SER B 243 -53.62 60.44 -7.61
CA SER B 243 -53.82 59.89 -8.95
C SER B 243 -54.54 58.58 -8.94
N PHE B 244 -54.13 57.68 -8.05
CA PHE B 244 -54.74 56.38 -8.02
C PHE B 244 -56.18 56.39 -7.53
N ALA B 245 -56.48 57.23 -6.54
CA ALA B 245 -57.84 57.33 -6.00
C ALA B 245 -58.71 57.88 -7.13
N ALA B 246 -58.16 58.85 -7.85
CA ALA B 246 -58.82 59.49 -9.01
C ALA B 246 -59.30 58.40 -9.97
N ILE B 247 -58.36 57.62 -10.47
CA ILE B 247 -58.66 56.53 -11.40
C ILE B 247 -59.71 55.59 -10.82
N ALA B 248 -59.68 55.38 -9.51
CA ALA B 248 -60.66 54.49 -8.90
C ALA B 248 -62.01 55.15 -8.98
N LYS B 249 -62.08 56.44 -8.62
CA LYS B 249 -63.35 57.19 -8.63
C LYS B 249 -63.97 57.21 -10.02
N ALA B 250 -63.17 57.61 -11.00
CA ALA B 250 -63.62 57.67 -12.38
C ALA B 250 -64.31 56.40 -12.78
N ALA B 251 -63.71 55.25 -12.47
CA ALA B 251 -64.34 53.99 -12.86
C ALA B 251 -65.64 53.74 -12.12
N ALA B 252 -65.73 54.19 -10.87
CA ALA B 252 -66.91 53.96 -10.04
C ALA B 252 -68.15 54.59 -10.63
N GLU B 253 -68.03 55.88 -10.89
CA GLU B 253 -69.12 56.67 -11.47
C GLU B 253 -69.37 56.27 -12.90
N ALA B 254 -68.32 56.38 -13.71
CA ALA B 254 -68.38 56.05 -15.14
C ALA B 254 -69.14 54.76 -15.40
N LYS B 255 -69.06 53.83 -14.46
CA LYS B 255 -69.73 52.55 -14.63
C LYS B 255 -71.16 52.56 -14.10
N ARG C 2 15.81 6.56 18.64
CA ARG C 2 15.73 7.68 17.63
C ARG C 2 14.75 7.31 16.53
N HIS C 3 13.83 8.23 16.26
CA HIS C 3 12.78 8.06 15.28
C HIS C 3 13.43 8.29 13.93
N PRO C 4 13.27 7.36 12.99
CA PRO C 4 13.92 7.57 11.69
C PRO C 4 13.37 8.65 10.79
N VAL C 5 14.30 9.23 10.03
CA VAL C 5 14.00 10.27 9.06
C VAL C 5 14.57 9.85 7.71
N VAL C 6 13.70 9.80 6.72
CA VAL C 6 14.03 9.48 5.35
C VAL C 6 13.71 10.75 4.52
N MET C 7 14.74 11.35 3.93
CA MET C 7 14.59 12.56 3.15
C MET C 7 14.94 12.33 1.70
N GLY C 8 14.09 12.77 0.80
CA GLY C 8 14.41 12.66 -0.60
C GLY C 8 14.99 13.97 -1.12
N ASN C 9 16.25 14.01 -1.56
CA ASN C 9 16.83 15.22 -2.15
C ASN C 9 16.57 15.07 -3.65
N TRP C 10 15.67 15.85 -4.21
CA TRP C 10 15.37 15.79 -5.64
C TRP C 10 16.38 16.42 -6.56
N LYS C 11 17.38 17.10 -6.02
CA LYS C 11 18.34 17.77 -6.87
C LYS C 11 17.72 18.63 -7.99
N LEU C 12 18.41 18.75 -9.12
CA LEU C 12 17.91 19.54 -10.24
C LEU C 12 16.89 18.75 -11.02
N ASN C 13 15.80 18.43 -10.33
CA ASN C 13 14.69 17.67 -10.91
C ASN C 13 13.36 18.24 -10.46
N GLY C 14 12.44 18.35 -11.40
CA GLY C 14 11.15 18.90 -11.06
C GLY C 14 10.47 19.47 -12.28
N SER C 15 9.16 19.59 -12.21
CA SER C 15 8.39 20.13 -13.29
C SER C 15 7.01 20.30 -12.70
N LYS C 16 6.20 21.17 -13.27
CA LYS C 16 4.88 21.35 -12.70
C LYS C 16 4.09 20.08 -12.61
N GLU C 17 4.07 19.30 -13.69
CA GLU C 17 3.28 18.10 -13.70
C GLU C 17 3.87 17.05 -12.81
N MET C 18 5.18 16.95 -12.80
CA MET C 18 5.87 15.96 -11.99
C MET C 18 5.73 16.19 -10.48
N VAL C 19 5.85 17.43 -10.03
CA VAL C 19 5.73 17.69 -8.62
C VAL C 19 4.39 17.20 -8.07
N VAL C 20 3.29 17.44 -8.78
CA VAL C 20 2.07 16.96 -8.20
C VAL C 20 1.85 15.50 -8.34
N ASP C 21 2.27 14.91 -9.45
CA ASP C 21 2.08 13.46 -9.55
C ASP C 21 2.89 12.74 -8.48
N LEU C 22 4.15 13.12 -8.32
CA LEU C 22 5.01 12.51 -7.32
C LEU C 22 4.51 12.64 -5.88
N LEU C 23 4.12 13.84 -5.47
CA LEU C 23 3.67 14.04 -4.12
C LEU C 23 2.38 13.35 -3.87
N ASN C 24 1.52 13.26 -4.89
CA ASN C 24 0.21 12.61 -4.72
C ASN C 24 0.31 11.10 -4.63
N GLY C 25 1.18 10.49 -5.44
CA GLY C 25 1.36 9.05 -5.39
C GLY C 25 2.10 8.63 -4.14
N LEU C 26 3.02 9.47 -3.73
CA LEU C 26 3.83 9.24 -2.56
C LEU C 26 2.97 9.20 -1.33
N ASN C 27 2.10 10.17 -1.20
CA ASN C 27 1.17 10.29 -0.07
C ASN C 27 0.15 9.12 -0.06
N ALA C 28 -0.08 8.52 -1.21
CA ALA C 28 -1.03 7.45 -1.31
C ALA C 28 -0.36 6.21 -0.79
N GLU C 29 0.91 6.08 -1.13
CA GLU C 29 1.73 4.95 -0.72
C GLU C 29 2.03 4.92 0.76
N LEU C 30 2.03 6.07 1.43
CA LEU C 30 2.41 6.09 2.82
C LEU C 30 1.26 6.06 3.76
N GLU C 31 0.11 5.70 3.21
CA GLU C 31 -1.14 5.60 3.95
C GLU C 31 -1.14 5.05 5.36
N GLY C 32 -0.64 3.87 5.64
CA GLY C 32 -0.73 3.57 7.08
C GLY C 32 0.52 3.83 7.87
N VAL C 33 1.59 4.17 7.15
CA VAL C 33 2.95 4.39 7.65
C VAL C 33 3.06 5.54 8.64
N THR C 34 3.57 5.30 9.84
CA THR C 34 3.67 6.38 10.85
C THR C 34 4.92 6.37 11.69
N GLY C 35 5.77 5.38 11.48
CA GLY C 35 6.97 5.33 12.27
C GLY C 35 8.19 5.84 11.58
N VAL C 36 8.05 6.78 10.66
CA VAL C 36 9.20 7.36 9.96
C VAL C 36 8.76 8.76 9.58
N ASP C 37 9.66 9.75 9.63
CA ASP C 37 9.39 11.12 9.18
C ASP C 37 9.86 11.12 7.73
N VAL C 38 9.00 11.50 6.77
CA VAL C 38 9.37 11.53 5.36
C VAL C 38 9.45 12.96 4.94
N ALA C 39 10.63 13.43 4.54
CA ALA C 39 10.76 14.83 4.10
C ALA C 39 11.06 14.82 2.62
N VAL C 40 10.78 15.90 1.93
CA VAL C 40 11.01 15.99 0.50
C VAL C 40 11.64 17.37 0.28
N ALA C 41 12.64 17.47 -0.59
CA ALA C 41 13.33 18.76 -0.86
C ALA C 41 13.30 19.06 -2.35
N PRO C 42 12.33 19.84 -2.78
CA PRO C 42 12.33 20.09 -4.22
C PRO C 42 13.11 21.35 -4.59
N PRO C 43 13.28 21.63 -5.90
CA PRO C 43 14.01 22.85 -6.21
C PRO C 43 13.19 24.05 -5.71
N ALA C 44 13.86 25.13 -5.29
CA ALA C 44 13.24 26.37 -4.79
C ALA C 44 12.06 26.79 -5.63
N LEU C 45 12.20 26.69 -6.94
CA LEU C 45 11.17 27.02 -7.92
C LEU C 45 9.87 26.30 -7.65
N PHE C 46 9.93 25.12 -7.05
CA PHE C 46 8.73 24.35 -6.79
C PHE C 46 8.33 24.19 -5.36
N VAL C 47 8.92 24.93 -4.44
CA VAL C 47 8.52 24.82 -3.05
C VAL C 47 7.07 25.27 -2.86
N ASP C 48 6.62 26.31 -3.57
CA ASP C 48 5.23 26.77 -3.46
C ASP C 48 4.26 25.66 -3.94
N LEU C 49 4.47 25.13 -5.15
CA LEU C 49 3.63 24.07 -5.68
C LEU C 49 3.66 22.87 -4.76
N ALA C 50 4.84 22.53 -4.24
CA ALA C 50 4.94 21.43 -3.29
C ALA C 50 3.97 21.68 -2.13
N GLU C 51 4.03 22.86 -1.51
CA GLU C 51 3.15 23.22 -0.38
C GLU C 51 1.70 23.10 -0.74
N ARG C 52 1.35 23.69 -1.88
CA ARG C 52 -0.04 23.66 -2.31
C ARG C 52 -0.57 22.23 -2.39
N THR C 53 0.21 21.33 -3.00
CA THR C 53 -0.20 19.94 -3.17
C THR C 53 -0.34 19.24 -1.81
N LEU C 54 0.67 19.34 -0.96
CA LEU C 54 0.64 18.71 0.34
C LEU C 54 -0.48 19.21 1.22
N THR C 55 -0.76 20.49 1.11
CA THR C 55 -1.81 21.06 1.89
C THR C 55 -3.16 20.56 1.43
N GLU C 56 -3.42 20.57 0.14
CA GLU C 56 -4.70 20.11 -0.36
C GLU C 56 -4.97 18.68 0.07
N ALA C 57 -3.91 17.88 0.10
CA ALA C 57 -3.98 16.48 0.46
C ALA C 57 -4.01 16.21 1.95
N GLY C 58 -3.67 17.19 2.76
CA GLY C 58 -3.65 16.97 4.19
C GLY C 58 -2.53 16.01 4.49
N SER C 59 -1.50 16.04 3.65
CA SER C 59 -0.36 15.15 3.77
C SER C 59 0.41 15.43 5.02
N ALA C 60 1.21 14.46 5.45
CA ALA C 60 2.04 14.63 6.63
C ALA C 60 3.50 14.68 6.23
N ILE C 61 3.77 14.56 4.92
CA ILE C 61 5.12 14.61 4.41
C ILE C 61 5.69 15.97 4.77
N ILE C 62 6.97 16.01 5.20
CA ILE C 62 7.69 17.24 5.60
C ILE C 62 8.33 17.90 4.38
N LEU C 63 8.26 19.24 4.32
CA LEU C 63 8.83 20.00 3.21
C LEU C 63 10.14 20.60 3.63
N GLY C 64 11.11 20.54 2.72
CA GLY C 64 12.44 21.06 2.98
C GLY C 64 12.91 21.71 1.71
N ALA C 65 14.16 22.14 1.68
CA ALA C 65 14.74 22.81 0.51
C ALA C 65 16.17 22.32 0.41
N GLN C 66 16.84 22.66 -0.69
CA GLN C 66 18.18 22.14 -0.95
C GLN C 66 19.34 22.99 -0.59
N ASN C 67 19.08 24.16 -0.03
CA ASN C 67 20.17 25.06 0.33
C ASN C 67 19.62 26.32 0.97
N THR C 68 20.49 27.11 1.59
CA THR C 68 20.09 28.38 2.16
C THR C 68 21.27 29.30 2.14
N ASP C 69 21.00 30.59 2.26
CA ASP C 69 22.06 31.57 2.34
C ASP C 69 21.99 32.17 3.73
N LEU C 70 22.83 33.18 3.97
CA LEU C 70 22.99 33.78 5.28
C LEU C 70 22.20 35.04 5.63
N ASN C 71 21.23 35.41 4.78
CA ASN C 71 20.38 36.59 5.03
C ASN C 71 18.89 36.34 4.80
N ASN C 72 18.06 37.03 5.57
CA ASN C 72 16.61 36.91 5.46
C ASN C 72 15.99 37.87 4.47
N SER C 73 16.55 39.08 4.39
CA SER C 73 16.09 40.10 3.46
C SER C 73 17.24 41.05 3.26
N GLY C 74 17.22 41.78 2.14
CA GLY C 74 18.28 42.74 1.92
C GLY C 74 18.84 42.75 0.53
N ALA C 75 19.96 43.43 0.38
CA ALA C 75 20.56 43.54 -0.93
C ALA C 75 21.41 42.34 -1.30
N PHE C 76 20.79 41.19 -1.51
CA PHE C 76 21.59 40.05 -1.89
C PHE C 76 20.90 39.35 -3.04
N THR C 77 21.08 39.90 -4.23
CA THR C 77 20.51 39.38 -5.46
C THR C 77 20.76 37.90 -5.60
N GLY C 78 19.69 37.19 -5.87
CA GLY C 78 19.78 35.75 -6.06
C GLY C 78 19.97 34.84 -4.88
N ASP C 79 19.99 35.34 -3.65
CA ASP C 79 20.17 34.52 -2.44
C ASP C 79 18.90 33.82 -1.94
N MET C 80 19.09 32.84 -1.06
CA MET C 80 18.00 32.03 -0.47
C MET C 80 17.77 32.41 0.97
N SER C 81 16.53 32.72 1.28
CA SER C 81 16.19 33.17 2.59
C SER C 81 15.42 32.26 3.49
N PRO C 82 15.97 32.03 4.68
CA PRO C 82 15.35 31.17 5.68
C PRO C 82 13.96 31.69 5.96
N ALA C 83 13.81 32.99 6.12
CA ALA C 83 12.48 33.56 6.40
C ALA C 83 11.51 33.35 5.25
N MET C 84 11.97 33.51 4.02
CA MET C 84 11.04 33.26 2.91
C MET C 84 10.69 31.78 2.90
N LEU C 85 11.66 30.91 3.20
CA LEU C 85 11.40 29.48 3.24
C LEU C 85 10.34 29.15 4.31
N LYS C 86 10.42 29.79 5.48
CA LYS C 86 9.43 29.57 6.55
C LYS C 86 8.00 29.87 6.12
N GLU C 87 7.82 30.74 5.15
CA GLU C 87 6.49 31.08 4.70
C GLU C 87 5.79 29.95 4.01
N PHE C 88 6.55 29.07 3.38
CA PHE C 88 5.95 27.94 2.66
C PHE C 88 5.89 26.72 3.55
N GLY C 89 6.37 26.85 4.78
CA GLY C 89 6.40 25.76 5.70
C GLY C 89 7.62 24.83 5.54
N ALA C 90 8.66 25.22 4.82
CA ALA C 90 9.86 24.38 4.64
C ALA C 90 10.66 24.37 5.92
N THR C 91 10.96 23.21 6.51
CA THR C 91 11.72 23.19 7.76
C THR C 91 13.07 22.56 7.68
N HIS C 92 13.19 21.44 6.97
CA HIS C 92 14.45 20.70 6.84
C HIS C 92 15.29 21.23 5.71
N ILE C 93 16.39 21.88 6.05
CA ILE C 93 17.22 22.48 5.02
C ILE C 93 18.60 21.85 4.86
N ILE C 94 18.83 21.25 3.68
CA ILE C 94 20.09 20.61 3.35
C ILE C 94 21.18 21.68 3.18
N ILE C 95 22.29 21.54 3.90
CA ILE C 95 23.44 22.46 3.78
C ILE C 95 24.69 21.58 3.76
N GLY C 96 25.72 22.00 3.02
CA GLY C 96 26.95 21.24 2.96
C GLY C 96 26.98 20.08 1.98
N HIS C 97 25.94 19.90 1.20
CA HIS C 97 25.90 18.81 0.28
C HIS C 97 27.16 18.80 -0.49
N SER C 98 27.61 17.60 -0.81
CA SER C 98 28.84 17.45 -1.52
C SER C 98 28.85 18.13 -2.86
N GLU C 99 27.72 18.16 -3.54
CA GLU C 99 27.72 18.83 -4.83
C GLU C 99 27.94 20.36 -4.71
N ARG C 100 27.57 20.93 -3.56
CA ARG C 100 27.76 22.36 -3.34
C ARG C 100 29.17 22.65 -2.88
N ARG C 101 29.67 21.76 -2.02
CA ARG C 101 31.02 21.82 -1.48
C ARG C 101 32.05 21.71 -2.63
N GLU C 102 31.70 20.98 -3.67
CA GLU C 102 32.58 20.81 -4.82
C GLU C 102 32.40 21.80 -5.94
N TYR C 103 31.18 21.92 -6.44
CA TYR C 103 30.86 22.82 -7.52
C TYR C 103 30.83 24.33 -7.16
N HIS C 104 30.49 24.64 -5.92
CA HIS C 104 30.39 26.03 -5.44
C HIS C 104 31.45 26.33 -4.42
N ALA C 105 32.34 25.38 -4.21
CA ALA C 105 33.40 25.56 -3.25
C ALA C 105 32.95 26.12 -1.92
N GLU C 106 31.90 25.54 -1.33
CA GLU C 106 31.44 26.00 0.00
C GLU C 106 32.37 25.35 1.08
N SER C 107 32.97 26.19 1.92
CA SER C 107 33.88 25.71 2.94
C SER C 107 33.15 25.22 4.18
N ASP C 108 33.89 24.70 5.16
CA ASP C 108 33.25 24.24 6.38
C ASP C 108 32.80 25.45 7.16
N GLU C 109 33.57 26.55 7.02
CA GLU C 109 33.27 27.80 7.70
C GLU C 109 31.96 28.38 7.22
N PHE C 110 31.77 28.36 5.90
CA PHE C 110 30.54 28.83 5.25
C PHE C 110 29.36 27.94 5.69
N VAL C 111 29.50 26.63 5.46
CA VAL C 111 28.49 25.66 5.85
C VAL C 111 28.14 25.84 7.34
N ALA C 112 29.13 25.92 8.22
CA ALA C 112 28.88 26.11 9.64
C ALA C 112 28.08 27.39 9.93
N LYS C 113 28.32 28.45 9.13
CA LYS C 113 27.59 29.69 9.31
C LYS C 113 26.14 29.48 8.96
N LYS C 114 25.87 28.73 7.90
CA LYS C 114 24.48 28.42 7.55
C LYS C 114 23.77 27.60 8.65
N PHE C 115 24.49 26.72 9.33
CA PHE C 115 23.89 25.89 10.39
C PHE C 115 23.40 26.78 11.51
N ALA C 116 24.23 27.71 11.93
CA ALA C 116 23.86 28.62 13.01
C ALA C 116 22.67 29.50 12.66
N PHE C 117 22.61 29.89 11.39
CA PHE C 117 21.56 30.75 10.91
C PHE C 117 20.22 30.00 10.85
N LEU C 118 20.30 28.72 10.48
CA LEU C 118 19.12 27.90 10.42
C LEU C 118 18.60 27.76 11.83
N LYS C 119 19.48 27.43 12.76
CA LYS C 119 19.06 27.28 14.14
C LYS C 119 18.48 28.61 14.61
N GLU C 120 19.11 29.73 14.23
CA GLU C 120 18.60 31.06 14.61
C GLU C 120 17.18 31.31 14.11
N ASN C 121 16.83 30.77 12.94
CA ASN C 121 15.51 30.98 12.39
C ASN C 121 14.50 29.92 12.69
N GLY C 122 14.84 28.93 13.51
CA GLY C 122 13.87 27.91 13.85
C GLY C 122 13.76 26.75 12.87
N LEU C 123 14.72 26.61 11.94
CA LEU C 123 14.65 25.52 10.97
C LEU C 123 15.56 24.37 11.36
N THR C 124 15.38 23.23 10.68
CA THR C 124 16.17 22.01 10.95
C THR C 124 17.23 21.79 9.92
N PRO C 125 18.50 21.97 10.30
CA PRO C 125 19.53 21.75 9.29
C PRO C 125 19.90 20.26 9.09
N VAL C 126 20.04 19.85 7.85
CA VAL C 126 20.42 18.48 7.53
C VAL C 126 21.85 18.69 7.11
N LEU C 127 22.75 18.58 8.07
CA LEU C 127 24.17 18.82 7.88
C LEU C 127 24.88 17.70 7.14
N CYS C 128 25.24 17.89 5.88
CA CYS C 128 25.96 16.85 5.14
C CYS C 128 27.48 16.89 5.41
N ILE C 129 28.10 15.74 5.60
CA ILE C 129 29.54 15.62 5.83
C ILE C 129 29.95 14.38 5.04
N GLY C 130 31.24 14.25 4.76
CA GLY C 130 31.69 13.07 4.05
C GLY C 130 33.05 13.24 3.44
N GLU C 131 33.79 12.13 3.25
CA GLU C 131 35.13 12.20 2.66
C GLU C 131 35.23 11.64 1.24
N SER C 132 36.23 12.14 0.52
CA SER C 132 36.48 11.73 -0.86
C SER C 132 37.23 10.42 -0.97
N ASP C 133 37.39 9.98 -2.20
CA ASP C 133 38.09 8.75 -2.54
C ASP C 133 39.51 8.70 -1.96
N ALA C 134 40.31 9.69 -2.32
CA ALA C 134 41.68 9.76 -1.86
C ALA C 134 41.84 9.88 -0.35
N GLN C 135 40.81 10.35 0.35
CA GLN C 135 40.91 10.50 1.80
C GLN C 135 40.54 9.18 2.42
N ASN C 136 39.58 8.53 1.80
CA ASN C 136 39.15 7.25 2.28
C ASN C 136 40.26 6.21 2.06
N GLU C 137 40.86 6.22 0.87
CA GLU C 137 41.96 5.30 0.53
C GLU C 137 43.05 5.59 1.54
N ALA C 138 43.40 6.87 1.69
CA ALA C 138 44.40 7.29 2.67
C ALA C 138 43.86 7.01 4.06
N GLY C 139 42.63 6.48 4.10
CA GLY C 139 41.95 6.14 5.33
C GLY C 139 41.82 7.25 6.35
N GLU C 140 41.44 8.45 5.93
CA GLU C 140 41.28 9.55 6.87
C GLU C 140 39.84 9.94 7.11
N THR C 141 38.93 8.99 6.92
CA THR C 141 37.52 9.23 7.14
C THR C 141 37.13 10.02 8.39
N MET C 142 37.67 9.67 9.56
CA MET C 142 37.28 10.43 10.76
C MET C 142 37.88 11.79 10.93
N ALA C 143 39.08 11.98 10.41
CA ALA C 143 39.75 13.28 10.50
C ALA C 143 38.91 14.28 9.69
N VAL C 144 38.45 13.86 8.52
CA VAL C 144 37.63 14.68 7.65
C VAL C 144 36.29 14.96 8.30
N CYS C 145 35.58 13.90 8.68
CA CYS C 145 34.28 14.03 9.32
C CYS C 145 34.34 14.86 10.59
N ALA C 146 35.29 14.58 11.45
CA ALA C 146 35.41 15.33 12.69
C ALA C 146 35.76 16.79 12.40
N ARG C 147 36.56 17.00 11.36
CA ARG C 147 36.96 18.35 10.98
C ARG C 147 35.70 19.11 10.66
N GLN C 148 34.90 18.53 9.77
CA GLN C 148 33.67 19.13 9.33
C GLN C 148 32.58 19.32 10.40
N LEU C 149 32.50 18.41 11.38
CA LEU C 149 31.53 18.55 12.45
C LEU C 149 32.03 19.57 13.46
N ASP C 150 33.34 19.62 13.66
CA ASP C 150 33.93 20.56 14.61
C ASP C 150 33.70 22.00 14.20
N ALA C 151 33.63 22.25 12.89
CA ALA C 151 33.34 23.56 12.35
C ALA C 151 32.12 24.14 13.07
N VAL C 152 31.12 23.29 13.34
CA VAL C 152 29.98 23.80 14.04
C VAL C 152 30.13 23.59 15.53
N ILE C 153 30.64 22.42 15.95
CA ILE C 153 30.82 22.15 17.37
C ILE C 153 31.74 23.13 18.10
N ASN C 154 32.87 23.44 17.49
CA ASN C 154 33.84 24.36 18.09
C ASN C 154 33.50 25.84 18.13
N THR C 155 32.47 26.23 17.41
CA THR C 155 32.09 27.61 17.37
C THR C 155 30.71 27.80 17.96
N GLN C 156 29.94 26.72 18.08
CA GLN C 156 28.60 26.83 18.62
C GLN C 156 28.26 25.89 19.77
N GLY C 157 29.09 24.87 20.03
CA GLY C 157 28.83 23.95 21.13
C GLY C 157 28.04 22.74 20.70
N VAL C 158 28.31 21.56 21.26
CA VAL C 158 27.59 20.34 20.85
C VAL C 158 26.11 20.45 20.93
N GLU C 159 25.61 21.26 21.84
CA GLU C 159 24.17 21.39 22.00
C GLU C 159 23.54 21.94 20.75
N ALA C 160 24.34 22.54 19.89
CA ALA C 160 23.86 23.09 18.62
C ALA C 160 23.32 21.97 17.72
N LEU C 161 23.82 20.76 17.93
CA LEU C 161 23.39 19.61 17.15
C LEU C 161 22.08 19.13 17.64
N GLU C 162 21.65 19.59 18.82
CA GLU C 162 20.37 19.12 19.32
C GLU C 162 19.31 19.65 18.36
N GLY C 163 18.54 18.73 17.80
CA GLY C 163 17.49 19.11 16.86
C GLY C 163 17.96 19.12 15.41
N ALA C 164 19.23 18.83 15.17
CA ALA C 164 19.75 18.81 13.83
C ALA C 164 19.78 17.37 13.35
N ILE C 165 20.05 17.22 12.06
CA ILE C 165 20.16 15.91 11.43
C ILE C 165 21.53 16.00 10.72
N ILE C 166 22.29 14.89 10.74
CA ILE C 166 23.62 14.79 10.12
C ILE C 166 23.51 13.70 9.05
N ALA C 167 24.05 13.91 7.86
CA ALA C 167 23.98 12.87 6.82
C ALA C 167 25.38 12.58 6.35
N TYR C 168 25.84 11.35 6.56
CA TYR C 168 27.15 10.96 6.10
C TYR C 168 27.10 10.63 4.62
N GLU C 169 27.91 11.32 3.83
CA GLU C 169 27.99 11.02 2.38
C GLU C 169 29.32 10.32 2.05
N PRO C 170 29.27 9.03 1.73
CA PRO C 170 30.55 8.40 1.40
C PRO C 170 30.77 8.80 -0.05
N ILE C 171 31.47 9.91 -0.24
CA ILE C 171 31.71 10.43 -1.58
C ILE C 171 32.65 9.53 -2.36
N TRP C 172 33.56 8.86 -1.64
CA TRP C 172 34.53 7.90 -2.22
C TRP C 172 33.87 6.71 -2.92
N ALA C 173 32.66 6.39 -2.46
CA ALA C 173 31.92 5.31 -3.02
C ALA C 173 31.15 5.84 -4.21
N ILE C 174 30.93 7.15 -4.21
CA ILE C 174 30.15 7.77 -5.26
C ILE C 174 30.91 8.16 -6.54
N GLY C 175 30.50 7.53 -7.63
CA GLY C 175 31.11 7.76 -8.93
C GLY C 175 32.53 7.22 -9.11
N THR C 176 32.98 6.36 -8.18
CA THR C 176 34.34 5.82 -8.26
C THR C 176 34.45 4.40 -7.78
N GLY C 177 33.89 3.48 -8.57
CA GLY C 177 33.95 2.03 -8.33
C GLY C 177 33.87 1.34 -6.96
N LYS C 178 34.01 2.12 -5.88
CA LYS C 178 33.91 1.57 -4.54
C LYS C 178 32.42 1.49 -4.16
N ALA C 179 32.16 0.76 -3.08
CA ALA C 179 30.81 0.54 -2.57
C ALA C 179 30.85 0.48 -1.04
N ALA C 180 29.80 1.01 -0.41
CA ALA C 180 29.75 0.96 1.04
C ALA C 180 28.79 -0.16 1.33
N THR C 181 28.89 -0.71 2.52
CA THR C 181 28.04 -1.81 2.91
C THR C 181 27.38 -1.38 4.16
N ALA C 182 26.30 -2.04 4.53
CA ALA C 182 25.65 -1.64 5.75
C ALA C 182 26.67 -1.67 6.91
N GLU C 183 27.60 -2.61 6.82
CA GLU C 183 28.63 -2.87 7.84
C GLU C 183 29.70 -1.79 7.91
N ASP C 184 30.14 -1.28 6.76
CA ASP C 184 31.10 -0.19 6.74
C ASP C 184 30.37 1.08 7.19
N ALA C 185 29.13 1.26 6.72
CA ALA C 185 28.30 2.40 7.07
C ALA C 185 28.13 2.45 8.58
N GLN C 186 27.63 1.35 9.15
CA GLN C 186 27.44 1.27 10.60
C GLN C 186 28.72 1.59 11.35
N ARG C 187 29.88 1.22 10.78
CA ARG C 187 31.14 1.49 11.44
C ARG C 187 31.47 2.97 11.44
N ILE C 188 31.16 3.66 10.34
CA ILE C 188 31.41 5.09 10.26
C ILE C 188 30.46 5.92 11.12
N HIS C 189 29.20 5.48 11.23
CA HIS C 189 28.22 6.22 12.05
C HIS C 189 28.48 6.12 13.53
N ALA C 190 29.13 5.06 13.96
CA ALA C 190 29.36 4.92 15.38
C ALA C 190 30.55 5.75 15.76
N GLN C 191 31.46 5.98 14.81
CA GLN C 191 32.63 6.79 15.06
C GLN C 191 32.21 8.24 15.12
N ILE C 192 31.31 8.58 14.22
CA ILE C 192 30.74 9.91 14.18
C ILE C 192 29.99 10.11 15.49
N ARG C 193 29.10 9.21 15.85
CA ARG C 193 28.35 9.37 17.10
C ARG C 193 29.25 9.45 18.31
N ALA C 194 30.34 8.70 18.27
CA ALA C 194 31.27 8.64 19.38
C ALA C 194 32.08 9.94 19.55
N HIS C 195 32.27 10.67 18.46
CA HIS C 195 32.98 11.95 18.47
C HIS C 195 32.11 12.98 19.15
N ILE C 196 30.83 12.94 18.82
CA ILE C 196 29.86 13.85 19.39
C ILE C 196 29.67 13.50 20.86
N ALA C 197 29.76 12.21 21.17
CA ALA C 197 29.57 11.74 22.54
C ALA C 197 30.73 12.10 23.45
N GLU C 198 31.89 12.34 22.85
CA GLU C 198 33.03 12.72 23.64
C GLU C 198 32.73 14.08 24.25
N LYS C 199 31.81 14.85 23.64
CA LYS C 199 31.45 16.17 24.13
C LYS C 199 30.16 16.12 24.88
N SER C 200 29.23 15.28 24.46
CA SER C 200 27.95 15.14 25.14
C SER C 200 27.30 13.82 24.78
N GLU C 201 26.95 13.05 25.80
CA GLU C 201 26.32 11.76 25.56
C GLU C 201 24.88 11.99 25.23
N ALA C 202 24.26 12.92 25.95
CA ALA C 202 22.86 13.21 25.72
C ALA C 202 22.66 13.60 24.28
N VAL C 203 23.44 14.55 23.77
CA VAL C 203 23.30 14.97 22.38
C VAL C 203 23.56 13.75 21.48
N ALA C 204 24.70 13.10 21.60
CA ALA C 204 24.98 11.94 20.76
C ALA C 204 23.91 10.86 20.68
N LYS C 205 23.24 10.57 21.80
CA LYS C 205 22.21 9.53 21.84
C LYS C 205 21.00 9.87 21.01
N ASN C 206 20.71 11.15 20.96
CA ASN C 206 19.54 11.63 20.26
C ASN C 206 19.67 12.13 18.84
N VAL C 207 20.89 12.40 18.37
CA VAL C 207 21.05 12.90 17.03
C VAL C 207 20.81 11.85 15.98
N VAL C 208 20.04 12.24 14.96
CA VAL C 208 19.70 11.39 13.84
C VAL C 208 20.81 11.56 12.85
N ILE C 209 21.48 10.44 12.54
CA ILE C 209 22.54 10.45 11.57
C ILE C 209 22.07 9.65 10.39
N GLN C 210 21.77 10.32 9.31
CA GLN C 210 21.32 9.65 8.14
C GLN C 210 22.48 9.09 7.33
N TYR C 211 22.16 8.08 6.53
CA TYR C 211 23.12 7.48 5.66
C TYR C 211 22.90 8.12 4.29
N GLY C 212 23.96 8.70 3.74
CA GLY C 212 23.87 9.36 2.46
C GLY C 212 24.40 8.67 1.23
N GLY C 213 24.84 7.42 1.34
CA GLY C 213 25.35 6.78 0.16
C GLY C 213 24.21 6.47 -0.80
N SER C 214 24.42 5.55 -1.73
CA SER C 214 23.37 5.19 -2.65
C SER C 214 22.44 4.18 -2.00
N VAL C 215 21.23 4.60 -1.64
CA VAL C 215 20.30 3.70 -1.00
C VAL C 215 19.27 3.39 -2.07
N LYS C 216 18.81 2.13 -2.06
CA LYS C 216 17.85 1.64 -3.03
C LYS C 216 16.91 0.70 -2.32
N PRO C 217 15.71 0.46 -2.89
CA PRO C 217 14.76 -0.43 -2.23
C PRO C 217 15.28 -1.83 -1.96
N GLU C 218 16.27 -2.28 -2.74
CA GLU C 218 16.86 -3.63 -2.56
C GLU C 218 17.86 -3.71 -1.41
N ASN C 219 18.65 -2.67 -1.24
CA ASN C 219 19.64 -2.63 -0.17
C ASN C 219 19.22 -1.85 1.14
N ALA C 220 18.01 -1.29 1.19
CA ALA C 220 17.62 -0.48 2.36
C ALA C 220 17.52 -1.15 3.71
N ALA C 221 16.83 -2.28 3.81
CA ALA C 221 16.68 -2.99 5.10
C ALA C 221 18.03 -3.40 5.70
N ALA C 222 19.00 -3.56 4.82
CA ALA C 222 20.35 -3.92 5.20
C ALA C 222 20.89 -2.77 6.01
N TYR C 223 20.75 -1.55 5.49
CA TYR C 223 21.19 -0.36 6.18
C TYR C 223 20.40 0.04 7.43
N PHE C 224 19.06 0.06 7.32
CA PHE C 224 18.23 0.44 8.45
C PHE C 224 18.28 -0.58 9.57
N ALA C 225 18.94 -1.71 9.31
CA ALA C 225 19.14 -2.76 10.31
C ALA C 225 20.26 -2.37 11.33
N GLN C 226 21.30 -1.66 10.87
CA GLN C 226 22.39 -1.21 11.72
C GLN C 226 21.88 -0.25 12.80
N PRO C 227 22.31 -0.44 14.03
CA PRO C 227 21.83 0.48 15.07
C PRO C 227 22.21 1.96 14.99
N ASP C 228 23.22 2.32 14.21
CA ASP C 228 23.59 3.72 14.17
C ASP C 228 23.19 4.50 12.95
N ILE C 229 22.43 3.86 12.07
CA ILE C 229 21.92 4.46 10.84
C ILE C 229 20.44 4.77 11.15
N ASP C 230 20.12 6.06 11.33
CA ASP C 230 18.76 6.58 11.68
C ASP C 230 17.82 7.02 10.54
N GLY C 231 18.22 6.77 9.30
CA GLY C 231 17.40 7.11 8.18
C GLY C 231 18.36 7.15 7.01
N ALA C 232 17.92 7.86 5.97
CA ALA C 232 18.67 8.02 4.73
C ALA C 232 18.38 9.38 4.09
N LEU C 233 19.34 9.89 3.31
CA LEU C 233 19.14 11.11 2.54
C LEU C 233 19.19 10.52 1.16
N VAL C 234 18.03 10.34 0.55
CA VAL C 234 17.95 9.71 -0.77
C VAL C 234 18.03 10.63 -1.99
N GLY C 235 18.66 10.13 -3.06
CA GLY C 235 18.80 10.92 -4.26
C GLY C 235 17.85 10.43 -5.31
N GLY C 236 18.41 9.67 -6.26
CA GLY C 236 17.70 9.09 -7.40
C GLY C 236 16.45 8.31 -7.07
N ALA C 237 16.46 7.50 -6.03
CA ALA C 237 15.27 6.73 -5.66
C ALA C 237 14.15 7.61 -5.14
N ALA C 238 14.48 8.89 -4.88
CA ALA C 238 13.52 9.89 -4.39
C ALA C 238 12.56 10.31 -5.49
N LEU C 239 13.00 10.21 -6.74
CA LEU C 239 12.22 10.60 -7.90
C LEU C 239 11.07 9.73 -8.31
N ASP C 240 10.90 8.61 -7.62
CA ASP C 240 9.81 7.67 -7.89
C ASP C 240 9.02 7.41 -6.60
N ALA C 241 7.71 7.57 -6.63
CA ALA C 241 6.93 7.33 -5.42
C ALA C 241 6.99 5.90 -4.90
N LYS C 242 7.01 4.92 -5.81
CA LYS C 242 7.06 3.51 -5.39
C LYS C 242 8.38 3.10 -4.77
N SER C 243 9.49 3.60 -5.33
CA SER C 243 10.81 3.35 -4.77
C SER C 243 11.04 4.08 -3.46
N PHE C 244 10.73 5.39 -3.42
CA PHE C 244 10.94 6.17 -2.22
C PHE C 244 10.10 5.70 -1.04
N ALA C 245 8.84 5.28 -1.30
CA ALA C 245 7.93 4.77 -0.24
C ALA C 245 8.38 3.41 0.31
N ALA C 246 9.06 2.63 -0.54
CA ALA C 246 9.61 1.34 -0.16
C ALA C 246 10.74 1.56 0.82
N ILE C 247 11.64 2.48 0.50
CA ILE C 247 12.72 2.82 1.41
C ILE C 247 12.13 3.39 2.70
N ALA C 248 11.13 4.27 2.62
CA ALA C 248 10.53 4.80 3.89
C ALA C 248 9.95 3.67 4.76
N LYS C 249 9.19 2.75 4.17
CA LYS C 249 8.60 1.62 4.90
C LYS C 249 9.64 0.73 5.61
N ALA C 250 10.67 0.29 4.88
CA ALA C 250 11.73 -0.54 5.47
C ALA C 250 12.32 0.13 6.72
N ALA C 251 12.52 1.44 6.68
CA ALA C 251 13.03 2.18 7.81
C ALA C 251 12.04 2.09 8.97
N ALA C 252 10.75 2.24 8.65
CA ALA C 252 9.65 2.19 9.64
C ALA C 252 9.69 0.88 10.38
N GLU C 253 9.69 -0.23 9.64
CA GLU C 253 9.76 -1.53 10.29
C GLU C 253 11.08 -1.82 11.01
N ALA C 254 12.20 -1.55 10.36
CA ALA C 254 13.52 -1.78 10.94
C ALA C 254 13.63 -1.22 12.33
N LYS C 255 13.06 -0.05 12.53
CA LYS C 255 13.14 0.62 13.81
C LYS C 255 11.95 0.53 14.74
N ALA C 256 10.97 -0.29 14.41
CA ALA C 256 9.80 -0.42 15.29
C ALA C 256 10.16 -1.11 16.61
N ARG D 2 15.88 51.85 -30.51
CA ARG D 2 15.99 51.06 -29.21
C ARG D 2 14.84 51.30 -28.20
N HIS D 3 13.94 50.31 -28.11
CA HIS D 3 12.80 50.34 -27.20
C HIS D 3 13.29 50.27 -25.76
N PRO D 4 12.97 51.28 -24.93
CA PRO D 4 13.44 51.23 -23.54
C PRO D 4 12.90 50.00 -22.79
N VAL D 5 13.69 49.50 -21.84
CA VAL D 5 13.35 48.34 -21.01
C VAL D 5 13.65 48.73 -19.60
N VAL D 6 12.67 48.66 -18.69
CA VAL D 6 12.89 48.97 -17.27
C VAL D 6 12.65 47.72 -16.44
N MET D 7 13.69 47.26 -15.74
CA MET D 7 13.59 46.07 -14.90
C MET D 7 13.75 46.33 -13.42
N GLY D 8 12.91 45.63 -12.66
CA GLY D 8 12.94 45.75 -11.23
C GLY D 8 13.63 44.55 -10.61
N ASN D 9 14.74 44.80 -9.93
CA ASN D 9 15.46 43.74 -9.28
C ASN D 9 15.01 43.82 -7.82
N TRP D 10 14.13 42.91 -7.39
CA TRP D 10 13.61 42.93 -6.01
C TRP D 10 14.60 42.43 -4.97
N LYS D 11 15.62 41.72 -5.44
CA LYS D 11 16.66 41.16 -4.58
C LYS D 11 16.15 40.15 -3.57
N LEU D 12 16.49 40.33 -2.30
CA LEU D 12 16.09 39.42 -1.24
C LEU D 12 14.99 40.03 -0.42
N ASN D 13 13.87 40.26 -1.12
CA ASN D 13 12.69 40.90 -0.55
C ASN D 13 11.52 40.27 -1.20
N GLY D 14 10.58 39.86 -0.36
CA GLY D 14 9.39 39.27 -0.90
C GLY D 14 8.73 38.55 0.24
N SER D 15 7.41 38.38 0.10
CA SER D 15 6.59 37.68 1.06
C SER D 15 5.34 37.33 0.27
N LYS D 16 4.48 36.49 0.82
CA LYS D 16 3.29 36.14 0.08
C LYS D 16 2.32 37.27 -0.06
N GLU D 17 2.18 38.12 0.95
CA GLU D 17 1.26 39.27 0.86
C GLU D 17 1.81 40.35 -0.07
N MET D 18 3.05 40.76 0.21
CA MET D 18 3.70 41.75 -0.62
C MET D 18 3.70 41.44 -2.12
N VAL D 19 4.14 40.26 -2.50
CA VAL D 19 4.20 39.92 -3.90
C VAL D 19 2.90 40.18 -4.59
N VAL D 20 1.80 39.79 -3.97
CA VAL D 20 0.51 39.98 -4.59
C VAL D 20 0.13 41.44 -4.62
N ASP D 21 0.28 42.11 -3.48
CA ASP D 21 -0.03 43.53 -3.43
C ASP D 21 0.75 44.27 -4.54
N LEU D 22 2.08 44.25 -4.40
CA LEU D 22 2.95 44.93 -5.32
C LEU D 22 2.67 44.70 -6.77
N LEU D 23 2.50 43.45 -7.18
CA LEU D 23 2.23 43.15 -8.58
C LEU D 23 0.87 43.65 -9.03
N ASN D 24 -0.09 43.75 -8.11
CA ASN D 24 -1.41 44.24 -8.49
C ASN D 24 -1.34 45.76 -8.59
N GLY D 25 -0.74 46.38 -7.58
CA GLY D 25 -0.54 47.81 -7.63
C GLY D 25 0.19 48.11 -8.92
N LEU D 26 1.33 47.48 -9.13
CA LEU D 26 2.08 47.68 -10.34
C LEU D 26 1.23 47.60 -11.58
N ASN D 27 0.37 46.62 -11.67
CA ASN D 27 -0.43 46.47 -12.87
C ASN D 27 -1.41 47.64 -13.04
N ALA D 28 -1.94 48.10 -11.92
CA ALA D 28 -2.86 49.22 -11.93
C ALA D 28 -2.15 50.44 -12.53
N GLU D 29 -1.09 50.88 -11.86
CA GLU D 29 -0.30 52.04 -12.26
C GLU D 29 0.10 51.99 -13.70
N LEU D 30 0.54 50.84 -14.15
CA LEU D 30 0.97 50.76 -15.51
C LEU D 30 -0.14 50.45 -16.49
N GLU D 31 -1.39 50.55 -16.03
CA GLU D 31 -2.51 50.26 -16.91
C GLU D 31 -2.41 51.15 -18.17
N GLY D 32 -2.21 50.49 -19.31
CA GLY D 32 -2.06 51.17 -20.59
C GLY D 32 -0.95 52.22 -20.66
N VAL D 33 0.24 51.87 -20.17
CA VAL D 33 1.37 52.79 -20.15
C VAL D 33 2.40 52.38 -21.20
N THR D 34 1.91 52.13 -22.41
CA THR D 34 2.66 51.74 -23.60
C THR D 34 4.00 52.44 -23.80
N GLY D 35 4.93 51.81 -24.51
CA GLY D 35 6.22 52.44 -24.78
C GLY D 35 7.50 51.87 -24.19
N VAL D 36 7.36 51.18 -23.06
CA VAL D 36 8.46 50.56 -22.37
C VAL D 36 8.15 49.10 -22.19
N ASP D 37 9.17 48.35 -21.82
CA ASP D 37 9.05 46.94 -21.48
C ASP D 37 9.32 46.92 -19.97
N VAL D 38 8.34 46.52 -19.16
CA VAL D 38 8.56 46.48 -17.73
C VAL D 38 8.74 45.03 -17.26
N ALA D 39 9.82 44.78 -16.53
CA ALA D 39 10.08 43.43 -16.05
C ALA D 39 10.35 43.38 -14.56
N VAL D 40 9.93 42.28 -13.94
CA VAL D 40 10.19 42.05 -12.51
C VAL D 40 11.05 40.77 -12.28
N ALA D 41 11.91 40.85 -11.29
CA ALA D 41 12.80 39.77 -10.94
C ALA D 41 12.62 39.45 -9.48
N PRO D 42 11.69 38.56 -9.14
CA PRO D 42 11.51 38.24 -7.74
C PRO D 42 12.40 37.05 -7.27
N PRO D 43 12.55 36.86 -5.95
CA PRO D 43 13.36 35.74 -5.45
C PRO D 43 12.81 34.43 -6.07
N ALA D 44 13.64 33.45 -6.37
CA ALA D 44 13.17 32.19 -6.96
C ALA D 44 11.98 31.62 -6.22
N LEU D 45 11.99 31.66 -4.90
CA LEU D 45 10.83 31.12 -4.21
C LEU D 45 9.49 31.71 -4.67
N PHE D 46 9.47 32.97 -5.18
CA PHE D 46 8.23 33.64 -5.64
C PHE D 46 7.93 33.75 -7.14
N VAL D 47 8.67 33.00 -7.96
CA VAL D 47 8.42 33.01 -9.40
C VAL D 47 7.08 32.36 -9.69
N ASP D 48 6.73 31.31 -8.95
CA ASP D 48 5.44 30.65 -9.16
C ASP D 48 4.32 31.66 -8.93
N LEU D 49 4.29 32.31 -7.74
CA LEU D 49 3.29 33.34 -7.36
C LEU D 49 3.20 34.48 -8.36
N ALA D 50 4.36 35.04 -8.72
CA ALA D 50 4.44 36.12 -9.67
C ALA D 50 3.71 35.69 -10.90
N GLU D 51 4.07 34.54 -11.46
CA GLU D 51 3.39 34.11 -12.68
C GLU D 51 1.89 34.04 -12.54
N ARG D 52 1.40 33.42 -11.48
CA ARG D 52 -0.02 33.27 -11.24
C ARG D 52 -0.77 34.63 -11.08
N THR D 53 -0.15 35.52 -10.34
CA THR D 53 -0.71 36.83 -10.12
C THR D 53 -0.80 37.63 -11.43
N LEU D 54 0.28 37.69 -12.19
CA LEU D 54 0.29 38.41 -13.44
C LEU D 54 -0.67 37.81 -14.43
N THR D 55 -0.66 36.48 -14.54
CA THR D 55 -1.57 35.80 -15.46
C THR D 55 -3.04 36.07 -15.11
N GLU D 56 -3.40 36.04 -13.84
CA GLU D 56 -4.79 36.36 -13.51
C GLU D 56 -4.99 37.76 -14.04
N ALA D 57 -4.20 38.69 -13.53
CA ALA D 57 -4.26 40.09 -13.94
C ALA D 57 -4.20 40.31 -15.47
N GLY D 58 -3.87 39.28 -16.24
CA GLY D 58 -3.76 39.49 -17.68
C GLY D 58 -2.69 40.53 -18.01
N SER D 59 -1.80 40.82 -17.05
CA SER D 59 -0.71 41.80 -17.15
C SER D 59 0.29 41.67 -18.30
N ALA D 60 1.04 42.73 -18.58
CA ALA D 60 2.01 42.70 -19.67
C ALA D 60 3.45 42.76 -19.17
N ILE D 61 3.58 42.87 -17.84
CA ILE D 61 4.86 42.88 -17.14
C ILE D 61 5.62 41.58 -17.47
N ILE D 62 6.91 41.70 -17.73
CA ILE D 62 7.76 40.53 -18.03
C ILE D 62 8.26 39.94 -16.71
N LEU D 63 8.37 38.60 -16.69
CA LEU D 63 8.85 37.91 -15.50
C LEU D 63 10.32 37.55 -15.69
N GLY D 64 11.12 37.85 -14.69
CA GLY D 64 12.54 37.51 -14.77
C GLY D 64 12.97 36.79 -13.50
N ALA D 65 14.28 36.57 -13.36
CA ALA D 65 14.82 35.92 -12.18
C ALA D 65 16.21 36.51 -11.96
N GLN D 66 16.67 36.44 -10.71
CA GLN D 66 17.94 37.00 -10.27
C GLN D 66 19.26 36.24 -10.49
N ASN D 67 19.27 35.15 -11.26
CA ASN D 67 20.51 34.39 -11.46
C ASN D 67 20.14 33.11 -12.13
N THR D 68 21.17 32.38 -12.56
CA THR D 68 20.97 31.06 -13.15
C THR D 68 22.22 30.26 -12.87
N ASP D 69 22.10 28.94 -13.05
CA ASP D 69 23.24 28.08 -12.88
C ASP D 69 23.56 27.51 -14.22
N LEU D 70 24.49 26.59 -14.32
CA LEU D 70 24.90 26.09 -15.61
C LEU D 70 24.32 24.77 -16.15
N ASN D 71 23.25 24.26 -15.55
CA ASN D 71 22.65 23.01 -16.03
C ASN D 71 21.15 23.09 -15.90
N ASN D 72 20.48 22.32 -16.74
CA ASN D 72 19.04 22.26 -16.72
C ASN D 72 18.46 21.21 -15.79
N SER D 73 19.21 20.15 -15.56
CA SER D 73 18.76 19.08 -14.68
C SER D 73 19.92 18.19 -14.34
N GLY D 74 19.80 17.43 -13.26
CA GLY D 74 20.91 16.56 -12.90
C GLY D 74 21.28 16.61 -11.46
N ALA D 75 22.45 16.06 -11.16
CA ALA D 75 22.88 16.02 -9.78
C ALA D 75 23.56 17.31 -9.44
N PHE D 76 22.76 18.35 -9.21
CA PHE D 76 23.31 19.63 -8.89
C PHE D 76 22.43 20.20 -7.80
N THR D 77 22.69 19.72 -6.60
CA THR D 77 21.92 20.13 -5.45
C THR D 77 22.00 21.63 -5.23
N GLY D 78 20.82 22.26 -5.24
CA GLY D 78 20.70 23.67 -4.97
C GLY D 78 20.74 24.61 -6.16
N ASP D 79 20.91 24.08 -7.38
CA ASP D 79 21.02 24.94 -8.56
C ASP D 79 19.76 25.49 -9.19
N MET D 80 19.96 26.57 -9.95
CA MET D 80 18.94 27.29 -10.70
C MET D 80 19.02 26.85 -12.14
N SER D 81 17.91 26.30 -12.64
CA SER D 81 17.83 25.80 -14.00
C SER D 81 17.00 26.64 -15.00
N PRO D 82 17.62 27.00 -16.16
CA PRO D 82 16.94 27.79 -17.18
C PRO D 82 15.67 27.10 -17.65
N ALA D 83 15.76 25.79 -17.84
CA ALA D 83 14.60 25.02 -18.29
C ALA D 83 13.45 25.06 -17.26
N MET D 84 13.79 25.09 -15.97
CA MET D 84 12.76 25.17 -14.95
C MET D 84 12.12 26.56 -14.90
N LEU D 85 12.97 27.60 -15.04
CA LEU D 85 12.52 28.99 -15.07
C LEU D 85 11.55 29.17 -16.25
N LYS D 86 11.85 28.54 -17.39
CA LYS D 86 11.00 28.61 -18.58
C LYS D 86 9.61 28.08 -18.37
N GLU D 87 9.44 27.21 -17.41
CA GLU D 87 8.13 26.62 -17.14
C GLU D 87 7.16 27.61 -16.51
N PHE D 88 7.68 28.71 -15.99
CA PHE D 88 6.88 29.74 -15.33
C PHE D 88 6.83 31.00 -16.16
N GLY D 89 7.34 30.94 -17.38
CA GLY D 89 7.34 32.10 -18.25
C GLY D 89 8.50 33.07 -18.07
N ALA D 90 9.35 32.92 -17.04
CA ALA D 90 10.48 33.81 -16.82
C ALA D 90 11.34 33.87 -18.09
N THR D 91 12.02 34.98 -18.37
CA THR D 91 12.82 35.04 -19.59
C THR D 91 13.98 35.99 -19.53
N HIS D 92 13.94 36.87 -18.55
CA HIS D 92 14.97 37.88 -18.36
C HIS D 92 15.71 37.53 -17.10
N ILE D 93 16.96 37.08 -17.25
CA ILE D 93 17.75 36.62 -16.11
C ILE D 93 18.92 37.47 -15.77
N ILE D 94 18.86 38.10 -14.61
CA ILE D 94 19.95 38.93 -14.13
C ILE D 94 21.16 38.04 -13.86
N ILE D 95 22.29 38.33 -14.49
CA ILE D 95 23.56 37.60 -14.29
C ILE D 95 24.75 38.57 -14.07
N GLY D 96 25.71 38.18 -13.23
CA GLY D 96 26.87 39.01 -12.97
C GLY D 96 26.64 40.16 -12.01
N HIS D 97 25.45 40.24 -11.45
CA HIS D 97 25.18 41.32 -10.54
C HIS D 97 26.33 41.54 -9.54
N SER D 98 26.60 42.80 -9.23
CA SER D 98 27.69 43.13 -8.33
C SER D 98 27.70 42.42 -6.99
N GLU D 99 26.52 42.02 -6.53
CA GLU D 99 26.36 41.34 -5.24
C GLU D 99 26.77 39.87 -5.30
N ARG D 100 26.51 39.21 -6.43
CA ARG D 100 26.90 37.82 -6.60
C ARG D 100 28.41 37.77 -6.84
N ARG D 101 28.91 38.70 -7.64
CA ARG D 101 30.35 38.76 -7.96
C ARG D 101 31.21 38.93 -6.69
N GLU D 102 30.77 39.85 -5.84
CA GLU D 102 31.41 40.15 -4.58
C GLU D 102 31.23 39.04 -3.55
N TYR D 103 29.98 38.72 -3.22
CA TYR D 103 29.71 37.72 -2.22
C TYR D 103 29.94 36.30 -2.65
N HIS D 104 29.49 35.95 -3.84
CA HIS D 104 29.64 34.58 -4.31
C HIS D 104 30.82 34.37 -5.18
N ALA D 105 31.64 35.42 -5.29
CA ALA D 105 32.84 35.37 -6.09
C ALA D 105 32.64 34.85 -7.52
N GLU D 106 31.58 35.32 -8.16
CA GLU D 106 31.32 34.90 -9.53
C GLU D 106 32.33 35.68 -10.36
N SER D 107 32.98 34.97 -11.27
CA SER D 107 34.01 35.55 -12.09
C SER D 107 33.49 35.89 -13.47
N ASP D 108 34.32 36.64 -14.22
CA ASP D 108 34.04 37.08 -15.58
C ASP D 108 33.78 35.83 -16.44
N GLU D 109 34.62 34.82 -16.29
CA GLU D 109 34.45 33.65 -17.11
C GLU D 109 33.22 32.88 -16.69
N PHE D 110 32.94 32.85 -15.40
CA PHE D 110 31.76 32.14 -14.90
C PHE D 110 30.49 32.79 -15.45
N VAL D 111 30.36 34.10 -15.21
CA VAL D 111 29.25 34.91 -15.69
C VAL D 111 29.13 34.82 -17.21
N ALA D 112 30.24 34.70 -17.93
CA ALA D 112 30.18 34.57 -19.39
C ALA D 112 29.58 33.22 -19.82
N LYS D 113 29.87 32.16 -19.07
CA LYS D 113 29.32 30.85 -19.36
C LYS D 113 27.81 30.89 -19.14
N LYS D 114 27.41 31.58 -18.07
CA LYS D 114 26.01 31.72 -17.79
C LYS D 114 25.35 32.45 -18.99
N PHE D 115 25.98 33.53 -19.46
CA PHE D 115 25.51 34.33 -20.59
C PHE D 115 25.20 33.43 -21.79
N ALA D 116 26.18 32.60 -22.13
CA ALA D 116 26.08 31.66 -23.25
C ALA D 116 25.00 30.60 -23.06
N PHE D 117 24.89 30.05 -21.85
CA PHE D 117 23.90 29.01 -21.56
C PHE D 117 22.47 29.55 -21.64
N LEU D 118 22.27 30.75 -21.10
CA LEU D 118 20.95 31.39 -21.15
C LEU D 118 20.50 31.56 -22.59
N LYS D 119 21.40 32.08 -23.40
CA LYS D 119 21.12 32.31 -24.81
C LYS D 119 20.81 31.02 -25.52
N GLU D 120 21.50 29.97 -25.08
CA GLU D 120 21.35 28.62 -25.63
C GLU D 120 19.98 28.09 -25.26
N ASN D 121 19.40 28.67 -24.21
CA ASN D 121 18.13 28.22 -23.75
C ASN D 121 16.97 29.07 -24.17
N GLY D 122 17.25 30.01 -25.07
CA GLY D 122 16.22 30.89 -25.55
C GLY D 122 15.85 31.98 -24.57
N LEU D 123 16.70 32.23 -23.57
CA LEU D 123 16.41 33.25 -22.59
C LEU D 123 17.19 34.54 -22.86
N THR D 124 16.82 35.60 -22.15
CA THR D 124 17.47 36.88 -22.31
C THR D 124 18.37 37.29 -21.16
N PRO D 125 19.69 37.32 -21.38
CA PRO D 125 20.56 37.72 -20.28
C PRO D 125 20.56 39.21 -20.04
N VAL D 126 20.74 39.60 -18.80
CA VAL D 126 20.79 40.97 -18.36
C VAL D 126 22.13 40.98 -17.64
N LEU D 127 23.18 41.09 -18.44
CA LEU D 127 24.57 41.08 -17.99
C LEU D 127 24.97 42.33 -17.22
N CYS D 128 25.38 42.18 -15.97
CA CYS D 128 25.80 43.35 -15.22
C CYS D 128 27.28 43.52 -15.19
N ILE D 129 27.72 44.74 -15.46
CA ILE D 129 29.13 45.11 -15.41
C ILE D 129 29.22 46.35 -14.53
N GLY D 130 30.43 46.74 -14.15
CA GLY D 130 30.55 47.90 -13.28
C GLY D 130 31.83 47.87 -12.48
N GLU D 131 32.40 49.05 -12.23
CA GLU D 131 33.65 49.20 -11.51
C GLU D 131 33.52 49.62 -10.03
N SER D 132 34.53 49.26 -9.26
CA SER D 132 34.60 49.55 -7.84
C SER D 132 34.92 51.01 -7.55
N ASP D 133 35.01 51.34 -6.27
CA ASP D 133 35.30 52.68 -5.83
C ASP D 133 36.72 53.03 -6.20
N ALA D 134 37.61 52.07 -5.99
CA ALA D 134 39.02 52.25 -6.23
C ALA D 134 39.40 52.14 -7.67
N GLN D 135 38.67 51.35 -8.45
CA GLN D 135 38.98 51.26 -9.86
C GLN D 135 38.53 52.57 -10.51
N ASN D 136 37.57 53.26 -9.85
CA ASN D 136 37.02 54.56 -10.30
C ASN D 136 37.93 55.76 -9.92
N GLU D 137 38.47 55.72 -8.71
CA GLU D 137 39.41 56.73 -8.24
C GLU D 137 40.58 56.64 -9.17
N ALA D 138 40.99 55.42 -9.49
CA ALA D 138 42.11 55.18 -10.39
C ALA D 138 41.81 55.50 -11.86
N GLY D 139 40.59 55.92 -12.15
CA GLY D 139 40.26 56.22 -13.53
C GLY D 139 40.35 55.00 -14.42
N GLU D 140 39.91 53.85 -13.91
CA GLU D 140 39.93 52.60 -14.68
C GLU D 140 38.55 52.08 -15.12
N THR D 141 37.53 52.91 -14.99
CA THR D 141 36.15 52.56 -15.33
C THR D 141 35.97 51.75 -16.60
N MET D 142 36.57 52.19 -17.70
CA MET D 142 36.42 51.51 -18.98
C MET D 142 37.28 50.30 -19.15
N ALA D 143 38.38 50.28 -18.40
CA ALA D 143 39.28 49.15 -18.46
C ALA D 143 38.43 48.02 -17.94
N VAL D 144 37.85 48.23 -16.75
CA VAL D 144 37.00 47.24 -16.14
C VAL D 144 35.78 46.81 -16.98
N CYS D 145 35.01 47.77 -17.48
CA CYS D 145 33.83 47.47 -18.30
C CYS D 145 34.21 46.80 -19.61
N ALA D 146 35.36 47.16 -20.14
CA ALA D 146 35.81 46.56 -21.37
C ALA D 146 36.14 45.09 -21.09
N ARG D 147 36.77 44.88 -19.94
CA ARG D 147 37.18 43.55 -19.50
C ARG D 147 35.97 42.61 -19.33
N GLN D 148 35.04 43.00 -18.47
CA GLN D 148 33.83 42.24 -18.22
C GLN D 148 33.01 41.93 -19.46
N LEU D 149 33.09 42.80 -20.45
CA LEU D 149 32.32 42.64 -21.67
C LEU D 149 33.01 41.73 -22.67
N ASP D 150 34.35 41.82 -22.72
CA ASP D 150 35.16 41.00 -23.63
C ASP D 150 35.19 39.52 -23.32
N ALA D 151 34.89 39.16 -22.08
CA ALA D 151 34.83 37.77 -21.64
C ALA D 151 33.75 37.05 -22.45
N VAL D 152 32.82 37.82 -23.00
CA VAL D 152 31.76 37.26 -23.83
C VAL D 152 32.11 37.44 -25.31
N ILE D 153 32.40 38.68 -25.67
CA ILE D 153 32.73 39.07 -27.03
C ILE D 153 33.92 38.29 -27.53
N ASN D 154 34.98 38.26 -26.74
CA ASN D 154 36.18 37.54 -27.16
C ASN D 154 36.08 36.03 -27.13
N THR D 155 34.88 35.50 -27.00
CA THR D 155 34.72 34.05 -26.99
C THR D 155 33.57 33.72 -27.89
N GLN D 156 32.44 34.30 -27.58
CA GLN D 156 31.20 34.08 -28.30
C GLN D 156 31.08 34.99 -29.49
N GLY D 157 31.77 36.13 -29.43
CA GLY D 157 31.73 37.09 -30.52
C GLY D 157 30.68 38.18 -30.39
N VAL D 158 31.00 39.38 -30.83
CA VAL D 158 30.12 40.53 -30.78
C VAL D 158 28.67 40.19 -31.00
N GLU D 159 28.38 39.46 -32.07
CA GLU D 159 27.01 39.08 -32.36
C GLU D 159 26.32 38.63 -31.08
N ALA D 160 26.95 37.77 -30.30
CA ALA D 160 26.36 37.22 -29.06
C ALA D 160 25.56 38.20 -28.21
N LEU D 161 25.91 39.49 -28.23
CA LEU D 161 25.14 40.48 -27.46
C LEU D 161 23.80 40.79 -28.15
N GLU D 162 23.58 40.08 -29.25
CA GLU D 162 22.38 40.15 -30.08
C GLU D 162 21.18 39.83 -29.19
N GLY D 163 20.33 40.79 -28.93
CA GLY D 163 19.16 40.48 -28.11
C GLY D 163 19.45 40.12 -26.67
N ALA D 164 20.34 40.90 -26.08
CA ALA D 164 20.73 40.76 -24.69
C ALA D 164 20.62 42.18 -24.16
N ILE D 165 20.60 42.32 -22.85
CA ILE D 165 20.56 43.62 -22.20
C ILE D 165 21.87 43.70 -21.37
N ILE D 166 22.43 44.91 -21.27
CA ILE D 166 23.65 45.13 -20.51
C ILE D 166 23.22 46.13 -19.48
N ALA D 167 23.70 46.00 -18.26
CA ALA D 167 23.31 46.92 -17.23
C ALA D 167 24.58 47.41 -16.57
N TYR D 168 24.80 48.73 -16.59
CA TYR D 168 25.99 49.28 -16.01
C TYR D 168 25.80 49.66 -14.56
N GLU D 169 26.54 49.00 -13.67
CA GLU D 169 26.44 49.27 -12.25
C GLU D 169 27.56 50.15 -11.69
N PRO D 170 27.24 51.37 -11.31
CA PRO D 170 28.27 52.24 -10.75
C PRO D 170 28.45 51.83 -9.29
N ILE D 171 29.16 50.73 -9.06
CA ILE D 171 29.38 50.23 -7.70
C ILE D 171 30.10 51.25 -6.80
N TRP D 172 30.99 52.05 -7.41
CA TRP D 172 31.73 53.08 -6.68
C TRP D 172 30.80 54.03 -5.92
N ALA D 173 29.68 54.43 -6.53
CA ALA D 173 28.70 55.31 -5.86
C ALA D 173 28.02 54.30 -4.90
N ILE D 174 26.90 54.67 -4.27
CA ILE D 174 26.15 53.77 -3.35
C ILE D 174 26.37 54.05 -1.84
N GLY D 175 25.59 55.02 -1.36
CA GLY D 175 25.66 55.41 0.04
C GLY D 175 26.97 56.02 0.53
N THR D 176 28.05 55.77 -0.24
CA THR D 176 29.41 56.24 0.04
C THR D 176 29.60 57.74 -0.26
N GLY D 177 28.52 58.49 -0.06
CA GLY D 177 28.52 59.92 -0.29
C GLY D 177 28.68 60.24 -1.75
N LYS D 178 29.17 59.27 -2.52
CA LYS D 178 29.37 59.45 -3.95
C LYS D 178 28.15 59.22 -4.78
N ALA D 179 28.09 60.02 -5.85
CA ALA D 179 26.97 60.03 -6.78
C ALA D 179 27.36 60.09 -8.22
N ALA D 180 26.55 59.42 -9.03
CA ALA D 180 26.69 59.39 -10.48
C ALA D 180 25.61 60.38 -10.94
N THR D 181 25.86 61.10 -12.03
CA THR D 181 24.90 62.05 -12.53
C THR D 181 24.46 61.51 -13.87
N ALA D 182 23.42 62.09 -14.47
CA ALA D 182 22.98 61.61 -15.76
C ALA D 182 24.08 61.81 -16.81
N GLU D 183 24.99 62.74 -16.53
CA GLU D 183 26.11 63.07 -17.43
C GLU D 183 27.19 61.99 -17.35
N ASP D 184 27.50 61.58 -16.13
CA ASP D 184 28.46 60.52 -15.86
C ASP D 184 27.95 59.27 -16.58
N ALA D 185 26.71 58.90 -16.24
CA ALA D 185 26.05 57.74 -16.80
C ALA D 185 26.16 57.73 -18.33
N GLN D 186 25.79 58.83 -18.97
CA GLN D 186 25.83 58.92 -20.43
C GLN D 186 27.25 58.83 -20.95
N ARG D 187 28.17 59.43 -20.23
CA ARG D 187 29.59 59.44 -20.60
C ARG D 187 29.97 57.99 -20.73
N ILE D 188 29.88 57.29 -19.61
CA ILE D 188 30.19 55.88 -19.52
C ILE D 188 29.45 54.97 -20.53
N HIS D 189 28.12 55.13 -20.68
CA HIS D 189 27.34 54.31 -21.63
C HIS D 189 27.73 54.54 -23.05
N ALA D 190 28.31 55.70 -23.33
CA ALA D 190 28.72 56.00 -24.69
C ALA D 190 30.00 55.25 -24.99
N GLN D 191 30.89 55.19 -23.98
CA GLN D 191 32.16 54.47 -24.12
C GLN D 191 31.93 52.97 -24.33
N ILE D 192 31.03 52.38 -23.54
CA ILE D 192 30.73 50.95 -23.65
C ILE D 192 30.19 50.66 -25.03
N ARG D 193 29.17 51.41 -25.44
CA ARG D 193 28.55 51.19 -26.76
C ARG D 193 29.63 51.28 -27.81
N ALA D 194 30.46 52.31 -27.69
CA ALA D 194 31.57 52.55 -28.61
C ALA D 194 32.51 51.36 -28.70
N HIS D 195 32.75 50.74 -27.54
CA HIS D 195 33.62 49.56 -27.46
C HIS D 195 33.04 48.42 -28.27
N ILE D 196 31.73 48.40 -28.32
CA ILE D 196 31.01 47.38 -29.05
C ILE D 196 31.01 47.81 -30.52
N ALA D 197 30.85 49.11 -30.76
CA ALA D 197 30.82 49.65 -32.11
C ALA D 197 32.11 49.42 -32.87
N GLU D 198 33.15 49.07 -32.13
CA GLU D 198 34.47 48.81 -32.68
C GLU D 198 34.52 47.47 -33.40
N LYS D 199 33.75 46.51 -32.90
CA LYS D 199 33.72 45.19 -33.53
C LYS D 199 32.54 45.14 -34.51
N SER D 200 31.44 45.79 -34.13
CA SER D 200 30.21 45.87 -34.92
C SER D 200 29.39 47.09 -34.50
N GLU D 201 29.00 47.89 -35.50
CA GLU D 201 28.20 49.09 -35.25
C GLU D 201 26.71 48.76 -35.25
N ALA D 202 26.34 47.73 -36.00
CA ALA D 202 24.95 47.31 -36.08
C ALA D 202 24.55 46.84 -34.70
N VAL D 203 25.36 45.93 -34.14
CA VAL D 203 25.12 45.41 -32.81
C VAL D 203 25.07 46.59 -31.84
N ALA D 204 26.14 47.37 -31.81
CA ALA D 204 26.21 48.50 -30.91
C ALA D 204 25.01 49.42 -30.92
N LYS D 205 24.54 49.79 -32.10
CA LYS D 205 23.42 50.71 -32.14
C LYS D 205 22.12 50.12 -31.62
N ASN D 206 22.04 48.80 -31.66
CA ASN D 206 20.85 48.04 -31.22
C ASN D 206 20.80 47.56 -29.76
N VAL D 207 21.96 47.32 -29.16
CA VAL D 207 22.00 46.79 -27.81
C VAL D 207 21.46 47.71 -26.76
N VAL D 208 20.48 47.22 -26.01
CA VAL D 208 19.88 47.97 -24.92
C VAL D 208 20.90 47.98 -23.82
N ILE D 209 21.18 49.15 -23.30
CA ILE D 209 22.15 49.33 -22.26
C ILE D 209 21.47 50.10 -21.17
N GLN D 210 21.03 49.38 -20.14
CA GLN D 210 20.34 49.99 -19.02
C GLN D 210 21.34 50.58 -18.04
N TYR D 211 20.90 51.55 -17.24
CA TYR D 211 21.71 52.17 -16.23
C TYR D 211 21.33 51.56 -14.89
N GLY D 212 22.32 51.06 -14.16
CA GLY D 212 22.06 50.44 -12.88
C GLY D 212 22.31 51.26 -11.63
N GLY D 213 22.44 52.57 -11.76
CA GLY D 213 22.70 53.36 -10.57
C GLY D 213 21.44 53.65 -9.81
N SER D 214 21.53 54.53 -8.83
CA SER D 214 20.35 54.90 -8.04
C SER D 214 19.49 55.90 -8.81
N VAL D 215 18.35 55.42 -9.27
CA VAL D 215 17.41 56.21 -10.05
C VAL D 215 16.11 56.23 -9.25
N LYS D 216 15.55 57.42 -9.12
CA LYS D 216 14.30 57.62 -8.40
C LYS D 216 13.32 58.33 -9.34
N PRO D 217 12.01 58.37 -8.97
CA PRO D 217 10.98 59.04 -9.79
C PRO D 217 11.41 60.38 -10.37
N GLU D 218 12.10 61.17 -9.56
CA GLU D 218 12.60 62.48 -9.98
C GLU D 218 14.09 62.50 -10.38
N ASN D 219 14.51 61.46 -11.09
CA ASN D 219 15.88 61.31 -11.59
C ASN D 219 15.59 60.83 -12.98
N ALA D 220 14.81 59.74 -12.98
CA ALA D 220 14.39 59.00 -14.13
C ALA D 220 14.43 59.68 -15.50
N ALA D 221 13.75 60.81 -15.65
CA ALA D 221 13.74 61.47 -16.95
C ALA D 221 15.04 62.22 -17.29
N ALA D 222 15.80 62.59 -16.27
CA ALA D 222 17.06 63.23 -16.52
C ALA D 222 17.95 62.13 -17.15
N TYR D 223 17.77 60.92 -16.65
CA TYR D 223 18.52 59.80 -17.15
C TYR D 223 18.02 59.34 -18.48
N PHE D 224 16.74 59.05 -18.57
CA PHE D 224 16.20 58.55 -19.81
C PHE D 224 16.27 59.49 -20.99
N ALA D 225 16.87 60.65 -20.74
CA ALA D 225 17.07 61.69 -21.74
C ALA D 225 18.35 61.42 -22.54
N GLN D 226 19.37 60.88 -21.86
CA GLN D 226 20.62 60.59 -22.52
C GLN D 226 20.38 59.62 -23.66
N PRO D 227 21.03 59.84 -24.77
CA PRO D 227 20.87 58.97 -25.92
C PRO D 227 21.39 57.53 -25.82
N ASP D 228 22.32 57.28 -24.89
CA ASP D 228 22.89 55.92 -24.73
C ASP D 228 22.43 55.11 -23.51
N ILE D 229 21.54 55.71 -22.72
CA ILE D 229 20.93 55.09 -21.55
C ILE D 229 19.57 54.62 -22.07
N ASP D 230 19.30 53.31 -22.12
CA ASP D 230 18.02 52.81 -22.65
C ASP D 230 17.01 52.25 -21.68
N GLY D 231 17.16 52.56 -20.41
CA GLY D 231 16.25 52.02 -19.43
C GLY D 231 16.98 51.97 -18.10
N ALA D 232 16.45 51.23 -17.15
CA ALA D 232 17.09 51.16 -15.85
C ALA D 232 16.90 49.80 -15.15
N LEU D 233 17.93 49.37 -14.41
CA LEU D 233 17.76 48.17 -13.65
C LEU D 233 17.58 48.77 -12.28
N VAL D 234 16.33 48.79 -11.83
CA VAL D 234 16.00 49.43 -10.59
C VAL D 234 16.05 48.53 -9.39
N GLY D 235 16.66 49.06 -8.32
CA GLY D 235 16.79 48.40 -7.04
C GLY D 235 15.69 48.81 -6.08
N GLY D 236 15.96 49.67 -5.09
CA GLY D 236 14.93 50.08 -4.13
C GLY D 236 13.57 50.57 -4.65
N ALA D 237 13.56 51.41 -5.69
CA ALA D 237 12.29 51.91 -6.22
C ALA D 237 11.35 50.81 -6.75
N ALA D 238 11.92 49.66 -7.10
CA ALA D 238 11.18 48.52 -7.63
C ALA D 238 10.24 47.88 -6.62
N LEU D 239 10.43 48.23 -5.37
CA LEU D 239 9.63 47.68 -4.29
C LEU D 239 8.39 48.47 -4.00
N ASP D 240 8.27 49.61 -4.67
CA ASP D 240 7.10 50.46 -4.51
C ASP D 240 6.44 50.61 -5.88
N ALA D 241 5.18 50.19 -5.94
CA ALA D 241 4.40 50.27 -7.16
C ALA D 241 4.36 51.70 -7.77
N LYS D 242 4.17 52.73 -6.94
CA LYS D 242 4.08 54.10 -7.43
C LYS D 242 5.37 54.54 -8.05
N SER D 243 6.42 54.51 -7.23
CA SER D 243 7.76 54.90 -7.66
C SER D 243 8.23 54.15 -8.88
N PHE D 244 8.02 52.84 -8.88
CA PHE D 244 8.50 52.05 -9.97
C PHE D 244 7.73 52.30 -11.27
N ALA D 245 6.42 52.49 -11.17
CA ALA D 245 5.59 52.74 -12.36
C ALA D 245 6.05 54.07 -12.93
N ALA D 246 6.30 55.02 -12.02
CA ALA D 246 6.79 56.37 -12.36
C ALA D 246 8.02 56.25 -13.27
N ILE D 247 9.06 55.60 -12.75
CA ILE D 247 10.29 55.38 -13.50
C ILE D 247 10.01 54.73 -14.85
N ALA D 248 9.03 53.83 -14.89
CA ALA D 248 8.72 53.17 -16.14
C ALA D 248 8.13 54.18 -17.10
N LYS D 249 7.19 54.98 -16.59
CA LYS D 249 6.51 55.99 -17.43
C LYS D 249 7.51 57.00 -18.01
N ALA D 250 8.33 57.56 -17.12
CA ALA D 250 9.34 58.52 -17.51
C ALA D 250 10.14 58.01 -18.69
N ALA D 251 10.59 56.77 -18.64
CA ALA D 251 11.38 56.25 -19.74
C ALA D 251 10.57 56.10 -21.02
N ALA D 252 9.29 55.78 -20.89
CA ALA D 252 8.42 55.56 -22.04
C ALA D 252 8.30 56.80 -22.90
N GLU D 253 7.90 57.88 -22.27
CA GLU D 253 7.73 59.16 -22.91
C GLU D 253 9.08 59.74 -23.32
N ALA D 254 9.95 59.91 -22.34
CA ALA D 254 11.29 60.47 -22.56
C ALA D 254 11.95 59.90 -23.80
N LYS D 255 11.65 58.65 -24.11
CA LYS D 255 12.26 58.01 -25.25
C LYS D 255 11.47 58.22 -26.54
N ARG E 2 19.26 -23.88 15.37
CA ARG E 2 20.14 -24.70 14.45
C ARG E 2 21.56 -24.15 14.49
N HIS E 3 22.50 -25.08 14.71
CA HIS E 3 23.92 -24.77 14.82
C HIS E 3 24.40 -24.57 13.41
N PRO E 4 25.08 -23.46 13.13
CA PRO E 4 25.55 -23.25 11.77
C PRO E 4 26.67 -24.12 11.26
N VAL E 5 26.61 -24.36 9.95
CA VAL E 5 27.61 -25.15 9.22
C VAL E 5 28.09 -24.34 8.03
N VAL E 6 29.40 -24.13 8.00
CA VAL E 6 30.08 -23.43 6.92
C VAL E 6 31.01 -24.48 6.28
N MET E 7 30.75 -24.79 5.00
CA MET E 7 31.54 -25.76 4.27
C MET E 7 32.27 -25.13 3.11
N GLY E 8 33.56 -25.41 2.98
CA GLY E 8 34.28 -24.91 1.85
C GLY E 8 34.36 -25.97 0.76
N ASN E 9 33.79 -25.76 -0.42
CA ASN E 9 33.91 -26.69 -1.54
C ASN E 9 35.12 -26.19 -2.32
N TRP E 10 36.24 -26.91 -2.28
CA TRP E 10 37.45 -26.51 -3.01
C TRP E 10 37.42 -26.77 -4.49
N LYS E 11 36.42 -27.46 -5.00
CA LYS E 11 36.40 -27.77 -6.42
C LYS E 11 37.71 -28.37 -6.95
N LEU E 12 38.02 -28.12 -8.22
CA LEU E 12 39.22 -28.64 -8.83
C LEU E 12 40.42 -27.80 -8.45
N ASN E 13 40.68 -27.79 -7.14
CA ASN E 13 41.79 -27.02 -6.56
C ASN E 13 42.48 -27.82 -5.48
N GLY E 14 43.80 -27.80 -5.50
CA GLY E 14 44.54 -28.55 -4.52
C GLY E 14 45.93 -28.85 -5.01
N SER E 15 46.83 -29.13 -4.09
CA SER E 15 48.18 -29.45 -4.42
C SER E 15 48.77 -29.92 -3.11
N LYS E 16 49.84 -30.69 -3.15
CA LYS E 16 50.39 -31.16 -1.89
C LYS E 16 50.76 -30.04 -0.96
N GLU E 17 51.45 -29.02 -1.47
CA GLU E 17 51.88 -27.95 -0.61
C GLU E 17 50.73 -27.11 -0.15
N MET E 18 49.78 -26.87 -1.03
CA MET E 18 48.62 -26.06 -0.71
C MET E 18 47.70 -26.68 0.33
N VAL E 19 47.43 -27.97 0.24
CA VAL E 19 46.57 -28.60 1.20
C VAL E 19 47.09 -28.40 2.62
N VAL E 20 48.38 -28.58 2.85
CA VAL E 20 48.79 -28.40 4.22
C VAL E 20 48.90 -26.99 4.64
N ASP E 21 49.30 -26.09 3.77
CA ASP E 21 49.35 -24.69 4.21
C ASP E 21 47.96 -24.20 4.55
N LEU E 22 46.99 -24.46 3.68
CA LEU E 22 45.62 -24.04 3.92
C LEU E 22 44.98 -24.59 5.20
N LEU E 23 45.11 -25.89 5.42
CA LEU E 23 44.51 -26.48 6.60
C LEU E 23 45.19 -26.02 7.84
N ASN E 24 46.49 -25.76 7.78
CA ASN E 24 47.23 -25.31 8.97
C ASN E 24 46.93 -23.89 9.35
N GLY E 25 46.82 -22.99 8.36
CA GLY E 25 46.50 -21.61 8.64
C GLY E 25 45.06 -21.45 9.08
N LEU E 26 44.21 -22.26 8.48
CA LEU E 26 42.80 -22.26 8.78
C LEU E 26 42.56 -22.63 10.22
N ASN E 27 43.18 -23.69 10.65
CA ASN E 27 43.07 -24.20 12.02
C ASN E 27 43.67 -23.19 13.05
N ALA E 28 44.56 -22.33 12.59
CA ALA E 28 45.19 -21.38 13.46
C ALA E 28 44.22 -20.26 13.66
N GLU E 29 43.54 -19.90 12.58
CA GLU E 29 42.56 -18.84 12.58
C GLU E 29 41.30 -19.17 13.37
N LEU E 30 40.97 -20.43 13.52
CA LEU E 30 39.73 -20.77 14.18
C LEU E 30 39.90 -21.11 15.63
N GLU E 31 41.05 -20.75 16.15
CA GLU E 31 41.42 -20.98 17.53
C GLU E 31 40.38 -20.81 18.62
N GLY E 32 39.70 -19.70 18.76
CA GLY E 32 38.74 -19.79 19.87
C GLY E 32 37.32 -20.12 19.46
N VAL E 33 37.09 -20.14 18.15
CA VAL E 33 35.80 -20.34 17.50
C VAL E 33 35.16 -21.67 17.78
N THR E 34 33.94 -21.71 18.30
CA THR E 34 33.28 -22.99 18.63
C THR E 34 31.81 -23.07 18.33
N GLY E 35 31.24 -21.98 17.84
CA GLY E 35 29.85 -22.00 17.56
C GLY E 35 29.50 -22.18 16.11
N VAL E 36 30.35 -22.85 15.34
CA VAL E 36 30.08 -23.10 13.93
C VAL E 36 30.80 -24.40 13.61
N ASP E 37 30.23 -25.27 12.77
CA ASP E 37 30.89 -26.50 12.30
C ASP E 37 31.56 -26.07 11.00
N VAL E 38 32.88 -26.27 10.86
CA VAL E 38 33.60 -25.90 9.65
C VAL E 38 33.98 -27.17 8.93
N ALA E 39 33.47 -27.38 7.73
CA ALA E 39 33.84 -28.60 6.99
C ALA E 39 34.66 -28.17 5.79
N VAL E 40 35.45 -29.07 5.24
CA VAL E 40 36.29 -28.76 4.09
C VAL E 40 36.14 -29.95 3.14
N ALA E 41 36.05 -29.72 1.84
CA ALA E 41 35.88 -30.80 0.85
C ALA E 41 36.97 -30.71 -0.21
N PRO E 42 38.05 -31.46 -0.03
CA PRO E 42 39.07 -31.34 -1.05
C PRO E 42 38.91 -32.36 -2.18
N PRO E 43 39.74 -32.27 -3.24
CA PRO E 43 39.56 -33.29 -4.27
C PRO E 43 39.92 -34.66 -3.68
N ALA E 44 39.26 -35.73 -4.15
CA ALA E 44 39.49 -37.12 -3.69
C ALA E 44 40.97 -37.43 -3.55
N LEU E 45 41.77 -36.98 -4.51
CA LEU E 45 43.21 -37.16 -4.52
C LEU E 45 43.87 -36.68 -3.26
N PHE E 46 43.28 -35.69 -2.59
CA PHE E 46 43.88 -35.15 -1.39
C PHE E 46 43.15 -35.40 -0.10
N VAL E 47 42.17 -36.28 -0.09
CA VAL E 47 41.47 -36.58 1.15
C VAL E 47 42.43 -37.22 2.16
N ASP E 48 43.35 -38.09 1.74
CA ASP E 48 44.31 -38.70 2.66
C ASP E 48 45.21 -37.63 3.30
N LEU E 49 45.84 -36.78 2.48
CA LEU E 49 46.70 -35.71 2.98
C LEU E 49 45.91 -34.80 3.89
N ALA E 50 44.68 -34.47 3.50
CA ALA E 50 43.83 -33.65 4.35
C ALA E 50 43.73 -34.30 5.74
N GLU E 51 43.39 -35.58 5.82
CA GLU E 51 43.26 -36.30 7.08
C GLU E 51 44.53 -36.27 7.88
N ARG E 52 45.64 -36.57 7.21
CA ARG E 52 46.92 -36.59 7.90
C ARG E 52 47.20 -35.25 8.58
N THR E 53 46.97 -34.15 7.86
CA THR E 53 47.22 -32.81 8.39
C THR E 53 46.32 -32.51 9.58
N LEU E 54 45.01 -32.71 9.42
CA LEU E 54 44.06 -32.44 10.49
C LEU E 54 44.30 -33.27 11.71
N THR E 55 44.72 -34.50 11.51
CA THR E 55 44.98 -35.36 12.61
C THR E 55 46.20 -34.91 13.38
N GLU E 56 47.29 -34.61 12.68
CA GLU E 56 48.49 -34.18 13.36
C GLU E 56 48.23 -32.94 14.20
N ALA E 57 47.37 -32.08 13.69
CA ALA E 57 47.03 -30.83 14.34
C ALA E 57 45.99 -30.96 15.44
N GLY E 58 45.28 -32.07 15.49
CA GLY E 58 44.25 -32.23 16.50
C GLY E 58 43.14 -31.26 16.17
N SER E 59 43.00 -30.96 14.87
CA SER E 59 42.00 -30.02 14.40
C SER E 59 40.62 -30.53 14.62
N ALA E 60 39.65 -29.62 14.62
CA ALA E 60 38.26 -30.00 14.79
C ALA E 60 37.50 -29.79 13.49
N ILE E 61 38.22 -29.30 12.46
CA ILE E 61 37.61 -29.07 11.16
C ILE E 61 37.09 -30.41 10.65
N ILE E 62 35.91 -30.42 10.05
CA ILE E 62 35.24 -31.63 9.50
C ILE E 62 35.70 -31.89 8.06
N LEU E 63 35.94 -33.16 7.72
CA LEU E 63 36.40 -33.54 6.39
C LEU E 63 35.23 -34.08 5.59
N GLY E 64 35.16 -33.69 4.32
CA GLY E 64 34.10 -34.11 3.45
C GLY E 64 34.71 -34.36 2.09
N ALA E 65 33.89 -34.63 1.09
CA ALA E 65 34.36 -34.91 -0.25
C ALA E 65 33.37 -34.26 -1.20
N GLN E 66 33.69 -34.22 -2.48
CA GLN E 66 32.86 -33.52 -3.46
C GLN E 66 31.88 -34.30 -4.25
N ASN E 67 31.80 -35.60 -3.99
CA ASN E 67 30.86 -36.43 -4.74
C ASN E 67 30.96 -37.87 -4.26
N THR E 68 29.99 -38.70 -4.65
CA THR E 68 30.01 -40.10 -4.32
C THR E 68 29.28 -40.86 -5.39
N ASP E 69 29.53 -42.16 -5.45
CA ASP E 69 28.83 -43.00 -6.39
C ASP E 69 27.96 -43.94 -5.57
N LEU E 70 27.32 -44.88 -6.25
CA LEU E 70 26.35 -45.79 -5.64
C LEU E 70 26.82 -47.17 -5.17
N ASN E 71 28.13 -47.41 -5.17
CA ASN E 71 28.70 -48.69 -4.72
C ASN E 71 29.88 -48.55 -3.79
N ASN E 72 30.01 -49.51 -2.86
CA ASN E 72 31.11 -49.52 -1.90
C ASN E 72 32.35 -50.26 -2.37
N SER E 73 32.12 -51.33 -3.13
CA SER E 73 33.21 -52.13 -3.70
C SER E 73 32.64 -52.86 -4.88
N GLY E 74 33.50 -53.28 -5.80
CA GLY E 74 33.00 -54.03 -6.94
C GLY E 74 33.58 -53.62 -8.26
N ALA E 75 32.96 -54.11 -9.32
CA ALA E 75 33.45 -53.81 -10.64
C ALA E 75 32.97 -52.47 -11.17
N PHE E 76 33.44 -51.38 -10.58
CA PHE E 76 33.02 -50.10 -11.09
C PHE E 76 34.23 -49.21 -11.21
N THR E 77 34.98 -49.42 -12.28
CA THR E 77 36.19 -48.65 -12.56
C THR E 77 35.95 -47.17 -12.45
N GLY E 78 36.83 -46.53 -11.70
CA GLY E 78 36.74 -45.09 -11.53
C GLY E 78 35.68 -44.50 -10.63
N ASP E 79 34.86 -45.31 -9.95
CA ASP E 79 33.81 -44.80 -9.04
C ASP E 79 34.30 -44.40 -7.65
N MET E 80 33.44 -43.66 -6.93
CA MET E 80 33.71 -43.16 -5.58
C MET E 80 32.92 -43.91 -4.54
N SER E 81 33.63 -44.43 -3.56
CA SER E 81 33.00 -45.24 -2.55
C SER E 81 32.83 -44.67 -1.19
N PRO E 82 31.58 -44.70 -0.70
CA PRO E 82 31.23 -44.20 0.62
C PRO E 82 32.08 -44.92 1.63
N ALA E 83 32.22 -46.23 1.51
CA ALA E 83 33.03 -47.00 2.47
C ALA E 83 34.50 -46.60 2.43
N MET E 84 35.04 -46.39 1.24
CA MET E 84 36.45 -45.96 1.21
C MET E 84 36.55 -44.57 1.83
N LEU E 85 35.56 -43.71 1.59
CA LEU E 85 35.56 -42.38 2.17
C LEU E 85 35.53 -42.46 3.70
N LYS E 86 34.73 -43.35 4.27
CA LYS E 86 34.67 -43.53 5.73
C LYS E 86 36.01 -43.86 6.35
N GLU E 87 36.91 -44.47 5.60
CA GLU E 87 38.20 -44.81 6.13
C GLU E 87 39.06 -43.63 6.46
N PHE E 88 38.86 -42.53 5.73
CA PHE E 88 39.66 -41.34 5.96
C PHE E 88 38.97 -40.40 6.91
N GLY E 89 37.78 -40.80 7.37
CA GLY E 89 37.00 -39.98 8.25
C GLY E 89 36.15 -38.92 7.55
N ALA E 90 35.95 -38.99 6.23
CA ALA E 90 35.14 -38.01 5.49
C ALA E 90 33.66 -38.25 5.80
N THR E 91 32.93 -37.24 6.29
CA THR E 91 31.51 -37.47 6.61
C THR E 91 30.53 -36.69 5.76
N HIS E 92 30.83 -35.42 5.51
CA HIS E 92 29.95 -34.54 4.72
C HIS E 92 30.18 -34.67 3.25
N ILE E 93 29.23 -35.26 2.55
CA ILE E 93 29.43 -35.49 1.13
C ILE E 93 28.50 -34.69 0.22
N ILE E 94 29.09 -33.79 -0.57
CA ILE E 94 28.36 -32.95 -1.50
C ILE E 94 27.81 -33.82 -2.65
N ILE E 95 26.51 -33.75 -2.91
CA ILE E 95 25.88 -34.48 -4.02
C ILE E 95 24.90 -33.50 -4.67
N GLY E 96 24.73 -33.60 -5.98
CA GLY E 96 23.81 -32.72 -6.70
C GLY E 96 24.36 -31.34 -7.07
N HIS E 97 25.61 -31.09 -6.82
CA HIS E 97 26.17 -29.81 -7.13
C HIS E 97 25.81 -29.46 -8.52
N SER E 98 25.57 -28.18 -8.74
CA SER E 98 25.18 -27.72 -10.03
C SER E 98 26.18 -28.02 -11.12
N GLU E 99 27.46 -28.00 -10.80
CA GLU E 99 28.43 -28.31 -11.84
C GLU E 99 28.35 -29.78 -12.29
N ARG E 100 27.87 -30.67 -11.42
CA ARG E 100 27.74 -32.08 -11.78
C ARG E 100 26.44 -32.33 -12.53
N ARG E 101 25.40 -31.63 -12.06
CA ARG E 101 24.06 -31.69 -12.66
C ARG E 101 24.13 -31.18 -14.11
N GLU E 102 25.02 -30.24 -14.37
CA GLU E 102 25.17 -29.68 -15.72
C GLU E 102 26.18 -30.38 -16.60
N TYR E 103 27.42 -30.49 -16.12
CA TYR E 103 28.49 -31.12 -16.85
C TYR E 103 28.42 -32.65 -16.98
N HIS E 104 27.83 -33.31 -16.00
CA HIS E 104 27.72 -34.77 -15.97
C HIS E 104 26.29 -35.22 -16.08
N ALA E 105 25.42 -34.26 -16.32
CA ALA E 105 24.02 -34.56 -16.46
C ALA E 105 23.47 -35.50 -15.40
N GLU E 106 23.74 -35.21 -14.13
CA GLU E 106 23.19 -36.03 -13.04
C GLU E 106 21.72 -35.60 -12.78
N SER E 107 20.80 -36.55 -12.86
CA SER E 107 19.38 -36.26 -12.68
C SER E 107 18.98 -36.19 -11.21
N ASP E 108 17.73 -35.86 -10.93
CA ASP E 108 17.28 -35.80 -9.55
C ASP E 108 17.18 -37.22 -9.04
N GLU E 109 16.86 -38.15 -9.94
CA GLU E 109 16.72 -39.57 -9.61
C GLU E 109 18.07 -40.13 -9.16
N PHE E 110 19.11 -39.80 -9.92
CA PHE E 110 20.49 -40.21 -9.62
C PHE E 110 20.92 -39.59 -8.28
N VAL E 111 20.84 -38.27 -8.18
CA VAL E 111 21.19 -37.54 -6.96
C VAL E 111 20.42 -38.14 -5.77
N ALA E 112 19.11 -38.33 -5.90
CA ALA E 112 18.32 -38.92 -4.81
C ALA E 112 18.83 -40.30 -4.39
N LYS E 113 19.32 -41.08 -5.37
CA LYS E 113 19.85 -42.40 -5.06
C LYS E 113 21.10 -42.27 -4.24
N LYS E 114 21.95 -41.30 -4.57
CA LYS E 114 23.14 -41.06 -3.75
C LYS E 114 22.80 -40.64 -2.31
N PHE E 115 21.72 -39.90 -2.12
CA PHE E 115 21.31 -39.43 -0.78
C PHE E 115 20.99 -40.63 0.08
N ALA E 116 20.20 -41.55 -0.47
CA ALA E 116 19.81 -42.74 0.29
C ALA E 116 21.00 -43.62 0.65
N PHE E 117 21.97 -43.67 -0.26
CA PHE E 117 23.14 -44.49 -0.08
C PHE E 117 24.05 -43.89 1.00
N LEU E 118 24.11 -42.57 1.04
CA LEU E 118 24.91 -41.89 2.02
C LEU E 118 24.29 -42.17 3.38
N LYS E 119 22.98 -42.00 3.47
CA LYS E 119 22.30 -42.25 4.72
C LYS E 119 22.52 -43.71 5.09
N GLU E 120 22.46 -44.62 4.12
CA GLU E 120 22.71 -46.06 4.39
C GLU E 120 24.09 -46.32 4.97
N ASN E 121 25.09 -45.54 4.56
CA ASN E 121 26.43 -45.73 5.06
C ASN E 121 26.82 -44.91 6.23
N GLY E 122 25.91 -44.14 6.80
CA GLY E 122 26.26 -43.35 7.97
C GLY E 122 26.90 -41.99 7.69
N LEU E 123 26.84 -41.51 6.44
CA LEU E 123 27.44 -40.22 6.12
C LEU E 123 26.41 -39.12 6.05
N THR E 124 26.89 -37.86 6.00
CA THR E 124 26.00 -36.68 5.96
C THR E 124 25.95 -36.09 4.57
N PRO E 125 24.79 -36.23 3.91
CA PRO E 125 24.74 -35.64 2.57
C PRO E 125 24.46 -34.12 2.57
N VAL E 126 25.18 -33.39 1.75
CA VAL E 126 24.99 -31.95 1.62
C VAL E 126 24.28 -31.89 0.29
N LEU E 127 22.96 -31.94 0.35
CA LEU E 127 22.11 -31.96 -0.84
C LEU E 127 22.01 -30.61 -1.53
N CYS E 128 22.66 -30.44 -2.68
CA CYS E 128 22.53 -29.17 -3.41
C CYS E 128 21.26 -29.12 -4.29
N ILE E 129 20.57 -27.98 -4.30
CA ILE E 129 19.38 -27.78 -5.12
C ILE E 129 19.49 -26.35 -5.60
N GLY E 130 18.77 -26.01 -6.65
CA GLY E 130 18.82 -24.63 -7.13
C GLY E 130 18.29 -24.50 -8.54
N GLU E 131 17.78 -23.31 -8.88
CA GLU E 131 17.25 -23.08 -10.24
C GLU E 131 18.10 -22.16 -11.12
N SER E 132 17.94 -22.35 -12.43
CA SER E 132 18.67 -21.58 -13.41
C SER E 132 18.08 -20.21 -13.67
N ASP E 133 18.78 -19.45 -14.50
CA ASP E 133 18.39 -18.10 -14.89
C ASP E 133 16.96 -18.06 -15.47
N ALA E 134 16.75 -18.82 -16.53
CA ALA E 134 15.47 -18.87 -17.19
C ALA E 134 14.32 -19.35 -16.32
N GLN E 135 14.62 -20.10 -15.26
CA GLN E 135 13.55 -20.61 -14.40
C GLN E 135 13.24 -19.54 -13.37
N ASN E 136 14.28 -18.86 -12.95
CA ASN E 136 14.12 -17.79 -12.01
C ASN E 136 13.37 -16.62 -12.64
N GLU E 137 13.78 -16.26 -13.87
CA GLU E 137 13.14 -15.17 -14.63
C GLU E 137 11.68 -15.60 -14.77
N ALA E 138 11.46 -16.82 -15.25
CA ALA E 138 10.11 -17.37 -15.40
C ALA E 138 9.51 -17.52 -14.01
N GLY E 139 10.29 -17.15 -13.00
CA GLY E 139 9.89 -17.21 -11.61
C GLY E 139 9.39 -18.57 -11.13
N GLU E 140 10.08 -19.65 -11.46
CA GLU E 140 9.65 -20.96 -10.99
C GLU E 140 10.56 -21.55 -9.94
N THR E 141 11.23 -20.69 -9.18
CA THR E 141 12.11 -21.13 -8.12
C THR E 141 11.59 -22.25 -7.22
N MET E 142 10.37 -22.16 -6.72
CA MET E 142 9.90 -23.23 -5.84
C MET E 142 9.50 -24.53 -6.50
N ALA E 143 9.02 -24.45 -7.73
CA ALA E 143 8.63 -25.64 -8.46
C ALA E 143 9.89 -26.49 -8.68
N VAL E 144 10.99 -25.84 -9.04
CA VAL E 144 12.26 -26.49 -9.28
C VAL E 144 12.79 -27.07 -7.97
N CYS E 145 12.92 -26.23 -6.95
CA CYS E 145 13.41 -26.65 -5.65
C CYS E 145 12.58 -27.77 -5.06
N ALA E 146 11.27 -27.62 -5.06
CA ALA E 146 10.41 -28.64 -4.52
C ALA E 146 10.51 -29.93 -5.33
N ARG E 147 10.69 -29.79 -6.63
CA ARG E 147 10.81 -30.94 -7.51
C ARG E 147 12.03 -31.72 -7.05
N GLN E 148 13.14 -31.02 -6.95
CA GLN E 148 14.38 -31.62 -6.54
C GLN E 148 14.43 -32.18 -5.11
N LEU E 149 13.71 -31.58 -4.18
CA LEU E 149 13.68 -32.09 -2.80
C LEU E 149 12.73 -33.28 -2.74
N ASP E 150 11.66 -33.23 -3.54
CA ASP E 150 10.69 -34.32 -3.55
C ASP E 150 11.29 -35.63 -4.04
N ALA E 151 12.27 -35.54 -4.93
CA ALA E 151 12.99 -36.69 -5.44
C ALA E 151 13.42 -37.56 -4.25
N VAL E 152 13.86 -36.92 -3.16
CA VAL E 152 14.23 -37.72 -2.03
C VAL E 152 13.07 -37.88 -1.07
N ILE E 153 12.29 -36.81 -0.84
CA ILE E 153 11.15 -36.90 0.06
C ILE E 153 10.09 -37.92 -0.35
N ASN E 154 9.75 -37.94 -1.63
CA ASN E 154 8.73 -38.88 -2.14
C ASN E 154 9.10 -40.34 -2.26
N THR E 155 10.39 -40.64 -2.13
CA THR E 155 10.83 -42.00 -2.25
C THR E 155 11.42 -42.48 -0.93
N GLN E 156 11.76 -41.56 -0.04
CA GLN E 156 12.37 -41.95 1.22
C GLN E 156 11.69 -41.39 2.48
N GLY E 157 10.82 -40.39 2.32
CA GLY E 157 10.14 -39.81 3.49
C GLY E 157 10.87 -38.63 4.06
N VAL E 158 10.16 -37.61 4.56
CA VAL E 158 10.83 -36.41 5.10
C VAL E 158 11.85 -36.69 6.15
N GLU E 159 11.65 -37.75 6.90
CA GLU E 159 12.57 -38.08 7.97
C GLU E 159 13.94 -38.36 7.43
N ALA E 160 14.04 -38.62 6.14
CA ALA E 160 15.33 -38.87 5.49
C ALA E 160 16.21 -37.62 5.54
N LEU E 161 15.59 -36.46 5.64
CA LEU E 161 16.30 -35.21 5.72
C LEU E 161 16.84 -35.02 7.09
N GLU E 162 16.39 -35.80 8.05
CA GLU E 162 16.89 -35.62 9.40
C GLU E 162 18.37 -35.99 9.36
N GLY E 163 19.21 -35.05 9.75
CA GLY E 163 20.65 -35.29 9.74
C GLY E 163 21.33 -34.87 8.45
N ALA E 164 20.55 -34.39 7.49
CA ALA E 164 21.12 -33.97 6.23
C ALA E 164 21.28 -32.46 6.26
N ILE E 165 21.96 -31.95 5.25
CA ILE E 165 22.18 -30.52 5.07
C ILE E 165 21.71 -30.28 3.63
N ILE E 166 21.04 -29.13 3.40
CA ILE E 166 20.51 -28.73 2.09
C ILE E 166 21.21 -27.43 1.74
N ALA E 167 21.69 -27.25 0.50
CA ALA E 167 22.35 -26.00 0.13
C ALA E 167 21.65 -25.44 -1.09
N TYR E 168 21.04 -24.27 -0.95
CA TYR E 168 20.38 -23.64 -2.06
C TYR E 168 21.41 -22.94 -2.93
N GLU E 169 21.47 -23.32 -4.21
CA GLU E 169 22.38 -22.64 -5.15
C GLU E 169 21.59 -21.73 -6.13
N PRO E 170 21.72 -20.42 -5.97
CA PRO E 170 20.97 -19.60 -6.91
C PRO E 170 21.86 -19.58 -8.14
N ILE E 171 21.61 -20.53 -9.05
CA ILE E 171 22.44 -20.65 -10.24
C ILE E 171 22.20 -19.48 -11.20
N TRP E 172 21.00 -18.92 -11.17
CA TRP E 172 20.60 -17.76 -11.98
C TRP E 172 21.43 -16.51 -11.68
N ALA E 173 21.93 -16.45 -10.46
CA ALA E 173 22.74 -15.34 -10.03
C ALA E 173 24.16 -15.63 -10.43
N ILE E 174 24.46 -16.91 -10.61
CA ILE E 174 25.82 -17.31 -10.94
C ILE E 174 26.19 -17.28 -12.42
N GLY E 175 27.18 -16.43 -12.71
CA GLY E 175 27.68 -16.26 -14.07
C GLY E 175 26.73 -15.54 -15.03
N THR E 176 25.68 -14.91 -14.51
CA THR E 176 24.71 -14.22 -15.36
C THR E 176 24.15 -12.96 -14.74
N GLY E 177 24.99 -11.93 -14.65
CA GLY E 177 24.63 -10.60 -14.14
C GLY E 177 23.66 -10.31 -13.00
N LYS E 178 22.89 -11.31 -12.58
CA LYS E 178 21.97 -11.15 -11.46
C LYS E 178 22.76 -11.32 -10.17
N ALA E 179 22.12 -10.93 -9.06
CA ALA E 179 22.70 -11.00 -7.73
C ALA E 179 21.60 -11.33 -6.72
N ALA E 180 21.97 -12.12 -5.70
CA ALA E 180 20.99 -12.45 -4.67
C ALA E 180 21.35 -11.55 -3.52
N THR E 181 20.38 -11.31 -2.65
CA THR E 181 20.61 -10.45 -1.52
C THR E 181 20.26 -11.27 -0.32
N ALA E 182 20.70 -10.84 0.84
CA ALA E 182 20.35 -11.61 2.00
C ALA E 182 18.81 -11.77 2.09
N GLU E 183 18.11 -10.74 1.62
CA GLU E 183 16.65 -10.65 1.66
C GLU E 183 15.95 -11.57 0.68
N ASP E 184 16.50 -11.73 -0.51
CA ASP E 184 15.94 -12.67 -1.49
C ASP E 184 16.28 -14.08 -1.01
N ALA E 185 17.50 -14.26 -0.52
CA ALA E 185 17.98 -15.54 0.01
C ALA E 185 17.06 -16.00 1.13
N GLN E 186 16.89 -15.15 2.14
CA GLN E 186 16.02 -15.46 3.26
C GLN E 186 14.61 -15.83 2.79
N ARG E 187 14.15 -15.20 1.71
CA ARG E 187 12.82 -15.49 1.21
C ARG E 187 12.75 -16.87 0.59
N ILE E 188 13.82 -17.29 -0.11
CA ILE E 188 13.84 -18.62 -0.71
C ILE E 188 14.01 -19.74 0.31
N HIS E 189 14.77 -19.48 1.38
CA HIS E 189 14.98 -20.50 2.41
C HIS E 189 13.76 -20.76 3.25
N ALA E 190 12.89 -19.78 3.37
CA ALA E 190 11.72 -20.00 4.19
C ALA E 190 10.70 -20.77 3.40
N GLN E 191 10.74 -20.64 2.08
CA GLN E 191 9.81 -21.36 1.23
C GLN E 191 10.22 -22.80 1.18
N ILE E 192 11.54 -23.00 1.10
CA ILE E 192 12.11 -24.33 1.14
C ILE E 192 11.75 -24.95 2.48
N ARG E 193 12.04 -24.26 3.59
CA ARG E 193 11.72 -24.82 4.89
C ARG E 193 10.25 -25.12 5.07
N ALA E 194 9.41 -24.27 4.47
CA ALA E 194 7.97 -24.40 4.59
C ALA E 194 7.41 -25.59 3.80
N HIS E 195 8.13 -26.00 2.75
CA HIS E 195 7.76 -27.16 1.93
C HIS E 195 8.01 -28.42 2.72
N ILE E 196 9.14 -28.44 3.39
CA ILE E 196 9.54 -29.55 4.21
C ILE E 196 8.62 -29.61 5.43
N ALA E 197 8.19 -28.45 5.91
CA ALA E 197 7.33 -28.37 7.09
C ALA E 197 5.91 -28.83 6.79
N GLU E 198 5.53 -28.77 5.52
CA GLU E 198 4.20 -29.22 5.17
C GLU E 198 4.15 -30.72 5.42
N LYS E 199 5.30 -31.39 5.46
CA LYS E 199 5.35 -32.84 5.69
C LYS E 199 5.75 -33.12 7.11
N SER E 200 6.62 -32.31 7.68
CA SER E 200 7.03 -32.48 9.07
C SER E 200 7.61 -31.20 9.63
N GLU E 201 7.06 -30.75 10.75
CA GLU E 201 7.54 -29.53 11.37
C GLU E 201 8.82 -29.81 12.08
N ALA E 202 8.85 -30.96 12.76
CA ALA E 202 10.04 -31.33 13.49
C ALA E 202 11.24 -31.35 12.57
N VAL E 203 11.12 -32.04 11.43
CA VAL E 203 12.24 -32.11 10.49
C VAL E 203 12.55 -30.68 10.03
N ALA E 204 11.58 -29.96 9.48
CA ALA E 204 11.84 -28.60 9.02
C ALA E 204 12.54 -27.66 10.00
N LYS E 205 12.21 -27.74 11.29
CA LYS E 205 12.81 -26.86 12.30
C LYS E 205 14.28 -27.11 12.49
N ASN E 206 14.65 -28.35 12.34
CA ASN E 206 16.02 -28.76 12.55
C ASN E 206 16.97 -28.86 11.37
N VAL E 207 16.47 -28.86 10.15
CA VAL E 207 17.34 -28.97 9.00
C VAL E 207 18.12 -27.72 8.74
N VAL E 208 19.42 -27.92 8.49
CA VAL E 208 20.36 -26.85 8.19
C VAL E 208 20.26 -26.63 6.72
N ILE E 209 19.89 -25.41 6.33
CA ILE E 209 19.81 -25.06 4.94
C ILE E 209 20.88 -24.03 4.69
N GLN E 210 21.91 -24.43 3.99
CA GLN E 210 22.98 -23.53 3.69
C GLN E 210 22.66 -22.65 2.49
N TYR E 211 23.33 -21.52 2.44
CA TYR E 211 23.19 -20.61 1.34
C TYR E 211 24.37 -20.90 0.41
N GLY E 212 24.05 -21.20 -0.85
CA GLY E 212 25.09 -21.51 -1.80
C GLY E 212 25.48 -20.47 -2.82
N GLY E 213 24.96 -19.26 -2.74
CA GLY E 213 25.35 -18.27 -3.72
C GLY E 213 26.79 -17.86 -3.49
N SER E 214 27.18 -16.71 -4.01
CA SER E 214 28.54 -16.24 -3.81
C SER E 214 28.64 -15.54 -2.46
N VAL E 215 29.30 -16.17 -1.51
CA VAL E 215 29.42 -15.57 -0.19
C VAL E 215 30.85 -15.10 -0.11
N LYS E 216 31.04 -13.95 0.54
CA LYS E 216 32.35 -13.33 0.68
C LYS E 216 32.42 -12.72 2.06
N PRO E 217 33.65 -12.46 2.57
CA PRO E 217 33.77 -11.88 3.90
C PRO E 217 33.05 -10.55 4.09
N GLU E 218 32.85 -9.81 2.99
CA GLU E 218 32.17 -8.50 3.06
C GLU E 218 30.64 -8.61 3.16
N ASN E 219 30.06 -9.57 2.44
CA ASN E 219 28.63 -9.78 2.47
C ASN E 219 28.10 -10.90 3.44
N ALA E 220 28.99 -11.59 4.16
CA ALA E 220 28.54 -12.70 5.00
C ALA E 220 27.59 -12.43 6.16
N ALA E 221 27.90 -11.43 6.99
CA ALA E 221 27.03 -11.11 8.14
C ALA E 221 25.61 -10.73 7.72
N ALA E 222 25.51 -10.24 6.50
CA ALA E 222 24.25 -9.84 5.91
C ALA E 222 23.43 -11.11 5.79
N TYR E 223 24.03 -12.16 5.21
CA TYR E 223 23.35 -13.43 5.07
C TYR E 223 23.09 -14.22 6.35
N PHE E 224 24.12 -14.35 7.20
CA PHE E 224 23.97 -15.10 8.43
C PHE E 224 23.04 -14.40 9.41
N ALA E 225 22.63 -13.19 9.07
CA ALA E 225 21.69 -12.41 9.87
C ALA E 225 20.22 -12.93 9.69
N GLN E 226 19.89 -13.38 8.47
CA GLN E 226 18.56 -13.92 8.17
C GLN E 226 18.27 -15.17 8.99
N PRO E 227 17.09 -15.26 9.56
CA PRO E 227 16.82 -16.46 10.36
C PRO E 227 16.76 -17.82 9.65
N ASP E 228 16.63 -17.86 8.35
CA ASP E 228 16.53 -19.15 7.70
C ASP E 228 17.75 -19.63 6.96
N ILE E 229 18.83 -18.87 7.06
CA ILE E 229 20.11 -19.18 6.44
C ILE E 229 20.99 -19.71 7.59
N ASP E 230 21.22 -21.04 7.60
CA ASP E 230 22.00 -21.77 8.64
C ASP E 230 23.51 -22.01 8.42
N GLY E 231 24.05 -21.39 7.37
CA GLY E 231 25.45 -21.53 7.10
C GLY E 231 25.59 -21.16 5.65
N ALA E 232 26.71 -21.62 5.06
CA ALA E 232 27.05 -21.37 3.67
C ALA E 232 27.85 -22.54 3.08
N LEU E 233 27.77 -22.72 1.78
CA LEU E 233 28.57 -23.72 1.08
C LEU E 233 29.43 -22.80 0.26
N VAL E 234 30.67 -22.59 0.71
CA VAL E 234 31.57 -21.66 0.04
C VAL E 234 32.46 -22.20 -1.08
N GLY E 235 32.70 -21.39 -2.09
CA GLY E 235 33.51 -21.81 -3.21
C GLY E 235 34.88 -21.18 -3.12
N GLY E 236 35.05 -20.15 -3.95
CA GLY E 236 36.29 -19.37 -4.06
C GLY E 236 36.87 -18.84 -2.78
N ALA E 237 36.06 -18.33 -1.87
CA ALA E 237 36.56 -17.81 -0.60
C ALA E 237 37.07 -18.91 0.30
N ALA E 238 36.81 -20.17 -0.09
CA ALA E 238 37.25 -21.37 0.64
C ALA E 238 38.74 -21.60 0.47
N LEU E 239 39.29 -21.12 -0.65
CA LEU E 239 40.69 -21.28 -0.99
C LEU E 239 41.70 -20.46 -0.23
N ASP E 240 41.23 -19.58 0.63
CA ASP E 240 42.09 -18.73 1.45
C ASP E 240 41.72 -18.90 2.93
N ALA E 241 42.69 -19.18 3.78
CA ALA E 241 42.38 -19.35 5.19
C ALA E 241 41.82 -18.11 5.88
N LYS E 242 42.32 -16.92 5.49
CA LYS E 242 41.86 -15.68 6.12
C LYS E 242 40.45 -15.30 5.72
N SER E 243 40.10 -15.52 4.45
CA SER E 243 38.74 -15.28 3.97
C SER E 243 37.76 -16.30 4.49
N PHE E 244 38.08 -17.59 4.40
CA PHE E 244 37.18 -18.63 4.85
C PHE E 244 36.91 -18.58 6.36
N ALA E 245 37.93 -18.23 7.17
CA ALA E 245 37.79 -18.12 8.63
C ALA E 245 36.94 -16.91 9.04
N ALA E 246 36.97 -15.87 8.21
CA ALA E 246 36.18 -14.67 8.41
C ALA E 246 34.71 -15.01 8.23
N ILE E 247 34.39 -15.72 7.15
CA ILE E 247 33.03 -16.16 6.93
C ILE E 247 32.61 -17.10 8.05
N ALA E 248 33.47 -18.04 8.47
CA ALA E 248 33.08 -18.94 9.60
C ALA E 248 32.75 -18.14 10.88
N LYS E 249 33.61 -17.18 11.24
CA LYS E 249 33.39 -16.36 12.43
C LYS E 249 32.08 -15.57 12.42
N ALA E 250 31.80 -14.85 11.33
CA ALA E 250 30.55 -14.10 11.20
C ALA E 250 29.34 -14.98 11.46
N ALA E 251 29.37 -16.21 10.96
CA ALA E 251 28.29 -17.17 11.17
C ALA E 251 28.18 -17.48 12.66
N ALA E 252 29.34 -17.68 13.30
CA ALA E 252 29.43 -18.01 14.74
C ALA E 252 28.74 -16.93 15.55
N GLU E 253 29.13 -15.69 15.34
CA GLU E 253 28.50 -14.59 16.07
C GLU E 253 27.03 -14.36 15.71
N ALA E 254 26.71 -14.34 14.42
CA ALA E 254 25.35 -14.13 13.96
C ALA E 254 24.37 -15.01 14.66
N LYS E 255 24.76 -16.24 14.89
CA LYS E 255 23.87 -17.19 15.52
C LYS E 255 24.07 -17.49 16.99
N ALA E 256 24.91 -16.72 17.68
CA ALA E 256 25.11 -16.95 19.10
C ALA E 256 23.86 -16.59 19.92
N ARG F 2 58.22 -54.66 -29.39
CA ARG F 2 57.17 -54.22 -28.38
C ARG F 2 57.31 -54.84 -26.98
N HIS F 3 57.77 -54.01 -26.03
CA HIS F 3 57.96 -54.39 -24.63
C HIS F 3 56.59 -54.65 -23.99
N PRO F 4 56.35 -55.86 -23.48
CA PRO F 4 55.05 -56.13 -22.85
C PRO F 4 54.79 -55.20 -21.67
N VAL F 5 53.51 -54.87 -21.44
CA VAL F 5 53.05 -54.01 -20.35
C VAL F 5 51.90 -54.72 -19.72
N VAL F 6 51.96 -54.99 -18.40
CA VAL F 6 50.84 -55.64 -17.69
C VAL F 6 50.30 -54.68 -16.63
N MET F 7 49.02 -54.30 -16.77
CA MET F 7 48.38 -53.39 -15.82
C MET F 7 47.28 -54.00 -15.01
N GLY F 8 47.27 -53.62 -13.74
CA GLY F 8 46.26 -54.10 -12.83
C GLY F 8 45.22 -53.03 -12.58
N ASN F 9 43.98 -53.33 -12.96
CA ASN F 9 42.90 -52.40 -12.76
C ASN F 9 42.21 -52.91 -11.48
N TRP F 10 42.44 -52.24 -10.34
CA TRP F 10 41.85 -52.66 -9.06
C TRP F 10 40.38 -52.35 -8.92
N LYS F 11 39.90 -51.43 -9.77
CA LYS F 11 38.51 -51.01 -9.76
C LYS F 11 38.05 -50.35 -8.47
N LEU F 12 36.94 -50.82 -7.90
CA LEU F 12 36.39 -50.26 -6.67
C LEU F 12 36.69 -51.18 -5.53
N ASN F 13 37.99 -51.34 -5.28
CA ASN F 13 38.50 -52.22 -4.24
C ASN F 13 39.71 -51.58 -3.69
N GLY F 14 39.75 -51.50 -2.38
CA GLY F 14 40.91 -50.92 -1.75
C GLY F 14 40.51 -50.60 -0.34
N SER F 15 41.52 -50.54 0.52
CA SER F 15 41.37 -50.21 1.92
C SER F 15 42.77 -49.80 2.35
N LYS F 16 42.91 -49.23 3.53
CA LYS F 16 44.23 -48.81 3.95
C LYS F 16 45.14 -49.98 4.23
N GLU F 17 44.62 -51.08 4.79
CA GLU F 17 45.46 -52.25 5.08
C GLU F 17 45.84 -52.99 3.80
N MET F 18 44.81 -53.32 3.01
CA MET F 18 45.03 -54.00 1.75
C MET F 18 46.04 -53.31 0.81
N VAL F 19 45.86 -52.02 0.56
CA VAL F 19 46.75 -51.32 -0.34
C VAL F 19 48.20 -51.54 0.04
N VAL F 20 48.49 -51.45 1.32
CA VAL F 20 49.87 -51.61 1.76
C VAL F 20 50.31 -53.04 1.62
N ASP F 21 49.48 -53.97 2.12
CA ASP F 21 49.83 -55.37 1.98
C ASP F 21 50.11 -55.71 0.51
N LEU F 22 49.08 -55.58 -0.31
CA LEU F 22 49.16 -55.91 -1.72
C LEU F 22 50.36 -55.35 -2.43
N LEU F 23 50.62 -54.06 -2.27
CA LEU F 23 51.76 -53.43 -2.93
C LEU F 23 53.09 -53.94 -2.43
N ASN F 24 53.14 -54.38 -1.17
CA ASN F 24 54.39 -54.90 -0.63
C ASN F 24 54.58 -56.32 -1.14
N GLY F 25 53.52 -57.11 -1.04
CA GLY F 25 53.56 -58.46 -1.58
C GLY F 25 53.98 -58.33 -3.04
N LEU F 26 53.24 -57.55 -3.80
CA LEU F 26 53.56 -57.35 -5.19
C LEU F 26 55.03 -57.04 -5.41
N ASN F 27 55.60 -56.17 -4.61
CA ASN F 27 56.98 -55.80 -4.82
C ASN F 27 57.91 -56.98 -4.57
N ALA F 28 57.57 -57.77 -3.57
CA ALA F 28 58.35 -58.94 -3.23
C ALA F 28 58.39 -59.89 -4.43
N GLU F 29 57.21 -60.36 -4.84
CA GLU F 29 57.06 -61.29 -5.95
C GLU F 29 57.77 -60.83 -7.19
N LEU F 30 57.65 -59.56 -7.49
CA LEU F 30 58.29 -59.08 -8.69
C LEU F 30 59.72 -58.66 -8.48
N GLU F 31 60.30 -59.00 -7.35
CA GLU F 31 61.68 -58.62 -7.07
C GLU F 31 62.58 -59.14 -8.22
N GLY F 32 63.15 -58.19 -8.96
CA GLY F 32 64.01 -58.49 -10.09
C GLY F 32 63.39 -59.37 -11.18
N VAL F 33 62.15 -59.03 -11.58
CA VAL F 33 61.45 -59.79 -12.61
C VAL F 33 61.39 -59.03 -13.91
N THR F 34 62.56 -58.52 -14.31
CA THR F 34 62.82 -57.75 -15.54
C THR F 34 62.08 -58.24 -16.78
N GLY F 35 61.84 -57.34 -17.75
CA GLY F 35 61.17 -57.75 -18.99
C GLY F 35 59.79 -57.21 -19.33
N VAL F 36 59.04 -56.85 -18.29
CA VAL F 36 57.71 -56.32 -18.45
C VAL F 36 57.64 -55.01 -17.72
N ASP F 37 56.58 -54.25 -18.00
CA ASP F 37 56.28 -53.01 -17.31
C ASP F 37 55.04 -53.35 -16.48
N VAL F 38 55.13 -53.28 -15.16
CA VAL F 38 53.98 -53.58 -14.34
C VAL F 38 53.37 -52.30 -13.78
N ALA F 39 52.06 -52.13 -13.97
CA ALA F 39 51.40 -50.93 -13.48
C ALA F 39 50.17 -51.23 -12.65
N VAL F 40 49.91 -50.39 -11.66
CA VAL F 40 48.72 -50.51 -10.83
C VAL F 40 47.81 -49.25 -10.93
N ALA F 41 46.51 -49.49 -10.90
CA ALA F 41 45.52 -48.43 -10.99
C ALA F 41 44.60 -48.53 -9.80
N PRO F 42 44.92 -47.86 -8.70
CA PRO F 42 44.03 -47.94 -7.54
C PRO F 42 42.95 -46.82 -7.55
N PRO F 43 41.91 -46.97 -6.71
CA PRO F 43 40.87 -45.94 -6.66
C PRO F 43 41.56 -44.57 -6.34
N ALA F 44 41.06 -43.46 -6.87
CA ALA F 44 41.67 -42.16 -6.61
C ALA F 44 41.95 -41.91 -5.14
N LEU F 45 41.03 -42.31 -4.27
CA LEU F 45 41.32 -42.09 -2.86
C LEU F 45 42.65 -42.68 -2.39
N PHE F 46 43.15 -43.75 -3.05
CA PHE F 46 44.42 -44.42 -2.68
C PHE F 46 45.69 -44.17 -3.50
N VAL F 47 45.66 -43.16 -4.37
CA VAL F 47 46.84 -42.82 -5.16
C VAL F 47 47.92 -42.27 -4.26
N ASP F 48 47.55 -41.49 -3.25
CA ASP F 48 48.54 -40.93 -2.32
C ASP F 48 49.28 -42.08 -1.65
N LEU F 49 48.54 -43.02 -1.00
CA LEU F 49 49.10 -44.22 -0.32
C LEU F 49 49.98 -45.07 -1.22
N ALA F 50 49.47 -45.38 -2.40
CA ALA F 50 50.19 -46.17 -3.38
C ALA F 50 51.51 -45.51 -3.60
N GLU F 51 51.53 -44.23 -3.92
CA GLU F 51 52.81 -43.57 -4.15
C GLU F 51 53.77 -43.71 -2.99
N ARG F 52 53.32 -43.43 -1.79
CA ARG F 52 54.15 -43.50 -0.60
C ARG F 52 54.70 -44.92 -0.33
N THR F 53 53.86 -45.91 -0.49
CA THR F 53 54.24 -47.29 -0.29
C THR F 53 55.30 -47.73 -1.32
N LEU F 54 55.07 -47.46 -2.59
CA LEU F 54 56.00 -47.84 -3.63
C LEU F 54 57.31 -47.11 -3.46
N THR F 55 57.24 -45.80 -3.20
CA THR F 55 58.45 -45.01 -3.01
C THR F 55 59.28 -45.52 -1.83
N GLU F 56 58.65 -45.85 -0.71
CA GLU F 56 59.44 -46.40 0.40
C GLU F 56 60.10 -47.63 -0.19
N ALA F 57 59.29 -48.57 -0.64
CA ALA F 57 59.77 -49.81 -1.23
C ALA F 57 60.81 -49.62 -2.35
N GLY F 58 61.00 -48.40 -2.84
CA GLY F 58 61.94 -48.21 -3.93
C GLY F 58 61.53 -49.02 -5.18
N SER F 59 60.26 -49.44 -5.22
CA SER F 59 59.66 -50.24 -6.29
C SER F 59 59.73 -49.71 -7.73
N ALA F 60 59.50 -50.57 -8.70
CA ALA F 60 59.57 -50.16 -10.11
C ALA F 60 58.20 -50.20 -10.78
N ILE F 61 57.20 -50.63 -10.01
CA ILE F 61 55.81 -50.68 -10.45
C ILE F 61 55.35 -49.27 -10.85
N ILE F 62 54.63 -49.18 -11.96
CA ILE F 62 54.11 -47.89 -12.44
C ILE F 62 52.77 -47.59 -11.75
N LEU F 63 52.54 -46.31 -11.47
CA LEU F 63 51.30 -45.91 -10.82
C LEU F 63 50.35 -45.35 -11.88
N GLY F 64 49.11 -45.81 -11.84
CA GLY F 64 48.13 -45.31 -12.79
C GLY F 64 46.86 -44.91 -12.07
N ALA F 65 45.81 -44.59 -12.82
CA ALA F 65 44.53 -44.20 -12.23
C ALA F 65 43.45 -44.68 -13.19
N GLN F 66 42.25 -44.89 -12.66
CA GLN F 66 41.11 -45.40 -13.39
C GLN F 66 40.23 -44.48 -14.27
N ASN F 67 40.65 -43.23 -14.50
CA ASN F 67 39.84 -42.31 -15.30
C ASN F 67 40.42 -40.95 -15.17
N THR F 68 39.91 -40.03 -15.98
CA THR F 68 40.32 -38.63 -15.90
C THR F 68 39.15 -37.79 -16.36
N ASP F 69 39.22 -36.50 -16.06
CA ASP F 69 38.20 -35.59 -16.51
C ASP F 69 38.85 -34.66 -17.48
N LEU F 70 38.14 -33.65 -17.97
CA LEU F 70 38.70 -32.80 -18.99
C LEU F 70 39.34 -31.46 -18.61
N ASN F 71 39.63 -31.24 -17.33
CA ASN F 71 40.27 -29.98 -16.92
C ASN F 71 41.25 -30.25 -15.79
N ASN F 72 42.22 -29.36 -15.69
CA ASN F 72 43.23 -29.47 -14.67
C ASN F 72 42.89 -28.76 -13.37
N SER F 73 42.08 -27.72 -13.46
CA SER F 73 41.67 -26.97 -12.28
C SER F 73 40.51 -26.08 -12.63
N GLY F 74 39.76 -25.65 -11.63
CA GLY F 74 38.64 -24.78 -11.94
C GLY F 74 37.38 -25.16 -11.23
N ALA F 75 36.27 -24.58 -11.69
CA ALA F 75 35.00 -24.85 -11.05
C ALA F 75 34.42 -26.11 -11.64
N PHE F 76 34.95 -27.25 -11.20
CA PHE F 76 34.47 -28.51 -11.69
C PHE F 76 34.39 -29.43 -10.51
N THR F 77 33.32 -29.25 -9.75
CA THR F 77 33.12 -30.03 -8.56
C THR F 77 33.07 -31.50 -8.85
N GLY F 78 33.97 -32.23 -8.20
CA GLY F 78 34.02 -33.68 -8.30
C GLY F 78 34.94 -34.26 -9.37
N ASP F 79 35.60 -33.43 -10.17
CA ASP F 79 36.43 -33.93 -11.26
C ASP F 79 37.83 -34.43 -10.95
N MET F 80 38.33 -35.25 -11.88
CA MET F 80 39.65 -35.86 -11.86
C MET F 80 40.56 -35.06 -12.77
N SER F 81 41.63 -34.52 -12.20
CA SER F 81 42.59 -33.70 -12.92
C SER F 81 43.94 -34.33 -13.24
N PRO F 82 44.35 -34.32 -14.53
CA PRO F 82 45.63 -34.89 -14.95
C PRO F 82 46.78 -34.23 -14.20
N ALA F 83 46.72 -32.91 -14.06
CA ALA F 83 47.77 -32.18 -13.35
C ALA F 83 47.87 -32.61 -11.88
N MET F 84 46.74 -32.94 -11.25
CA MET F 84 46.77 -33.39 -9.87
C MET F 84 47.34 -34.81 -9.75
N LEU F 85 46.94 -35.68 -10.70
CA LEU F 85 47.43 -37.06 -10.77
C LEU F 85 48.96 -37.03 -10.94
N LYS F 86 49.48 -36.10 -11.75
CA LYS F 86 50.91 -35.95 -11.97
C LYS F 86 51.69 -35.64 -10.74
N GLU F 87 51.05 -35.06 -9.73
CA GLU F 87 51.74 -34.72 -8.50
C GLU F 87 52.10 -35.94 -7.65
N PHE F 88 51.48 -37.08 -7.96
CA PHE F 88 51.71 -38.32 -7.23
C PHE F 88 52.45 -39.32 -8.07
N GLY F 89 52.93 -38.89 -9.24
CA GLY F 89 53.67 -39.78 -10.11
C GLY F 89 52.82 -40.63 -11.05
N ALA F 90 51.49 -40.65 -10.91
CA ALA F 90 50.61 -41.45 -11.78
C ALA F 90 50.89 -41.09 -13.24
N THR F 91 50.73 -42.01 -14.19
CA THR F 91 51.01 -41.66 -15.58
C THR F 91 50.25 -42.47 -16.59
N HIS F 92 49.68 -43.58 -16.14
CA HIS F 92 48.94 -44.47 -16.98
C HIS F 92 47.50 -44.38 -16.56
N ILE F 93 46.66 -43.77 -17.41
CA ILE F 93 45.26 -43.55 -17.08
C ILE F 93 44.28 -44.34 -17.89
N ILE F 94 43.58 -45.24 -17.22
CA ILE F 94 42.57 -46.05 -17.88
C ILE F 94 41.42 -45.13 -18.31
N ILE F 95 41.09 -45.13 -19.59
CA ILE F 95 39.97 -44.34 -20.15
C ILE F 95 39.07 -45.20 -21.08
N GLY F 96 37.78 -44.94 -21.08
CA GLY F 96 36.85 -45.68 -21.93
C GLY F 96 36.48 -47.05 -21.42
N HIS F 97 36.93 -47.40 -20.24
CA HIS F 97 36.61 -48.71 -19.72
C HIS F 97 35.12 -49.05 -19.90
N SER F 98 34.84 -50.30 -20.21
CA SER F 98 33.48 -50.75 -20.45
C SER F 98 32.46 -50.41 -19.37
N GLU F 99 32.95 -50.27 -18.15
CA GLU F 99 32.10 -49.97 -16.99
C GLU F 99 31.68 -48.49 -16.94
N ARG F 100 32.58 -47.60 -17.34
CA ARG F 100 32.27 -46.17 -17.36
C ARG F 100 31.36 -45.90 -18.56
N ARG F 101 31.67 -46.54 -19.70
CA ARG F 101 30.87 -46.35 -20.93
C ARG F 101 29.39 -46.76 -20.71
N GLU F 102 29.21 -47.91 -20.07
CA GLU F 102 27.91 -48.45 -19.75
C GLU F 102 27.21 -47.67 -18.65
N TYR F 103 27.83 -47.58 -17.48
CA TYR F 103 27.22 -46.91 -16.36
C TYR F 103 27.21 -45.41 -16.44
N HIS F 104 28.31 -44.81 -16.84
CA HIS F 104 28.39 -43.36 -16.89
C HIS F 104 28.13 -42.81 -18.24
N ALA F 105 27.74 -43.70 -19.15
CA ALA F 105 27.43 -43.31 -20.53
C ALA F 105 28.52 -42.47 -21.20
N GLU F 106 29.77 -42.87 -21.03
CA GLU F 106 30.85 -42.15 -21.65
C GLU F 106 30.80 -42.57 -23.12
N SER F 107 30.90 -41.58 -23.98
CA SER F 107 30.80 -41.81 -25.41
C SER F 107 32.16 -41.84 -26.06
N ASP F 108 32.16 -42.29 -27.33
CA ASP F 108 33.36 -42.38 -28.16
C ASP F 108 34.01 -40.99 -28.24
N GLU F 109 33.21 -39.96 -28.46
CA GLU F 109 33.77 -38.64 -28.59
C GLU F 109 34.27 -38.15 -27.25
N PHE F 110 33.56 -38.48 -26.19
CA PHE F 110 33.98 -38.05 -24.83
C PHE F 110 35.34 -38.68 -24.49
N VAL F 111 35.40 -40.01 -24.59
CA VAL F 111 36.60 -40.77 -24.35
C VAL F 111 37.75 -40.32 -25.25
N ALA F 112 37.44 -39.89 -26.48
CA ALA F 112 38.48 -39.40 -27.39
C ALA F 112 39.07 -38.05 -26.91
N LYS F 113 38.23 -37.20 -26.33
CA LYS F 113 38.68 -35.92 -25.80
C LYS F 113 39.61 -36.19 -24.62
N LYS F 114 39.21 -37.16 -23.81
CA LYS F 114 40.03 -37.53 -22.68
C LYS F 114 41.42 -37.98 -23.22
N PHE F 115 41.41 -38.83 -24.25
CA PHE F 115 42.61 -39.36 -24.88
C PHE F 115 43.56 -38.22 -25.24
N ALA F 116 43.01 -37.23 -25.93
CA ALA F 116 43.77 -36.05 -26.36
C ALA F 116 44.29 -35.20 -25.22
N PHE F 117 43.47 -34.99 -24.19
CA PHE F 117 43.86 -34.18 -23.04
C PHE F 117 44.99 -34.83 -22.25
N LEU F 118 44.89 -36.14 -22.05
CA LEU F 118 45.92 -36.89 -21.33
C LEU F 118 47.27 -36.73 -22.03
N LYS F 119 47.24 -36.90 -23.34
CA LYS F 119 48.45 -36.80 -24.14
C LYS F 119 49.02 -35.41 -24.07
N GLU F 120 48.12 -34.44 -23.98
CA GLU F 120 48.46 -33.03 -23.90
C GLU F 120 49.12 -32.76 -22.56
N ASN F 121 48.86 -33.65 -21.61
CA ASN F 121 49.40 -33.47 -20.29
C ASN F 121 50.61 -34.30 -20.00
N GLY F 122 51.13 -34.94 -21.04
CA GLY F 122 52.30 -35.77 -20.87
C GLY F 122 51.99 -37.12 -20.24
N LEU F 123 50.73 -37.52 -20.23
CA LEU F 123 50.35 -38.79 -19.62
C LEU F 123 50.13 -39.87 -20.68
N THR F 124 50.01 -41.11 -20.22
CA THR F 124 49.80 -42.22 -21.12
C THR F 124 48.40 -42.82 -21.07
N PRO F 125 47.62 -42.65 -22.14
CA PRO F 125 46.28 -43.22 -22.11
C PRO F 125 46.28 -44.72 -22.35
N VAL F 126 45.33 -45.39 -21.73
CA VAL F 126 45.13 -46.82 -21.84
C VAL F 126 43.68 -46.88 -22.29
N LEU F 127 43.50 -46.65 -23.59
CA LEU F 127 42.20 -46.62 -24.24
C LEU F 127 41.51 -47.96 -24.32
N CYS F 128 40.34 -48.11 -23.73
CA CYS F 128 39.65 -49.38 -23.82
C CYS F 128 38.58 -49.39 -24.87
N ILE F 129 38.59 -50.45 -25.67
CA ILE F 129 37.59 -50.66 -26.72
C ILE F 129 37.06 -52.07 -26.52
N GLY F 130 35.97 -52.41 -27.19
CA GLY F 130 35.40 -53.73 -27.01
C GLY F 130 33.93 -53.78 -27.34
N GLU F 131 33.47 -54.91 -27.88
CA GLU F 131 32.11 -55.12 -28.30
C GLU F 131 31.23 -55.91 -27.32
N SER F 132 29.93 -55.66 -27.42
CA SER F 132 28.91 -56.29 -26.60
C SER F 132 28.65 -57.74 -27.00
N ASP F 133 27.73 -58.37 -26.28
CA ASP F 133 27.36 -59.73 -26.54
C ASP F 133 26.65 -59.82 -27.87
N ALA F 134 25.77 -58.86 -28.09
CA ALA F 134 24.95 -58.82 -29.28
C ALA F 134 25.66 -58.30 -30.48
N GLN F 135 26.65 -57.43 -30.28
CA GLN F 135 27.39 -56.94 -31.43
C GLN F 135 28.31 -58.08 -31.90
N ASN F 136 28.61 -59.01 -30.96
CA ASN F 136 29.45 -60.21 -31.21
C ASN F 136 28.67 -61.35 -31.91
N GLU F 137 27.44 -61.58 -31.46
CA GLU F 137 26.56 -62.57 -32.06
C GLU F 137 26.35 -62.11 -33.48
N ALA F 138 26.15 -60.82 -33.65
CA ALA F 138 25.95 -60.23 -34.97
C ALA F 138 27.23 -60.19 -35.84
N GLY F 139 28.35 -60.65 -35.29
CA GLY F 139 29.57 -60.62 -36.06
C GLY F 139 29.99 -59.21 -36.40
N GLU F 140 29.82 -58.28 -35.45
CA GLU F 140 30.22 -56.89 -35.67
C GLU F 140 31.45 -56.41 -34.87
N THR F 141 32.17 -57.36 -34.29
CA THR F 141 33.35 -57.07 -33.48
C THR F 141 34.28 -55.99 -33.99
N MET F 142 34.66 -56.07 -35.26
CA MET F 142 35.58 -55.10 -35.83
C MET F 142 34.97 -53.80 -36.24
N ALA F 143 33.66 -53.85 -36.49
CA ALA F 143 32.93 -52.66 -36.86
C ALA F 143 33.05 -51.81 -35.63
N VAL F 144 32.67 -52.37 -34.49
CA VAL F 144 32.74 -51.67 -33.23
C VAL F 144 34.13 -51.17 -32.84
N CYS F 145 35.14 -52.04 -32.88
CA CYS F 145 36.52 -51.67 -32.54
C CYS F 145 37.09 -50.66 -33.50
N ALA F 146 36.68 -50.73 -34.75
CA ALA F 146 37.15 -49.79 -35.73
C ALA F 146 36.56 -48.42 -35.39
N ARG F 147 35.29 -48.45 -35.01
CA ARG F 147 34.54 -47.24 -34.66
C ARG F 147 35.19 -46.51 -33.45
N GLN F 148 35.31 -47.21 -32.33
CA GLN F 148 35.90 -46.67 -31.13
C GLN F 148 37.31 -46.14 -31.31
N LEU F 149 38.04 -46.72 -32.24
CA LEU F 149 39.41 -46.33 -32.49
C LEU F 149 39.52 -45.12 -33.41
N ASP F 150 38.61 -45.05 -34.39
CA ASP F 150 38.59 -43.94 -35.35
C ASP F 150 38.19 -42.59 -34.78
N ALA F 151 37.49 -42.61 -33.65
CA ALA F 151 37.09 -41.39 -32.96
C ALA F 151 38.33 -40.61 -32.57
N VAL F 152 39.47 -41.30 -32.49
CA VAL F 152 40.74 -40.67 -32.16
C VAL F 152 41.53 -40.41 -33.44
N ILE F 153 41.72 -41.48 -34.21
CA ILE F 153 42.48 -41.47 -35.46
C ILE F 153 41.88 -40.46 -36.42
N ASN F 154 40.57 -40.52 -36.61
CA ASN F 154 39.95 -39.60 -37.54
C ASN F 154 39.83 -38.17 -37.06
N THR F 155 40.53 -37.82 -36.00
CA THR F 155 40.49 -36.45 -35.51
C THR F 155 41.89 -36.01 -35.23
N GLN F 156 42.55 -36.78 -34.37
CA GLN F 156 43.89 -36.52 -33.95
C GLN F 156 44.92 -37.09 -34.90
N GLY F 157 44.51 -38.13 -35.63
CA GLY F 157 45.39 -38.78 -36.58
C GLY F 157 46.17 -39.96 -36.05
N VAL F 158 46.37 -40.98 -36.89
CA VAL F 158 47.09 -42.19 -36.54
C VAL F 158 48.24 -41.95 -35.59
N GLU F 159 49.10 -41.00 -35.91
CA GLU F 159 50.24 -40.72 -35.05
C GLU F 159 49.79 -40.70 -33.61
N ALA F 160 48.70 -40.00 -33.29
CA ALA F 160 48.21 -39.86 -31.91
C ALA F 160 48.29 -41.11 -31.04
N LEU F 161 48.20 -42.30 -31.62
CA LEU F 161 48.31 -43.53 -30.84
C LEU F 161 49.78 -43.79 -30.44
N GLU F 162 50.63 -42.85 -30.85
CA GLU F 162 52.06 -42.84 -30.59
C GLU F 162 52.26 -42.88 -29.07
N GLY F 163 52.78 -43.98 -28.56
CA GLY F 163 53.01 -44.01 -27.12
C GLY F 163 51.77 -43.99 -26.27
N ALA F 164 50.81 -44.80 -26.68
CA ALA F 164 49.55 -44.99 -25.98
C ALA F 164 49.41 -46.50 -25.92
N ILE F 165 48.53 -46.97 -25.06
CA ILE F 165 48.25 -48.40 -24.94
C ILE F 165 46.75 -48.55 -25.31
N ILE F 166 46.41 -49.68 -25.94
CA ILE F 166 45.04 -49.96 -26.34
C ILE F 166 44.74 -51.23 -25.61
N ALA F 167 43.54 -51.36 -25.09
CA ALA F 167 43.20 -52.56 -24.36
C ALA F 167 41.89 -53.06 -24.93
N TYR F 168 41.88 -54.28 -25.44
CA TYR F 168 40.69 -54.85 -26.03
C TYR F 168 39.85 -55.60 -25.01
N GLU F 169 38.65 -55.12 -24.76
CA GLU F 169 37.75 -55.77 -23.81
C GLU F 169 36.67 -56.63 -24.43
N PRO F 170 36.77 -57.94 -24.28
CA PRO F 170 35.73 -58.80 -24.84
C PRO F 170 34.55 -58.77 -23.88
N ILE F 171 33.77 -57.69 -23.93
CA ILE F 171 32.61 -57.54 -23.04
C ILE F 171 31.58 -58.67 -23.21
N TRP F 172 31.46 -59.19 -24.44
CA TRP F 172 30.53 -60.29 -24.74
C TRP F 172 30.76 -61.50 -23.82
N ALA F 173 32.02 -61.84 -23.56
CA ALA F 173 32.35 -62.96 -22.65
C ALA F 173 32.07 -62.32 -21.28
N ILE F 174 32.46 -62.95 -20.16
CA ILE F 174 32.26 -62.41 -18.79
C ILE F 174 31.08 -63.04 -18.01
N GLY F 175 31.40 -64.19 -17.39
CA GLY F 175 30.43 -64.92 -16.60
C GLY F 175 29.22 -65.48 -17.36
N THR F 176 28.96 -64.93 -18.55
CA THR F 176 27.85 -65.31 -19.43
C THR F 176 28.09 -66.65 -20.15
N GLY F 177 28.80 -67.54 -19.47
CA GLY F 177 29.10 -68.86 -19.99
C GLY F 177 30.05 -68.77 -21.16
N LYS F 178 30.12 -67.58 -21.76
CA LYS F 178 30.99 -67.37 -22.91
C LYS F 178 32.41 -67.06 -22.56
N ALA F 179 33.29 -67.56 -23.43
CA ALA F 179 34.73 -67.45 -23.28
C ALA F 179 35.47 -67.09 -24.55
N ALA F 180 36.53 -66.33 -24.35
CA ALA F 180 37.44 -65.91 -25.42
C ALA F 180 38.63 -66.86 -25.23
N THR F 181 39.28 -67.24 -26.32
CA THR F 181 40.42 -68.13 -26.24
C THR F 181 41.60 -67.31 -26.68
N ALA F 182 42.82 -67.82 -26.52
CA ALA F 182 43.99 -67.07 -26.95
C ALA F 182 43.94 -66.87 -28.46
N GLU F 183 43.21 -67.75 -29.15
CA GLU F 183 43.07 -67.71 -30.62
C GLU F 183 42.13 -66.58 -31.05
N ASP F 184 41.02 -66.47 -30.33
CA ASP F 184 40.04 -65.42 -30.55
C ASP F 184 40.76 -64.09 -30.35
N ALA F 185 41.36 -63.94 -29.16
CA ALA F 185 42.10 -62.76 -28.78
C ALA F 185 43.08 -62.34 -29.88
N GLN F 186 43.92 -63.28 -30.34
CA GLN F 186 44.92 -62.98 -31.37
C GLN F 186 44.26 -62.60 -32.68
N ARG F 187 43.16 -63.28 -33.00
CA ARG F 187 42.40 -63.04 -34.23
C ARG F 187 42.07 -61.57 -34.21
N ILE F 188 41.29 -61.19 -33.21
CA ILE F 188 40.85 -59.82 -32.99
C ILE F 188 41.99 -58.77 -32.93
N HIS F 189 43.05 -59.03 -32.15
CA HIS F 189 44.18 -58.08 -32.03
C HIS F 189 44.91 -57.89 -33.31
N ALA F 190 44.83 -58.87 -34.20
CA ALA F 190 45.50 -58.76 -35.48
C ALA F 190 44.71 -57.84 -36.38
N GLN F 191 43.38 -57.93 -36.31
CA GLN F 191 42.49 -57.08 -37.10
C GLN F 191 42.64 -55.61 -36.69
N ILE F 192 42.67 -55.34 -35.38
CA ILE F 192 42.81 -53.97 -34.87
C ILE F 192 44.12 -53.39 -35.35
N ARG F 193 45.22 -54.11 -35.10
CA ARG F 193 46.54 -53.62 -35.50
C ARG F 193 46.53 -53.32 -36.99
N ALA F 194 45.95 -54.25 -37.75
CA ALA F 194 45.83 -54.14 -39.20
C ALA F 194 45.10 -52.85 -39.60
N HIS F 195 44.06 -52.54 -38.84
CA HIS F 195 43.26 -51.34 -39.08
C HIS F 195 44.11 -50.08 -38.92
N ILE F 196 45.09 -50.20 -38.04
CA ILE F 196 45.99 -49.11 -37.76
C ILE F 196 47.05 -49.14 -38.86
N ALA F 197 47.47 -50.35 -39.25
CA ALA F 197 48.49 -50.53 -40.27
C ALA F 197 48.08 -49.97 -41.61
N GLU F 198 46.80 -49.71 -41.75
CA GLU F 198 46.21 -49.18 -42.97
C GLU F 198 46.52 -47.70 -43.14
N LYS F 199 46.62 -46.99 -42.02
CA LYS F 199 46.94 -45.56 -42.09
C LYS F 199 48.46 -45.39 -41.91
N SER F 200 49.04 -46.23 -41.05
CA SER F 200 50.47 -46.23 -40.75
C SER F 200 50.89 -47.61 -40.23
N GLU F 201 51.95 -48.15 -40.82
CA GLU F 201 52.48 -49.45 -40.42
C GLU F 201 53.50 -49.30 -39.30
N ALA F 202 54.18 -48.15 -39.28
CA ALA F 202 55.17 -47.89 -38.25
C ALA F 202 54.44 -47.83 -36.92
N VAL F 203 53.39 -47.02 -36.88
CA VAL F 203 52.57 -46.89 -35.69
C VAL F 203 52.07 -48.28 -35.31
N ALA F 204 51.36 -48.91 -36.23
CA ALA F 204 50.80 -50.23 -35.96
C ALA F 204 51.77 -51.24 -35.37
N LYS F 205 52.96 -51.34 -35.93
CA LYS F 205 53.88 -52.34 -35.42
C LYS F 205 54.38 -52.04 -34.03
N ASN F 206 54.33 -50.76 -33.65
CA ASN F 206 54.78 -50.28 -32.34
C ASN F 206 53.75 -50.21 -31.20
N VAL F 207 52.49 -50.00 -31.54
CA VAL F 207 51.47 -49.82 -30.52
C VAL F 207 51.22 -51.05 -29.67
N VAL F 208 51.34 -50.88 -28.37
CA VAL F 208 51.09 -51.95 -27.41
C VAL F 208 49.60 -52.13 -27.39
N ILE F 209 49.17 -53.36 -27.55
CA ILE F 209 47.76 -53.70 -27.57
C ILE F 209 47.58 -54.79 -26.55
N GLN F 210 47.10 -54.41 -25.37
CA GLN F 210 46.87 -55.37 -24.29
C GLN F 210 45.54 -56.08 -24.49
N TYR F 211 45.41 -57.25 -23.89
CA TYR F 211 44.19 -58.03 -23.94
C TYR F 211 43.46 -57.83 -22.62
N GLY F 212 42.20 -57.43 -22.69
CA GLY F 212 41.43 -57.19 -21.49
C GLY F 212 40.47 -58.28 -21.04
N GLY F 213 40.60 -59.48 -21.55
CA GLY F 213 39.68 -60.53 -21.14
C GLY F 213 40.08 -61.13 -19.83
N SER F 214 39.44 -62.22 -19.46
CA SER F 214 39.76 -62.91 -18.22
C SER F 214 41.01 -63.76 -18.38
N VAL F 215 42.10 -63.30 -17.78
CA VAL F 215 43.37 -63.96 -17.85
C VAL F 215 43.76 -64.33 -16.43
N LYS F 216 44.20 -65.57 -16.25
CA LYS F 216 44.60 -66.08 -14.94
C LYS F 216 46.03 -66.62 -15.08
N PRO F 217 46.71 -66.90 -13.95
CA PRO F 217 48.08 -67.44 -13.95
C PRO F 217 48.33 -68.52 -14.98
N GLU F 218 47.36 -69.42 -15.13
CA GLU F 218 47.44 -70.52 -16.09
C GLU F 218 46.66 -70.27 -17.39
N ASN F 219 46.73 -69.05 -17.90
CA ASN F 219 46.10 -68.62 -19.15
C ASN F 219 47.22 -67.84 -19.75
N ALA F 220 47.65 -66.88 -18.93
CA ALA F 220 48.68 -65.91 -19.21
C ALA F 220 49.65 -66.21 -20.34
N ALA F 221 50.37 -67.33 -20.25
CA ALA F 221 51.35 -67.63 -21.30
C ALA F 221 50.75 -68.12 -22.62
N ALA F 222 49.55 -68.65 -22.55
CA ALA F 222 48.87 -69.08 -23.77
C ALA F 222 48.58 -67.76 -24.52
N TYR F 223 48.21 -66.74 -23.75
CA TYR F 223 47.92 -65.46 -24.32
C TYR F 223 49.14 -64.72 -24.75
N PHE F 224 50.09 -64.57 -23.84
CA PHE F 224 51.28 -63.82 -24.17
C PHE F 224 52.15 -64.41 -25.25
N ALA F 225 51.68 -65.53 -25.80
CA ALA F 225 52.34 -66.24 -26.88
C ALA F 225 51.96 -65.64 -28.23
N GLN F 226 50.71 -65.19 -28.36
CA GLN F 226 50.24 -64.61 -29.58
C GLN F 226 51.10 -63.40 -29.93
N PRO F 227 51.44 -63.26 -31.20
CA PRO F 227 52.26 -62.14 -31.62
C PRO F 227 51.66 -60.73 -31.54
N ASP F 228 50.33 -60.63 -31.50
CA ASP F 228 49.67 -59.31 -31.43
C ASP F 228 49.06 -58.89 -30.10
N ILE F 229 49.20 -59.77 -29.09
CA ILE F 229 48.76 -59.54 -27.73
C ILE F 229 50.05 -59.09 -27.00
N ASP F 230 50.13 -57.86 -26.51
CA ASP F 230 51.35 -57.38 -25.85
C ASP F 230 51.34 -57.20 -24.36
N GLY F 231 50.38 -57.81 -23.69
CA GLY F 231 50.28 -57.64 -22.26
C GLY F 231 48.83 -57.86 -21.87
N ALA F 232 48.47 -57.46 -20.65
CA ALA F 232 47.10 -57.65 -20.22
C ALA F 232 46.60 -56.55 -19.26
N LEU F 233 45.32 -56.21 -19.36
CA LEU F 233 44.78 -55.26 -18.43
C LEU F 233 44.02 -56.22 -17.54
N VAL F 234 44.60 -56.50 -16.38
CA VAL F 234 44.05 -57.46 -15.47
C VAL F 234 43.07 -56.91 -14.47
N GLY F 235 41.95 -57.63 -14.32
CA GLY F 235 40.90 -57.31 -13.38
C GLY F 235 41.06 -58.07 -12.07
N GLY F 236 40.28 -59.12 -11.83
CA GLY F 236 40.39 -59.87 -10.57
C GLY F 236 41.76 -60.35 -10.10
N ALA F 237 42.58 -60.90 -11.01
CA ALA F 237 43.91 -61.38 -10.61
C ALA F 237 44.82 -60.29 -10.03
N ALA F 238 44.53 -59.03 -10.36
CA ALA F 238 45.31 -57.87 -9.91
C ALA F 238 45.21 -57.62 -8.41
N LEU F 239 44.24 -58.25 -7.79
CA LEU F 239 44.00 -58.10 -6.38
C LEU F 239 44.77 -59.06 -5.53
N ASP F 240 45.44 -60.00 -6.19
CA ASP F 240 46.25 -60.98 -5.49
C ASP F 240 47.69 -60.85 -5.98
N ALA F 241 48.58 -60.56 -5.04
CA ALA F 241 49.99 -60.41 -5.34
C ALA F 241 50.60 -61.63 -6.09
N LYS F 242 50.27 -62.85 -5.66
CA LYS F 242 50.81 -64.05 -6.29
C LYS F 242 50.37 -64.17 -7.72
N SER F 243 49.05 -64.23 -7.88
CA SER F 243 48.44 -64.36 -9.22
C SER F 243 48.88 -63.28 -10.16
N PHE F 244 48.88 -62.04 -9.67
CA PHE F 244 49.22 -60.94 -10.54
C PHE F 244 50.69 -60.93 -10.93
N ALA F 245 51.58 -61.28 -10.00
CA ALA F 245 53.01 -61.31 -10.30
C ALA F 245 53.23 -62.39 -11.34
N ALA F 246 52.52 -63.51 -11.15
CA ALA F 246 52.55 -64.67 -12.07
C ALA F 246 52.31 -64.18 -13.50
N ILE F 247 51.14 -63.58 -13.71
CA ILE F 247 50.76 -63.04 -15.01
C ILE F 247 51.82 -62.10 -15.55
N ALA F 248 52.46 -61.33 -14.67
CA ALA F 248 53.47 -60.41 -15.12
C ALA F 248 54.67 -61.19 -15.61
N LYS F 249 55.07 -62.19 -14.83
CA LYS F 249 56.24 -63.02 -15.18
C LYS F 249 56.04 -63.73 -16.52
N ALA F 250 54.90 -64.41 -16.64
CA ALA F 250 54.56 -65.12 -17.85
C ALA F 250 54.75 -64.25 -19.07
N ALA F 251 54.26 -63.02 -19.03
CA ALA F 251 54.42 -62.15 -20.18
C ALA F 251 55.87 -61.76 -20.43
N ALA F 252 56.65 -61.63 -19.37
CA ALA F 252 58.04 -61.21 -19.48
C ALA F 252 58.85 -62.19 -20.31
N GLU F 253 58.82 -63.44 -19.87
CA GLU F 253 59.53 -64.52 -20.53
C GLU F 253 58.92 -64.82 -21.88
N ALA F 254 57.63 -65.14 -21.88
CA ALA F 254 56.89 -65.48 -23.09
C ALA F 254 57.22 -64.55 -24.24
N LYS F 255 57.51 -63.30 -23.92
CA LYS F 255 57.80 -62.32 -24.94
C LYS F 255 59.29 -62.28 -25.31
N ARG G 2 -2.36 4.37 24.58
CA ARG G 2 -2.69 2.94 24.31
C ARG G 2 -2.50 2.65 22.82
N HIS G 3 -1.75 1.58 22.55
CA HIS G 3 -1.44 1.16 21.19
C HIS G 3 -2.66 0.45 20.68
N PRO G 4 -3.16 0.84 19.50
CA PRO G 4 -4.37 0.18 19.00
C PRO G 4 -4.25 -1.25 18.54
N VAL G 5 -5.36 -1.97 18.73
CA VAL G 5 -5.49 -3.37 18.33
C VAL G 5 -6.74 -3.50 17.49
N VAL G 6 -6.56 -4.02 16.28
CA VAL G 6 -7.61 -4.29 15.32
C VAL G 6 -7.60 -5.82 15.12
N MET G 7 -8.70 -6.46 15.51
CA MET G 7 -8.84 -7.91 15.40
C MET G 7 -9.93 -8.29 14.44
N GLY G 8 -9.65 -9.19 13.52
CA GLY G 8 -10.69 -9.67 12.64
C GLY G 8 -11.27 -10.98 13.16
N ASN G 9 -12.55 -11.02 13.52
CA ASN G 9 -13.20 -12.27 13.94
C ASN G 9 -13.80 -12.83 12.66
N TRP G 10 -13.25 -13.91 12.11
CA TRP G 10 -13.76 -14.51 10.89
C TRP G 10 -15.02 -15.34 11.06
N LYS G 11 -15.46 -15.57 12.28
CA LYS G 11 -16.65 -16.40 12.47
C LYS G 11 -16.60 -17.74 11.70
N LEU G 12 -17.78 -18.24 11.31
CA LEU G 12 -17.85 -19.51 10.59
C LEU G 12 -17.52 -19.29 9.12
N ASN G 13 -16.28 -18.87 8.89
CA ASN G 13 -15.78 -18.60 7.56
C ASN G 13 -14.34 -19.09 7.42
N GLY G 14 -14.06 -19.74 6.30
CA GLY G 14 -12.73 -20.25 6.11
C GLY G 14 -12.75 -21.39 5.12
N SER G 15 -11.60 -21.65 4.52
CA SER G 15 -11.46 -22.71 3.57
C SER G 15 -9.97 -22.80 3.33
N LYS G 16 -9.49 -23.93 2.87
CA LYS G 16 -8.06 -24.02 2.67
C LYS G 16 -7.52 -22.97 1.73
N GLU G 17 -8.19 -22.76 0.61
CA GLU G 17 -7.69 -21.80 -0.36
C GLU G 17 -7.84 -20.40 0.15
N MET G 18 -8.94 -20.13 0.81
CA MET G 18 -9.21 -18.79 1.32
C MET G 18 -8.27 -18.35 2.43
N VAL G 19 -7.96 -19.23 3.37
CA VAL G 19 -7.07 -18.86 4.44
C VAL G 19 -5.72 -18.37 3.89
N VAL G 20 -5.15 -19.06 2.91
CA VAL G 20 -3.89 -18.55 2.47
C VAL G 20 -3.97 -17.35 1.60
N ASP G 21 -4.99 -17.24 0.77
CA ASP G 21 -5.08 -16.03 -0.04
C ASP G 21 -5.28 -14.81 0.84
N LEU G 22 -6.19 -14.90 1.79
CA LEU G 22 -6.47 -13.79 2.71
C LEU G 22 -5.25 -13.35 3.54
N LEU G 23 -4.55 -14.30 4.16
CA LEU G 23 -3.43 -13.94 4.99
C LEU G 23 -2.30 -13.40 4.16
N ASN G 24 -2.14 -13.88 2.93
CA ASN G 24 -1.05 -13.41 2.07
C ASN G 24 -1.28 -12.02 1.52
N GLY G 25 -2.52 -11.72 1.13
CA GLY G 25 -2.84 -10.39 0.62
C GLY G 25 -2.84 -9.37 1.74
N LEU G 26 -3.29 -9.81 2.90
CA LEU G 26 -3.36 -8.97 4.08
C LEU G 26 -1.99 -8.52 4.47
N ASN G 27 -1.07 -9.45 4.55
CA ASN G 27 0.33 -9.19 4.92
C ASN G 27 1.04 -8.29 3.86
N ALA G 28 0.53 -8.29 2.64
CA ALA G 28 1.13 -7.51 1.59
C ALA G 28 0.68 -6.10 1.78
N GLU G 29 -0.58 -5.95 2.15
CA GLU G 29 -1.19 -4.66 2.38
C GLU G 29 -0.66 -3.94 3.61
N LEU G 30 -0.14 -4.66 4.59
CA LEU G 30 0.28 -4.02 5.81
C LEU G 30 1.75 -3.74 5.85
N GLU G 31 2.37 -3.82 4.69
CA GLU G 31 3.79 -3.58 4.52
C GLU G 31 4.47 -2.48 5.28
N GLY G 32 4.04 -1.24 5.24
CA GLY G 32 4.85 -0.36 6.09
C GLY G 32 4.26 -0.06 7.45
N VAL G 33 3.03 -0.52 7.65
CA VAL G 33 2.21 -0.31 8.84
C VAL G 33 2.79 -0.88 10.11
N THR G 34 2.98 -0.06 11.15
CA THR G 34 3.58 -0.57 12.40
C THR G 34 2.99 -0.02 13.68
N GLY G 35 2.03 0.88 13.54
CA GLY G 35 1.45 1.44 14.72
C GLY G 35 0.13 0.87 15.11
N VAL G 36 -0.13 -0.40 14.78
CA VAL G 36 -1.38 -1.05 15.15
C VAL G 36 -1.04 -2.53 15.24
N ASP G 37 -1.63 -3.26 16.20
CA ASP G 37 -1.46 -4.71 16.34
C ASP G 37 -2.62 -5.29 15.55
N VAL G 38 -2.38 -6.16 14.56
CA VAL G 38 -3.44 -6.75 13.75
C VAL G 38 -3.54 -8.20 14.14
N ALA G 39 -4.68 -8.63 14.67
CA ALA G 39 -4.83 -10.04 15.05
C ALA G 39 -5.87 -10.64 14.13
N VAL G 40 -5.86 -11.94 13.96
CA VAL G 40 -6.81 -12.62 13.09
C VAL G 40 -7.28 -13.85 13.88
N ALA G 41 -8.57 -14.18 13.83
CA ALA G 41 -9.11 -15.33 14.57
C ALA G 41 -9.84 -16.26 13.61
N PRO G 42 -9.17 -17.28 13.11
CA PRO G 42 -9.90 -18.14 12.19
C PRO G 42 -10.59 -19.32 12.90
N PRO G 43 -11.39 -20.11 12.16
CA PRO G 43 -12.00 -21.24 12.88
C PRO G 43 -10.89 -22.19 13.33
N ALA G 44 -11.08 -22.87 14.47
CA ALA G 44 -10.12 -23.83 15.04
C ALA G 44 -9.54 -24.75 13.99
N LEU G 45 -10.38 -25.21 13.08
CA LEU G 45 -9.99 -26.07 11.97
C LEU G 45 -8.86 -25.51 11.15
N PHE G 46 -8.74 -24.18 11.10
CA PHE G 46 -7.70 -23.56 10.29
C PHE G 46 -6.63 -22.83 11.04
N VAL G 47 -6.53 -23.01 12.35
CA VAL G 47 -5.46 -22.37 13.09
C VAL G 47 -4.10 -22.88 12.65
N ASP G 48 -3.96 -24.18 12.36
CA ASP G 48 -2.68 -24.72 11.90
C ASP G 48 -2.27 -24.09 10.55
N LEU G 49 -3.16 -24.12 9.56
CA LEU G 49 -2.90 -23.54 8.25
C LEU G 49 -2.58 -22.06 8.40
N ALA G 50 -3.33 -21.37 9.25
CA ALA G 50 -3.07 -19.96 9.51
C ALA G 50 -1.60 -19.80 9.95
N GLU G 51 -1.15 -20.57 10.94
CA GLU G 51 0.22 -20.52 11.45
C GLU G 51 1.23 -20.78 10.37
N ARG G 52 0.99 -21.85 9.61
CA ARG G 52 1.92 -22.21 8.56
C ARG G 52 2.13 -21.04 7.59
N THR G 53 1.03 -20.40 7.16
CA THR G 53 1.09 -19.31 6.20
C THR G 53 1.85 -18.11 6.80
N LEU G 54 1.47 -17.68 8.00
CA LEU G 54 2.11 -16.55 8.64
C LEU G 54 3.58 -16.77 8.90
N THR G 55 3.92 -17.99 9.22
CA THR G 55 5.30 -18.30 9.49
C THR G 55 6.12 -18.26 8.21
N GLU G 56 5.63 -18.87 7.15
CA GLU G 56 6.37 -18.86 5.90
C GLU G 56 6.63 -17.43 5.44
N ALA G 57 5.66 -16.56 5.68
CA ALA G 57 5.73 -15.16 5.27
C ALA G 57 6.52 -14.28 6.21
N GLY G 58 6.79 -14.75 7.41
CA GLY G 58 7.51 -13.91 8.37
C GLY G 58 6.62 -12.79 8.75
N SER G 59 5.31 -13.03 8.70
CA SER G 59 4.31 -12.03 9.01
C SER G 59 4.37 -11.63 10.45
N ALA G 60 3.81 -10.46 10.76
CA ALA G 60 3.78 -9.98 12.13
C ALA G 60 2.34 -10.00 12.65
N ILE G 61 1.40 -10.42 11.79
CA ILE G 61 0.01 -10.50 12.16
C ILE G 61 -0.10 -11.47 13.33
N ILE G 62 -0.92 -11.14 14.32
CA ILE G 62 -1.14 -11.95 15.55
C ILE G 62 -2.24 -12.98 15.30
N LEU G 63 -2.04 -14.21 15.81
CA LEU G 63 -3.02 -15.30 15.64
C LEU G 63 -3.80 -15.45 16.92
N GLY G 64 -5.10 -15.66 16.75
CA GLY G 64 -6.00 -15.83 17.87
C GLY G 64 -6.99 -16.90 17.50
N ALA G 65 -7.99 -17.12 18.33
CA ALA G 65 -9.00 -18.13 18.10
C ALA G 65 -10.33 -17.55 18.57
N GLN G 66 -11.43 -18.24 18.29
CA GLN G 66 -12.76 -17.70 18.58
C GLN G 66 -13.41 -18.14 19.83
N ASN G 67 -12.75 -18.97 20.62
CA ASN G 67 -13.33 -19.45 21.86
C ASN G 67 -12.37 -20.38 22.58
N THR G 68 -12.66 -20.67 23.84
CA THR G 68 -11.85 -21.61 24.60
C THR G 68 -12.72 -22.28 25.63
N ASP G 69 -12.26 -23.40 26.13
CA ASP G 69 -12.98 -24.09 27.19
C ASP G 69 -12.10 -24.02 28.43
N LEU G 70 -12.53 -24.68 29.48
CA LEU G 70 -11.88 -24.63 30.79
C LEU G 70 -10.86 -25.70 31.16
N ASN G 71 -10.47 -26.54 30.20
CA ASN G 71 -9.47 -27.59 30.44
C ASN G 71 -8.39 -27.69 29.38
N ASN G 72 -7.18 -28.07 29.79
CA ASN G 72 -6.05 -28.22 28.88
C ASN G 72 -5.93 -29.61 28.26
N SER G 73 -6.28 -30.62 29.04
CA SER G 73 -6.26 -32.00 28.57
C SER G 73 -7.20 -32.77 29.47
N GLY G 74 -7.69 -33.91 28.97
CA GLY G 74 -8.57 -34.71 29.79
C GLY G 74 -9.76 -35.26 29.10
N ALA G 75 -10.70 -35.77 29.88
CA ALA G 75 -11.89 -36.35 29.31
C ALA G 75 -12.95 -35.33 28.96
N PHE G 76 -12.69 -34.49 27.98
CA PHE G 76 -13.71 -33.53 27.62
C PHE G 76 -13.85 -33.51 26.11
N THR G 77 -14.57 -34.51 25.61
CA THR G 77 -14.82 -34.65 24.17
C THR G 77 -15.30 -33.37 23.56
N GLY G 78 -14.64 -33.01 22.47
CA GLY G 78 -15.01 -31.81 21.75
C GLY G 78 -14.67 -30.45 22.31
N ASP G 79 -13.96 -30.35 23.43
CA ASP G 79 -13.57 -29.07 24.03
C ASP G 79 -12.33 -28.41 23.41
N MET G 80 -12.15 -27.11 23.70
CA MET G 80 -11.04 -26.30 23.20
C MET G 80 -10.02 -26.03 24.27
N SER G 81 -8.77 -26.35 23.97
CA SER G 81 -7.73 -26.22 24.94
C SER G 81 -6.74 -25.13 24.77
N PRO G 82 -6.57 -24.32 25.83
CA PRO G 82 -5.64 -23.20 25.85
C PRO G 82 -4.27 -23.73 25.53
N ALA G 83 -3.88 -24.85 26.13
CA ALA G 83 -2.55 -25.42 25.88
C ALA G 83 -2.38 -25.87 24.44
N MET G 84 -3.40 -26.49 23.87
CA MET G 84 -3.26 -26.89 22.47
C MET G 84 -3.16 -25.62 21.61
N LEU G 85 -3.93 -24.58 21.97
CA LEU G 85 -3.88 -23.32 21.23
C LEU G 85 -2.46 -22.72 21.29
N LYS G 86 -1.82 -22.76 22.45
CA LYS G 86 -0.45 -22.23 22.60
C LYS G 86 0.55 -22.89 21.67
N GLU G 87 0.30 -24.12 21.25
CA GLU G 87 1.21 -24.80 20.36
C GLU G 87 1.28 -24.20 18.99
N PHE G 88 0.19 -23.59 18.56
CA PHE G 88 0.15 -22.98 17.22
C PHE G 88 0.52 -21.51 17.28
N GLY G 89 0.79 -21.03 18.49
CA GLY G 89 1.12 -19.65 18.69
C GLY G 89 -0.10 -18.72 18.82
N ALA G 90 -1.31 -19.24 19.03
CA ALA G 90 -2.51 -18.41 19.17
C ALA G 90 -2.50 -17.72 20.52
N THR G 91 -2.59 -16.40 20.57
CA THR G 91 -2.56 -15.71 21.88
C THR G 91 -3.82 -15.01 22.27
N HIS G 92 -4.44 -14.31 21.32
CA HIS G 92 -5.67 -13.54 21.58
C HIS G 92 -6.90 -14.38 21.45
N ILE G 93 -7.55 -14.65 22.57
CA ILE G 93 -8.71 -15.52 22.53
C ILE G 93 -10.03 -14.84 22.86
N ILE G 94 -10.93 -14.80 21.88
CA ILE G 94 -12.24 -14.19 22.03
C ILE G 94 -13.11 -15.06 22.96
N ILE G 95 -13.66 -14.47 24.01
CA ILE G 95 -14.57 -15.17 24.94
C ILE G 95 -15.74 -14.22 25.21
N GLY G 96 -16.93 -14.78 25.42
CA GLY G 96 -18.09 -13.96 25.69
C GLY G 96 -18.80 -13.35 24.48
N HIS G 97 -18.37 -13.68 23.29
CA HIS G 97 -18.97 -13.13 22.12
C HIS G 97 -20.44 -13.28 22.23
N SER G 98 -21.14 -12.29 21.71
CA SER G 98 -22.57 -12.30 21.79
C SER G 98 -23.21 -13.49 21.13
N GLU G 99 -22.63 -13.98 20.05
CA GLU G 99 -23.23 -15.13 19.41
C GLU G 99 -23.14 -16.40 20.29
N ARG G 100 -22.14 -16.46 21.18
CA ARG G 100 -22.00 -17.62 22.07
C ARG G 100 -22.89 -17.47 23.29
N ARG G 101 -22.95 -16.22 23.77
CA ARG G 101 -23.79 -15.86 24.92
C ARG G 101 -25.28 -16.12 24.58
N GLU G 102 -25.64 -15.97 23.32
CA GLU G 102 -27.01 -16.20 22.88
C GLU G 102 -27.33 -17.61 22.42
N TYR G 103 -26.57 -18.09 21.47
CA TYR G 103 -26.76 -19.43 20.91
C TYR G 103 -26.34 -20.59 21.82
N HIS G 104 -25.36 -20.38 22.67
CA HIS G 104 -24.84 -21.42 23.57
C HIS G 104 -25.12 -21.08 25.01
N ALA G 105 -25.87 -20.03 25.21
CA ALA G 105 -26.22 -19.61 26.54
C ALA G 105 -25.06 -19.59 27.52
N GLU G 106 -23.95 -18.97 27.13
CA GLU G 106 -22.79 -18.86 28.04
C GLU G 106 -23.07 -17.68 29.04
N SER G 107 -23.02 -17.97 30.33
CA SER G 107 -23.30 -16.96 31.35
C SER G 107 -22.09 -16.09 31.63
N ASP G 108 -22.24 -15.09 32.50
CA ASP G 108 -21.12 -14.24 32.84
C ASP G 108 -20.17 -15.04 33.70
N GLU G 109 -20.74 -15.96 34.49
CA GLU G 109 -19.95 -16.82 35.39
C GLU G 109 -19.04 -17.73 34.58
N PHE G 110 -19.60 -18.32 33.52
CA PHE G 110 -18.86 -19.18 32.60
C PHE G 110 -17.76 -18.37 31.90
N VAL G 111 -18.16 -17.29 31.22
CA VAL G 111 -17.23 -16.40 30.54
C VAL G 111 -16.13 -15.96 31.52
N ALA G 112 -16.47 -15.50 32.71
CA ALA G 112 -15.47 -15.09 33.69
C ALA G 112 -14.49 -16.20 34.03
N LYS G 113 -14.96 -17.45 34.06
CA LYS G 113 -14.10 -18.58 34.34
C LYS G 113 -13.11 -18.75 33.22
N LYS G 114 -13.56 -18.58 31.98
CA LYS G 114 -12.62 -18.66 30.86
C LYS G 114 -11.55 -17.56 30.90
N PHE G 115 -11.90 -16.37 31.40
CA PHE G 115 -10.95 -15.25 31.48
C PHE G 115 -9.81 -15.63 32.40
N ALA G 116 -10.16 -16.15 33.57
CA ALA G 116 -9.15 -16.54 34.55
C ALA G 116 -8.23 -17.64 34.05
N PHE G 117 -8.80 -18.55 33.27
CA PHE G 117 -8.07 -19.67 32.75
C PHE G 117 -7.09 -19.22 31.65
N LEU G 118 -7.53 -18.23 30.88
CA LEU G 118 -6.69 -17.70 29.83
C LEU G 118 -5.50 -17.03 30.51
N LYS G 119 -5.80 -16.20 31.50
CA LYS G 119 -4.72 -15.52 32.21
C LYS G 119 -3.82 -16.58 32.82
N GLU G 120 -4.39 -17.64 33.38
CA GLU G 120 -3.58 -18.74 33.98
C GLU G 120 -2.62 -19.37 32.97
N ASN G 121 -3.05 -19.46 31.70
CA ASN G 121 -2.21 -20.07 30.69
C ASN G 121 -1.35 -19.14 29.90
N GLY G 122 -1.32 -17.86 30.24
CA GLY G 122 -0.46 -16.94 29.51
C GLY G 122 -1.05 -16.35 28.23
N LEU G 123 -2.36 -16.49 28.02
CA LEU G 123 -2.97 -15.96 26.79
C LEU G 123 -3.68 -14.64 27.04
N THR G 124 -4.05 -13.96 25.96
CA THR G 124 -4.72 -12.65 26.04
C THR G 124 -6.20 -12.77 25.76
N PRO G 125 -7.03 -12.57 26.80
CA PRO G 125 -8.45 -12.68 26.53
C PRO G 125 -9.06 -11.38 25.92
N VAL G 126 -9.90 -11.56 24.90
CA VAL G 126 -10.56 -10.42 24.27
C VAL G 126 -11.97 -10.59 24.84
N LEU G 127 -12.20 -9.94 25.97
CA LEU G 127 -13.47 -10.05 26.69
C LEU G 127 -14.59 -9.27 26.03
N CYS G 128 -15.55 -9.96 25.39
CA CYS G 128 -16.68 -9.25 24.80
C CYS G 128 -17.80 -8.96 25.83
N ILE G 129 -18.37 -7.75 25.78
CA ILE G 129 -19.47 -7.35 26.66
C ILE G 129 -20.40 -6.54 25.77
N GLY G 130 -21.64 -6.36 26.19
CA GLY G 130 -22.55 -5.56 25.39
C GLY G 130 -23.99 -5.80 25.77
N GLU G 131 -24.84 -4.79 25.53
CA GLU G 131 -26.27 -4.93 25.85
C GLU G 131 -27.20 -5.03 24.63
N SER G 132 -28.36 -5.66 24.87
CA SER G 132 -29.35 -5.86 23.83
C SER G 132 -30.21 -4.63 23.57
N ASP G 133 -31.07 -4.77 22.57
CA ASP G 133 -31.99 -3.72 22.15
C ASP G 133 -32.87 -3.22 23.31
N ALA G 134 -33.61 -4.15 23.92
CA ALA G 134 -34.48 -3.82 25.01
C ALA G 134 -33.79 -3.24 26.24
N GLN G 135 -32.51 -3.50 26.40
CA GLN G 135 -31.78 -2.98 27.56
C GLN G 135 -31.32 -1.59 27.23
N ASN G 136 -30.94 -1.42 25.99
CA ASN G 136 -30.49 -0.12 25.54
C ASN G 136 -31.67 0.86 25.50
N GLU G 137 -32.82 0.40 24.97
CA GLU G 137 -34.03 1.22 24.91
C GLU G 137 -34.36 1.56 26.36
N ALA G 138 -34.40 0.54 27.22
CA ALA G 138 -34.66 0.75 28.64
C ALA G 138 -33.50 1.53 29.23
N GLY G 139 -32.52 1.84 28.37
CA GLY G 139 -31.34 2.59 28.74
C GLY G 139 -30.53 2.02 29.90
N GLU G 140 -30.29 0.72 29.93
CA GLU G 140 -29.51 0.15 31.00
C GLU G 140 -28.12 -0.30 30.58
N THR G 141 -27.59 0.33 29.55
CA THR G 141 -26.27 0.02 29.04
C THR G 141 -25.17 -0.19 30.10
N MET G 142 -25.04 0.71 31.07
CA MET G 142 -23.97 0.50 32.05
C MET G 142 -24.20 -0.55 33.11
N ALA G 143 -25.46 -0.77 33.45
CA ALA G 143 -25.78 -1.78 34.44
C ALA G 143 -25.38 -3.15 33.86
N VAL G 144 -25.69 -3.37 32.58
CA VAL G 144 -25.36 -4.59 31.89
C VAL G 144 -23.85 -4.73 31.76
N CYS G 145 -23.19 -3.73 31.19
CA CYS G 145 -21.76 -3.75 31.02
C CYS G 145 -21.02 -3.92 32.32
N ALA G 146 -21.38 -3.15 33.33
CA ALA G 146 -20.73 -3.27 34.61
C ALA G 146 -20.98 -4.63 35.24
N ARG G 147 -22.18 -5.16 35.01
CA ARG G 147 -22.53 -6.47 35.54
C ARG G 147 -21.54 -7.46 34.97
N GLN G 148 -21.44 -7.45 33.65
CA GLN G 148 -20.56 -8.35 32.95
C GLN G 148 -19.07 -8.20 33.21
N LEU G 149 -18.59 -6.97 33.49
CA LEU G 149 -17.18 -6.76 33.79
C LEU G 149 -16.92 -7.16 35.24
N ASP G 150 -17.91 -6.93 36.10
CA ASP G 150 -17.77 -7.27 37.52
C ASP G 150 -17.60 -8.76 37.74
N ALA G 151 -18.21 -9.55 36.86
CA ALA G 151 -18.08 -11.01 36.90
C ALA G 151 -16.60 -11.37 37.02
N VAL G 152 -15.74 -10.64 36.31
CA VAL G 152 -14.34 -10.95 36.43
C VAL G 152 -13.70 -10.08 37.49
N ILE G 153 -14.05 -8.79 37.55
CA ILE G 153 -13.48 -7.91 38.56
C ILE G 153 -13.73 -8.32 40.00
N ASN G 154 -14.96 -8.70 40.30
CA ASN G 154 -15.32 -9.12 41.66
C ASN G 154 -14.83 -10.46 42.16
N THR G 155 -14.30 -11.27 41.26
CA THR G 155 -13.82 -12.57 41.64
C THR G 155 -12.32 -12.67 41.41
N GLN G 156 -11.76 -11.77 40.61
CA GLN G 156 -10.34 -11.83 40.33
C GLN G 156 -9.56 -10.52 40.57
N GLY G 157 -10.26 -9.39 40.75
CA GLY G 157 -9.56 -8.13 41.01
C GLY G 157 -9.29 -7.36 39.74
N VAL G 158 -9.38 -6.02 39.77
CA VAL G 158 -9.16 -5.23 38.55
C VAL G 158 -7.87 -5.49 37.85
N GLU G 159 -6.86 -5.88 38.61
CA GLU G 159 -5.57 -6.13 38.01
C GLU G 159 -5.63 -7.24 37.02
N ALA G 160 -6.68 -8.05 37.09
CA ALA G 160 -6.88 -9.16 36.16
C ALA G 160 -7.06 -8.64 34.73
N LEU G 161 -7.53 -7.41 34.61
CA LEU G 161 -7.74 -6.79 33.31
C LEU G 161 -6.45 -6.32 32.76
N GLU G 162 -5.40 -6.28 33.57
CA GLU G 162 -4.13 -5.83 33.04
C GLU G 162 -3.69 -6.86 32.03
N GLY G 163 -3.47 -6.39 30.80
CA GLY G 163 -3.05 -7.30 29.74
C GLY G 163 -4.21 -7.88 28.94
N ALA G 164 -5.43 -7.54 29.32
CA ALA G 164 -6.59 -8.05 28.61
C ALA G 164 -7.05 -6.97 27.65
N ILE G 165 -8.00 -7.36 26.80
CA ILE G 165 -8.61 -6.47 25.83
C ILE G 165 -10.11 -6.67 26.09
N ILE G 166 -10.89 -5.57 26.02
CA ILE G 166 -12.35 -5.56 26.23
C ILE G 166 -12.97 -5.08 24.93
N ALA G 167 -14.02 -5.71 24.43
CA ALA G 167 -14.66 -5.26 23.19
C ALA G 167 -16.12 -5.01 23.48
N TYR G 168 -16.56 -3.76 23.33
CA TYR G 168 -17.94 -3.42 23.54
C TYR G 168 -18.74 -3.79 22.29
N GLU G 169 -19.75 -4.65 22.45
CA GLU G 169 -20.63 -5.00 21.32
C GLU G 169 -22.01 -4.33 21.48
N PRO G 170 -22.31 -3.34 20.64
CA PRO G 170 -23.64 -2.74 20.81
C PRO G 170 -24.55 -3.70 20.06
N ILE G 171 -25.08 -4.67 20.79
CA ILE G 171 -25.93 -5.68 20.18
C ILE G 171 -27.26 -5.10 19.72
N TRP G 172 -27.72 -4.06 20.43
CA TRP G 172 -28.96 -3.33 20.11
C TRP G 172 -28.94 -2.67 18.74
N ALA G 173 -27.74 -2.37 18.27
CA ALA G 173 -27.56 -1.75 16.99
C ALA G 173 -27.48 -2.85 15.96
N ILE G 174 -27.12 -4.04 16.42
CA ILE G 174 -26.96 -5.16 15.51
C ILE G 174 -28.22 -5.97 15.18
N GLY G 175 -28.55 -5.93 13.89
CA GLY G 175 -29.72 -6.64 13.38
C GLY G 175 -31.07 -6.03 13.78
N THR G 176 -31.06 -4.80 14.30
CA THR G 176 -32.31 -4.16 14.73
C THR G 176 -32.34 -2.66 14.51
N GLY G 177 -32.42 -2.28 13.24
CA GLY G 177 -32.52 -0.88 12.81
C GLY G 177 -31.83 0.32 13.45
N LYS G 178 -31.26 0.13 14.65
CA LYS G 178 -30.53 1.19 15.33
C LYS G 178 -29.10 1.21 14.75
N ALA G 179 -28.40 2.30 15.07
CA ALA G 179 -27.02 2.53 14.63
C ALA G 179 -26.25 3.25 15.72
N ALA G 180 -24.96 2.91 15.86
CA ALA G 180 -24.15 3.58 16.85
C ALA G 180 -23.34 4.58 16.05
N THR G 181 -22.86 5.61 16.73
CA THR G 181 -22.09 6.64 16.06
C THR G 181 -20.80 6.70 16.81
N ALA G 182 -19.80 7.30 16.20
CA ALA G 182 -18.56 7.39 16.92
C ALA G 182 -18.78 8.07 18.29
N GLU G 183 -19.74 9.00 18.30
CA GLU G 183 -20.09 9.82 19.47
C GLU G 183 -20.80 9.04 20.58
N ASP G 184 -21.70 8.14 20.20
CA ASP G 184 -22.37 7.30 21.18
C ASP G 184 -21.36 6.27 21.67
N ALA G 185 -20.56 5.74 20.75
CA ALA G 185 -19.52 4.76 21.06
C ALA G 185 -18.56 5.35 22.09
N GLN G 186 -17.98 6.51 21.75
CA GLN G 186 -17.06 7.19 22.65
C GLN G 186 -17.70 7.41 24.03
N ARG G 187 -19.01 7.65 24.06
CA ARG G 187 -19.67 7.88 25.34
C ARG G 187 -19.75 6.61 26.16
N ILE G 188 -19.99 5.47 25.50
CA ILE G 188 -20.05 4.20 26.22
C ILE G 188 -18.69 3.71 26.69
N HIS G 189 -17.64 3.97 25.92
CA HIS G 189 -16.29 3.54 26.30
C HIS G 189 -15.72 4.31 27.45
N ALA G 190 -16.17 5.54 27.64
CA ALA G 190 -15.63 6.32 28.74
C ALA G 190 -16.30 5.91 30.02
N GLN G 191 -17.53 5.41 29.92
CA GLN G 191 -18.27 4.98 31.08
C GLN G 191 -17.69 3.66 31.53
N ILE G 192 -17.39 2.82 30.55
CA ILE G 192 -16.75 1.54 30.81
C ILE G 192 -15.40 1.83 31.44
N ARG G 193 -14.57 2.68 30.83
CA ARG G 193 -13.27 2.97 31.40
C ARG G 193 -13.36 3.56 32.79
N ALA G 194 -14.39 4.36 33.02
CA ALA G 194 -14.59 5.04 34.30
C ALA G 194 -14.99 4.08 35.41
N HIS G 195 -15.63 2.97 35.04
CA HIS G 195 -16.04 1.94 36.00
C HIS G 195 -14.83 1.19 36.48
N ILE G 196 -13.94 0.90 35.55
CA ILE G 196 -12.71 0.22 35.83
C ILE G 196 -11.80 1.15 36.64
N ALA G 197 -11.89 2.44 36.35
CA ALA G 197 -11.06 3.43 37.03
C ALA G 197 -11.50 3.67 38.46
N GLU G 198 -12.74 3.36 38.75
CA GLU G 198 -13.22 3.53 40.10
C GLU G 198 -12.47 2.54 40.98
N LYS G 199 -11.93 1.47 40.38
CA LYS G 199 -11.19 0.47 41.14
C LYS G 199 -9.70 0.65 40.97
N SER G 200 -9.28 1.08 39.79
CA SER G 200 -7.86 1.33 39.55
C SER G 200 -7.67 2.25 38.36
N GLU G 201 -6.96 3.33 38.56
CA GLU G 201 -6.72 4.27 37.48
C GLU G 201 -5.66 3.73 36.57
N ALA G 202 -4.64 3.14 37.17
CA ALA G 202 -3.57 2.59 36.39
C ALA G 202 -4.11 1.57 35.41
N VAL G 203 -4.92 0.62 35.89
CA VAL G 203 -5.48 -0.38 34.99
C VAL G 203 -6.34 0.34 33.94
N ALA G 204 -7.31 1.14 34.35
CA ALA G 204 -8.16 1.82 33.38
C ALA G 204 -7.44 2.60 32.28
N LYS G 205 -6.33 3.26 32.60
CA LYS G 205 -5.58 4.05 31.61
C LYS G 205 -4.99 3.22 30.53
N ASN G 206 -4.59 2.01 30.91
CA ASN G 206 -3.93 1.13 29.98
C ASN G 206 -4.73 0.08 29.25
N VAL G 207 -5.95 -0.20 29.67
CA VAL G 207 -6.74 -1.21 29.01
C VAL G 207 -7.25 -0.77 27.66
N VAL G 208 -7.10 -1.67 26.69
CA VAL G 208 -7.53 -1.47 25.32
C VAL G 208 -8.96 -1.88 25.28
N ILE G 209 -9.83 -0.94 24.92
CA ILE G 209 -11.24 -1.23 24.79
C ILE G 209 -11.58 -1.10 23.34
N GLN G 210 -11.83 -2.21 22.69
CA GLN G 210 -12.16 -2.19 21.30
C GLN G 210 -13.64 -1.89 21.08
N TYR G 211 -13.94 -1.39 19.90
CA TYR G 211 -15.29 -1.10 19.53
C TYR G 211 -15.75 -2.30 18.70
N GLY G 212 -16.85 -2.90 19.12
CA GLY G 212 -17.37 -4.06 18.44
C GLY G 212 -18.56 -3.92 17.53
N GLY G 213 -19.03 -2.70 17.30
CA GLY G 213 -20.18 -2.58 16.43
C GLY G 213 -19.79 -2.89 15.00
N SER G 214 -20.58 -2.44 14.04
CA SER G 214 -20.25 -2.68 12.64
C SER G 214 -19.25 -1.63 12.18
N VAL G 215 -18.00 -2.02 11.98
CA VAL G 215 -17.00 -1.06 11.55
C VAL G 215 -16.76 -1.40 10.09
N LYS G 216 -16.53 -0.35 9.29
CA LYS G 216 -16.32 -0.47 7.86
C LYS G 216 -15.27 0.54 7.46
N PRO G 217 -14.61 0.34 6.30
CA PRO G 217 -13.59 1.28 5.88
C PRO G 217 -14.07 2.73 5.73
N GLU G 218 -15.36 2.93 5.49
CA GLU G 218 -15.93 4.27 5.34
C GLU G 218 -16.16 4.99 6.67
N ASN G 219 -16.61 4.25 7.69
CA ASN G 219 -16.84 4.82 9.00
C ASN G 219 -15.69 4.66 10.06
N ALA G 220 -14.58 4.00 9.70
CA ALA G 220 -13.53 3.75 10.68
C ALA G 220 -12.80 4.92 11.33
N ALA G 221 -12.34 5.87 10.52
CA ALA G 221 -11.61 7.03 11.07
C ALA G 221 -12.46 7.86 12.04
N ALA G 222 -13.77 7.76 11.85
CA ALA G 222 -14.73 8.43 12.68
C ALA G 222 -14.59 7.84 14.07
N TYR G 223 -14.59 6.50 14.14
CA TYR G 223 -14.43 5.82 15.42
C TYR G 223 -13.06 5.89 16.06
N PHE G 224 -11.99 5.64 15.28
CA PHE G 224 -10.65 5.68 15.82
C PHE G 224 -10.23 7.09 16.21
N ALA G 225 -11.07 8.07 15.87
CA ALA G 225 -10.83 9.47 16.24
C ALA G 225 -11.17 9.73 17.75
N GLN G 226 -12.19 9.04 18.28
CA GLN G 226 -12.58 9.17 19.67
C GLN G 226 -11.45 8.72 20.60
N PRO G 227 -11.18 9.49 21.64
CA PRO G 227 -10.09 9.06 22.53
C PRO G 227 -10.27 7.76 23.34
N ASP G 228 -11.48 7.25 23.46
CA ASP G 228 -11.61 6.03 24.26
C ASP G 228 -11.84 4.75 23.51
N ILE G 229 -11.75 4.83 22.19
CA ILE G 229 -11.90 3.69 21.29
C ILE G 229 -10.47 3.33 20.85
N ASP G 230 -9.93 2.22 21.39
CA ASP G 230 -8.54 1.73 21.14
C ASP G 230 -8.31 0.71 20.02
N GLY G 231 -9.34 0.45 19.23
CA GLY G 231 -9.22 -0.46 18.13
C GLY G 231 -10.62 -0.88 17.80
N ALA G 232 -10.73 -2.02 17.14
CA ALA G 232 -12.00 -2.61 16.71
C ALA G 232 -11.92 -4.15 16.70
N LEU G 233 -13.06 -4.80 16.87
CA LEU G 233 -13.15 -6.25 16.75
C LEU G 233 -14.01 -6.32 15.52
N VAL G 234 -13.39 -6.59 14.38
CA VAL G 234 -14.11 -6.63 13.11
C VAL G 234 -14.73 -7.96 12.67
N GLY G 235 -15.87 -7.90 12.02
CA GLY G 235 -16.54 -9.10 11.58
C GLY G 235 -16.37 -9.27 10.09
N GLY G 236 -17.45 -8.93 9.37
CA GLY G 236 -17.54 -9.02 7.92
C GLY G 236 -16.43 -8.36 7.14
N ALA G 237 -15.98 -7.18 7.54
CA ALA G 237 -14.90 -6.51 6.83
C ALA G 237 -13.57 -7.21 7.00
N ALA G 238 -13.53 -8.18 7.92
CA ALA G 238 -12.33 -8.99 8.23
C ALA G 238 -12.06 -9.99 7.10
N LEU G 239 -13.11 -10.38 6.38
CA LEU G 239 -13.04 -11.35 5.30
C LEU G 239 -12.40 -10.91 4.01
N ASP G 240 -12.05 -9.64 3.91
CA ASP G 240 -11.41 -9.08 2.72
C ASP G 240 -10.09 -8.39 3.12
N ALA G 241 -9.00 -8.73 2.47
CA ALA G 241 -7.73 -8.10 2.81
C ALA G 241 -7.69 -6.59 2.59
N LYS G 242 -8.34 -6.12 1.52
CA LYS G 242 -8.33 -4.68 1.23
C LYS G 242 -9.15 -3.86 2.20
N SER G 243 -10.31 -4.38 2.61
CA SER G 243 -11.15 -3.74 3.60
C SER G 243 -10.54 -3.79 4.99
N PHE G 244 -10.09 -4.96 5.43
CA PHE G 244 -9.52 -5.10 6.76
C PHE G 244 -8.24 -4.29 6.95
N ALA G 245 -7.39 -4.19 5.91
CA ALA G 245 -6.13 -3.42 5.97
C ALA G 245 -6.40 -1.91 6.01
N ALA G 246 -7.52 -1.49 5.40
CA ALA G 246 -7.95 -0.10 5.40
C ALA G 246 -8.33 0.30 6.81
N ILE G 247 -9.14 -0.53 7.48
CA ILE G 247 -9.50 -0.30 8.85
C ILE G 247 -8.24 -0.31 9.72
N ALA G 248 -7.33 -1.26 9.52
CA ALA G 248 -6.09 -1.26 10.34
C ALA G 248 -5.29 0.05 10.17
N LYS G 249 -5.10 0.49 8.93
CA LYS G 249 -4.36 1.73 8.65
C LYS G 249 -4.97 2.99 9.32
N ALA G 250 -6.27 3.19 9.15
CA ALA G 250 -6.95 4.34 9.77
C ALA G 250 -6.69 4.38 11.27
N ALA G 251 -6.70 3.22 11.93
CA ALA G 251 -6.42 3.14 13.35
C ALA G 251 -4.99 3.59 13.62
N ALA G 252 -4.06 3.13 12.77
CA ALA G 252 -2.62 3.46 12.87
C ALA G 252 -2.44 4.95 12.85
N GLU G 253 -2.98 5.61 11.83
CA GLU G 253 -2.85 7.06 11.76
C GLU G 253 -3.60 7.82 12.86
N ALA G 254 -4.86 7.45 13.11
CA ALA G 254 -5.67 8.09 14.13
C ALA G 254 -4.95 8.22 15.44
N LYS G 255 -4.21 7.19 15.79
CA LYS G 255 -3.51 7.17 17.05
C LYS G 255 -2.02 7.49 17.05
N ALA G 256 -1.49 7.94 15.92
CA ALA G 256 -0.07 8.27 15.88
C ALA G 256 0.24 9.51 16.73
N ARG H 2 -22.72 -57.36 9.13
CA ARG H 2 -22.21 -56.08 9.78
C ARG H 2 -20.69 -56.01 9.99
N HIS H 3 -20.02 -55.22 9.15
CA HIS H 3 -18.57 -55.01 9.20
C HIS H 3 -18.22 -54.24 10.48
N PRO H 4 -17.38 -54.81 11.36
CA PRO H 4 -17.02 -54.10 12.59
C PRO H 4 -16.35 -52.76 12.29
N VAL H 5 -16.56 -51.79 13.18
CA VAL H 5 -15.98 -50.44 13.09
C VAL H 5 -15.43 -50.13 14.44
N VAL H 6 -14.13 -49.80 14.53
CA VAL H 6 -13.52 -49.42 15.82
C VAL H 6 -13.04 -47.98 15.74
N MET H 7 -13.59 -47.12 16.59
CA MET H 7 -13.21 -45.71 16.62
C MET H 7 -12.51 -45.26 17.88
N GLY H 8 -11.50 -44.44 17.68
CA GLY H 8 -10.75 -43.91 18.78
C GLY H 8 -11.16 -42.47 19.06
N ASN H 9 -11.68 -42.24 20.26
CA ASN H 9 -12.08 -40.91 20.65
C ASN H 9 -10.91 -40.41 21.49
N TRP H 10 -10.06 -39.53 20.93
CA TRP H 10 -8.88 -39.01 21.66
C TRP H 10 -9.22 -37.98 22.72
N LYS H 11 -10.43 -37.41 22.61
CA LYS H 11 -10.90 -36.40 23.54
C LYS H 11 -10.06 -35.12 23.56
N LEU H 12 -9.65 -34.67 24.74
CA LEU H 12 -8.87 -33.46 24.88
C LEU H 12 -7.43 -33.80 25.14
N ASN H 13 -6.84 -34.47 24.15
CA ASN H 13 -5.46 -34.95 24.21
C ASN H 13 -4.92 -34.84 22.85
N GLY H 14 -3.75 -34.24 22.76
CA GLY H 14 -3.12 -34.11 21.48
C GLY H 14 -2.05 -33.08 21.63
N SER H 15 -1.05 -33.17 20.76
CA SER H 15 0.05 -32.24 20.71
C SER H 15 0.63 -32.46 19.31
N LYS H 16 1.53 -31.59 18.88
CA LYS H 16 2.09 -31.76 17.55
C LYS H 16 2.96 -32.97 17.44
N GLU H 17 3.73 -33.30 18.48
CA GLU H 17 4.61 -34.48 18.42
C GLU H 17 3.80 -35.77 18.51
N MET H 18 2.96 -35.84 19.55
CA MET H 18 2.11 -37.00 19.75
C MET H 18 1.26 -37.38 18.52
N VAL H 19 0.53 -36.43 17.96
CA VAL H 19 -0.32 -36.74 16.83
C VAL H 19 0.44 -37.45 15.75
N VAL H 20 1.63 -36.99 15.45
CA VAL H 20 2.41 -37.61 14.39
C VAL H 20 2.90 -38.97 14.81
N ASP H 21 3.48 -39.05 16.01
CA ASP H 21 3.95 -40.33 16.51
C ASP H 21 2.80 -41.36 16.45
N LEU H 22 1.77 -41.10 17.25
CA LEU H 22 0.63 -41.98 17.35
C LEU H 22 0.07 -42.47 16.05
N LEU H 23 -0.18 -41.56 15.12
CA LEU H 23 -0.74 -41.94 13.83
C LEU H 23 0.21 -42.77 13.00
N ASN H 24 1.51 -42.58 13.19
CA ASN H 24 2.49 -43.37 12.44
C ASN H 24 2.57 -44.76 13.08
N GLY H 25 2.69 -44.78 14.40
CA GLY H 25 2.69 -46.05 15.10
C GLY H 25 1.43 -46.79 14.69
N LEU H 26 0.29 -46.15 14.87
CA LEU H 26 -0.96 -46.75 14.49
C LEU H 26 -0.93 -47.35 13.09
N ASN H 27 -0.38 -46.63 12.14
CA ASN H 27 -0.37 -47.13 10.78
C ASN H 27 0.49 -48.39 10.66
N ALA H 28 1.60 -48.39 11.38
CA ALA H 28 2.51 -49.51 11.37
C ALA H 28 1.76 -50.75 11.86
N GLU H 29 1.30 -50.70 13.11
CA GLU H 29 0.57 -51.79 13.74
C GLU H 29 -0.54 -52.32 12.90
N LEU H 30 -1.28 -51.44 12.30
CA LEU H 30 -2.39 -51.91 11.51
C LEU H 30 -2.03 -52.22 10.07
N GLU H 31 -0.74 -52.27 9.80
CA GLU H 31 -0.30 -52.56 8.43
C GLU H 31 -0.95 -53.89 7.96
N GLY H 32 -1.82 -53.78 6.96
CA GLY H 32 -2.53 -54.92 6.41
C GLY H 32 -3.34 -55.72 7.41
N VAL H 33 -4.13 -55.04 8.25
CA VAL H 33 -4.94 -55.69 9.27
C VAL H 33 -6.41 -55.65 8.89
N THR H 34 -6.68 -56.02 7.64
CA THR H 34 -8.01 -56.09 7.01
C THR H 34 -9.13 -56.61 7.89
N GLY H 35 -10.38 -56.25 7.59
CA GLY H 35 -11.51 -56.74 8.38
C GLY H 35 -12.34 -55.78 9.23
N VAL H 36 -11.71 -54.70 9.65
CA VAL H 36 -12.34 -53.69 10.48
C VAL H 36 -12.17 -52.37 9.80
N ASP H 37 -12.94 -51.39 10.27
CA ASP H 37 -12.84 -50.00 9.82
C ASP H 37 -12.26 -49.29 11.05
N VAL H 38 -11.06 -48.72 10.94
CA VAL H 38 -10.48 -48.01 12.07
C VAL H 38 -10.58 -46.50 11.87
N ALA H 39 -11.11 -45.80 12.86
CA ALA H 39 -11.25 -44.36 12.76
C ALA H 39 -10.69 -43.62 13.95
N VAL H 40 -10.15 -42.43 13.69
CA VAL H 40 -9.64 -41.57 14.76
C VAL H 40 -10.39 -40.22 14.81
N ALA H 41 -10.57 -39.73 16.03
CA ALA H 41 -11.27 -38.48 16.27
C ALA H 41 -10.39 -37.59 17.09
N PRO H 42 -9.55 -36.78 16.45
CA PRO H 42 -8.69 -35.90 17.23
C PRO H 42 -9.34 -34.52 17.51
N PRO H 43 -8.78 -33.76 18.47
CA PRO H 43 -9.34 -32.43 18.76
C PRO H 43 -9.38 -31.61 17.44
N ALA H 44 -10.37 -30.76 17.24
CA ALA H 44 -10.46 -29.97 16.01
C ALA H 44 -9.14 -29.29 15.65
N LEU H 45 -8.44 -28.76 16.63
CA LEU H 45 -7.17 -28.14 16.27
C LEU H 45 -6.23 -29.05 15.48
N PHE H 46 -6.32 -30.40 15.67
CA PHE H 46 -5.44 -31.37 14.97
C PHE H 46 -5.98 -32.16 13.77
N VAL H 47 -7.14 -31.77 13.25
CA VAL H 47 -7.69 -32.43 12.07
C VAL H 47 -6.81 -32.16 10.86
N ASP H 48 -6.27 -30.96 10.75
CA ASP H 48 -5.40 -30.65 9.60
C ASP H 48 -4.20 -31.60 9.62
N LEU H 49 -3.46 -31.66 10.75
CA LEU H 49 -2.28 -32.54 10.95
C LEU H 49 -2.58 -34.01 10.68
N ALA H 50 -3.67 -34.49 11.29
CA ALA H 50 -4.10 -35.86 11.13
C ALA H 50 -4.22 -36.12 9.65
N GLU H 51 -4.96 -35.31 8.94
CA GLU H 51 -5.11 -35.55 7.51
C GLU H 51 -3.78 -35.64 6.78
N ARG H 52 -2.90 -34.69 7.01
CA ARG H 52 -1.60 -34.66 6.35
C ARG H 52 -0.72 -35.89 6.67
N THR H 53 -0.72 -36.28 7.92
CA THR H 53 0.05 -37.42 8.36
C THR H 53 -0.47 -38.71 7.72
N LEU H 54 -1.77 -38.94 7.77
CA LEU H 54 -2.36 -40.14 7.20
C LEU H 54 -2.17 -40.16 5.70
N THR H 55 -2.41 -39.03 5.03
CA THR H 55 -2.23 -38.96 3.59
C THR H 55 -0.79 -39.26 3.18
N GLU H 56 0.19 -38.72 3.90
CA GLU H 56 1.56 -39.05 3.53
C GLU H 56 1.64 -40.57 3.66
N ALA H 57 1.38 -41.06 4.87
CA ALA H 57 1.40 -42.48 5.14
C ALA H 57 0.55 -43.34 4.17
N GLY H 58 -0.28 -42.73 3.34
CA GLY H 58 -1.11 -43.51 2.45
C GLY H 58 -2.04 -44.44 3.25
N SER H 59 -2.23 -44.15 4.54
CA SER H 59 -3.06 -44.91 5.48
C SER H 59 -4.53 -45.16 5.13
N ALA H 60 -5.16 -46.12 5.80
CA ALA H 60 -6.56 -46.44 5.52
C ALA H 60 -7.49 -46.06 6.67
N ILE H 61 -6.87 -45.56 7.74
CA ILE H 61 -7.57 -45.09 8.93
C ILE H 61 -8.54 -43.97 8.53
N ILE H 62 -9.74 -44.00 9.09
CA ILE H 62 -10.77 -42.99 8.82
C ILE H 62 -10.56 -41.81 9.77
N LEU H 63 -10.81 -40.60 9.25
CA LEU H 63 -10.66 -39.40 10.06
C LEU H 63 -12.04 -38.96 10.55
N GLY H 64 -12.14 -38.67 11.84
CA GLY H 64 -13.41 -38.20 12.37
C GLY H 64 -13.19 -36.95 13.21
N ALA H 65 -14.23 -36.51 13.92
CA ALA H 65 -14.13 -35.33 14.77
C ALA H 65 -15.10 -35.56 15.93
N GLN H 66 -14.82 -34.88 17.04
CA GLN H 66 -15.57 -35.02 18.28
C GLN H 66 -16.89 -34.26 18.50
N ASN H 67 -17.45 -33.62 17.47
CA ASN H 67 -18.69 -32.87 17.63
C ASN H 67 -18.92 -32.08 16.40
N THR H 68 -20.10 -31.47 16.30
CA THR H 68 -20.44 -30.59 15.20
C THR H 68 -21.43 -29.58 15.71
N ASP H 69 -21.60 -28.50 14.94
CA ASP H 69 -22.58 -27.49 15.29
C ASP H 69 -23.63 -27.54 14.23
N LEU H 70 -24.59 -26.63 14.27
CA LEU H 70 -25.68 -26.70 13.33
C LEU H 70 -25.68 -25.84 12.06
N ASN H 71 -24.52 -25.28 11.69
CA ASN H 71 -24.45 -24.47 10.47
C ASN H 71 -23.11 -24.68 9.80
N ASN H 72 -23.10 -24.47 8.49
CA ASN H 72 -21.90 -24.61 7.71
C ASN H 72 -21.05 -23.36 7.61
N SER H 73 -21.70 -22.21 7.71
CA SER H 73 -21.00 -20.94 7.63
C SER H 73 -21.90 -19.83 8.11
N GLY H 74 -21.32 -18.70 8.50
CA GLY H 74 -22.17 -17.62 8.95
C GLY H 74 -21.70 -16.97 10.22
N ALA H 75 -22.58 -16.19 10.81
CA ALA H 75 -22.21 -15.49 12.02
C ALA H 75 -22.42 -16.39 13.19
N PHE H 76 -21.50 -17.32 13.39
CA PHE H 76 -21.61 -18.24 14.49
C PHE H 76 -20.23 -18.40 15.06
N THR H 77 -19.85 -17.41 15.85
CA THR H 77 -18.55 -17.38 16.45
C THR H 77 -18.30 -18.59 17.31
N GLY H 78 -17.24 -19.32 16.95
CA GLY H 78 -16.81 -20.48 17.71
C GLY H 78 -17.34 -21.83 17.28
N ASP H 79 -18.21 -21.87 16.26
CA ASP H 79 -18.83 -23.13 15.84
C ASP H 79 -18.04 -24.07 14.96
N MET H 80 -18.47 -25.33 14.99
CA MET H 80 -17.93 -26.45 14.22
C MET H 80 -18.82 -26.69 13.03
N SER H 81 -18.24 -26.57 11.84
CA SER H 81 -18.97 -26.73 10.58
C SER H 81 -18.70 -28.03 9.80
N PRO H 82 -19.78 -28.77 9.45
CA PRO H 82 -19.66 -30.02 8.70
C PRO H 82 -18.95 -29.78 7.38
N ALA H 83 -19.30 -28.69 6.71
CA ALA H 83 -18.67 -28.36 5.42
C ALA H 83 -17.16 -28.12 5.58
N MET H 84 -16.74 -27.53 6.70
CA MET H 84 -15.32 -27.29 6.92
C MET H 84 -14.59 -28.61 7.23
N LEU H 85 -15.22 -29.46 8.04
CA LEU H 85 -14.69 -30.77 8.39
C LEU H 85 -14.48 -31.59 7.10
N LYS H 86 -15.42 -31.50 6.16
CA LYS H 86 -15.34 -32.19 4.88
C LYS H 86 -14.15 -31.82 4.06
N GLU H 87 -13.60 -30.64 4.28
CA GLU H 87 -12.45 -30.20 3.51
C GLU H 87 -11.17 -30.93 3.89
N PHE H 88 -11.18 -31.60 5.03
CA PHE H 88 -10.03 -32.34 5.52
C PHE H 88 -10.26 -33.83 5.46
N GLY H 89 -11.34 -34.24 4.82
CA GLY H 89 -11.66 -35.65 4.70
C GLY H 89 -12.39 -36.27 5.88
N ALA H 90 -12.57 -35.57 7.01
CA ALA H 90 -13.28 -36.10 8.18
C ALA H 90 -14.67 -36.60 7.74
N THR H 91 -15.23 -37.61 8.38
CA THR H 91 -16.54 -38.08 7.96
C THR H 91 -17.36 -38.75 9.04
N HIS H 92 -16.69 -39.10 10.12
CA HIS H 92 -17.31 -39.76 11.24
C HIS H 92 -17.30 -38.79 12.40
N ILE H 93 -18.47 -38.28 12.75
CA ILE H 93 -18.58 -37.26 13.80
C ILE H 93 -19.27 -37.71 15.05
N ILE H 94 -18.51 -37.76 16.13
CA ILE H 94 -19.05 -38.15 17.42
C ILE H 94 -20.04 -37.06 17.87
N ILE H 95 -21.28 -37.45 18.15
CA ILE H 95 -22.33 -36.52 18.65
C ILE H 95 -23.08 -37.12 19.87
N GLY H 96 -23.48 -36.27 20.81
CA GLY H 96 -24.19 -36.74 21.99
C GLY H 96 -23.34 -37.36 23.06
N HIS H 97 -22.04 -37.35 22.87
CA HIS H 97 -21.17 -37.96 23.86
C HIS H 97 -21.56 -37.55 25.28
N SER H 98 -21.47 -38.48 26.21
CA SER H 98 -21.85 -38.24 27.59
C SER H 98 -21.23 -37.02 28.25
N GLU H 99 -20.06 -36.63 27.78
CA GLU H 99 -19.32 -35.47 28.31
C GLU H 99 -19.89 -34.14 27.85
N ARG H 100 -20.36 -34.09 26.61
CA ARG H 100 -20.96 -32.88 26.07
C ARG H 100 -22.36 -32.73 26.68
N ARG H 101 -23.10 -33.84 26.79
CA ARG H 101 -24.46 -33.83 27.35
C ARG H 101 -24.47 -33.31 28.81
N GLU H 102 -23.52 -33.81 29.59
CA GLU H 102 -23.34 -33.43 30.97
C GLU H 102 -22.78 -32.02 31.14
N TYR H 103 -21.62 -31.76 30.55
CA TYR H 103 -20.98 -30.48 30.70
C TYR H 103 -21.59 -29.37 29.88
N HIS H 104 -21.90 -29.65 28.63
CA HIS H 104 -22.45 -28.61 27.76
C HIS H 104 -23.94 -28.64 27.67
N ALA H 105 -24.54 -29.50 28.49
CA ALA H 105 -25.99 -29.64 28.54
C ALA H 105 -26.64 -29.84 27.16
N GLU H 106 -26.05 -30.69 26.34
CA GLU H 106 -26.61 -30.96 25.03
C GLU H 106 -27.80 -31.87 25.31
N SER H 107 -28.91 -31.55 24.69
CA SER H 107 -30.14 -32.27 24.91
C SER H 107 -30.41 -33.27 23.78
N ASP H 108 -31.40 -34.14 24.03
CA ASP H 108 -31.83 -35.16 23.08
C ASP H 108 -32.23 -34.47 21.77
N GLU H 109 -33.00 -33.39 21.88
CA GLU H 109 -33.45 -32.73 20.68
C GLU H 109 -32.30 -32.04 19.98
N PHE H 110 -31.39 -31.48 20.76
CA PHE H 110 -30.21 -30.80 20.17
C PHE H 110 -29.37 -31.80 19.39
N VAL H 111 -28.97 -32.87 20.08
CA VAL H 111 -28.19 -33.95 19.48
C VAL H 111 -28.91 -34.56 18.29
N ALA H 112 -30.24 -34.62 18.30
CA ALA H 112 -30.99 -35.14 17.17
C ALA H 112 -30.90 -34.22 15.93
N LYS H 113 -30.87 -32.91 16.16
CA LYS H 113 -30.75 -31.96 15.09
C LYS H 113 -29.37 -32.11 14.45
N LYS H 114 -28.38 -32.30 15.32
CA LYS H 114 -27.02 -32.51 14.83
C LYS H 114 -27.03 -33.77 13.93
N PHE H 115 -27.67 -34.84 14.41
CA PHE H 115 -27.77 -36.12 13.69
C PHE H 115 -28.27 -35.89 12.27
N ALA H 116 -29.38 -35.16 12.18
CA ALA H 116 -30.01 -34.83 10.90
C ALA H 116 -29.15 -33.95 9.99
N PHE H 117 -28.49 -32.95 10.57
CA PHE H 117 -27.65 -32.05 9.79
C PHE H 117 -26.43 -32.76 9.21
N LEU H 118 -25.80 -33.62 10.02
CA LEU H 118 -24.65 -34.38 9.57
C LEU H 118 -25.02 -35.24 8.36
N LYS H 119 -26.15 -35.92 8.48
CA LYS H 119 -26.63 -36.79 7.41
C LYS H 119 -26.92 -35.99 6.17
N GLU H 120 -27.41 -34.77 6.40
CA GLU H 120 -27.76 -33.85 5.33
C GLU H 120 -26.48 -33.41 4.62
N ASN H 121 -25.36 -33.53 5.33
CA ASN H 121 -24.11 -33.12 4.78
C ASN H 121 -23.26 -34.22 4.23
N GLY H 122 -23.85 -35.41 4.16
CA GLY H 122 -23.13 -36.54 3.64
C GLY H 122 -22.15 -37.13 4.64
N LEU H 123 -22.29 -36.80 5.92
CA LEU H 123 -21.39 -37.32 6.92
C LEU H 123 -22.01 -38.46 7.71
N THR H 124 -21.18 -39.14 8.49
CA THR H 124 -21.65 -40.26 9.29
C THR H 124 -21.72 -39.99 10.78
N PRO H 125 -22.94 -39.93 11.33
CA PRO H 125 -23.02 -39.67 12.78
C PRO H 125 -22.70 -40.90 13.59
N VAL H 126 -22.12 -40.67 14.76
CA VAL H 126 -21.76 -41.69 15.71
C VAL H 126 -22.48 -41.20 16.96
N LEU H 127 -23.78 -41.50 16.98
CA LEU H 127 -24.69 -41.10 18.05
C LEU H 127 -24.45 -41.81 19.37
N CYS H 128 -24.13 -41.07 20.43
CA CYS H 128 -23.93 -41.73 21.70
C CYS H 128 -25.13 -41.65 22.60
N ILE H 129 -25.48 -42.79 23.18
CA ILE H 129 -26.58 -42.89 24.12
C ILE H 129 -26.02 -43.61 25.34
N GLY H 130 -26.76 -43.61 26.44
CA GLY H 130 -26.26 -44.24 27.65
C GLY H 130 -26.90 -43.69 28.91
N GLU H 131 -27.08 -44.54 29.90
CA GLU H 131 -27.72 -44.19 31.16
C GLU H 131 -26.75 -43.93 32.34
N SER H 132 -27.23 -43.13 33.27
CA SER H 132 -26.50 -42.76 34.47
C SER H 132 -26.41 -43.87 35.49
N ASP H 133 -25.75 -43.59 36.60
CA ASP H 133 -25.59 -44.55 37.66
C ASP H 133 -26.93 -44.82 38.30
N ALA H 134 -27.67 -43.75 38.52
CA ALA H 134 -28.96 -43.82 39.17
C ALA H 134 -30.06 -44.30 38.29
N GLN H 135 -29.97 -44.05 36.99
CA GLN H 135 -31.01 -44.54 36.09
C GLN H 135 -30.79 -46.06 35.97
N ASN H 136 -29.56 -46.51 36.23
CA ASN H 136 -29.16 -47.94 36.19
C ASN H 136 -29.56 -48.71 37.48
N GLU H 137 -29.36 -48.06 38.62
CA GLU H 137 -29.77 -48.64 39.90
C GLU H 137 -31.26 -48.79 39.83
N ALA H 138 -31.93 -47.79 39.27
CA ALA H 138 -33.37 -47.81 39.11
C ALA H 138 -33.87 -48.79 38.03
N GLY H 139 -32.95 -49.46 37.35
CA GLY H 139 -33.38 -50.38 36.32
C GLY H 139 -34.08 -49.67 35.19
N GLU H 140 -33.60 -48.49 34.82
CA GLU H 140 -34.20 -47.72 33.72
C GLU H 140 -33.35 -47.64 32.43
N THR H 141 -32.31 -48.47 32.34
CA THR H 141 -31.41 -48.49 31.21
C THR H 141 -32.04 -48.36 29.83
N MET H 142 -33.07 -49.15 29.57
CA MET H 142 -33.72 -49.12 28.26
C MET H 142 -34.69 -48.01 28.06
N ALA H 143 -35.21 -47.50 29.17
CA ALA H 143 -36.13 -46.40 29.12
C ALA H 143 -35.30 -45.29 28.54
N VAL H 144 -34.16 -45.04 29.18
CA VAL H 144 -33.24 -44.01 28.73
C VAL H 144 -32.74 -44.17 27.28
N CYS H 145 -32.24 -45.34 26.94
CA CYS H 145 -31.74 -45.61 25.59
C CYS H 145 -32.83 -45.54 24.55
N ALA H 146 -34.04 -45.92 24.94
CA ALA H 146 -35.15 -45.87 24.02
C ALA H 146 -35.47 -44.40 23.75
N ARG H 147 -35.41 -43.62 24.83
CA ARG H 147 -35.70 -42.18 24.79
C ARG H 147 -34.72 -41.44 23.84
N GLN H 148 -33.42 -41.55 24.13
CA GLN H 148 -32.39 -40.92 23.33
C GLN H 148 -32.40 -41.31 21.87
N LEU H 149 -32.88 -42.51 21.57
CA LEU H 149 -32.92 -43.00 20.22
C LEU H 149 -34.15 -42.54 19.47
N ASP H 150 -35.27 -42.45 20.18
CA ASP H 150 -36.55 -42.02 19.60
C ASP H 150 -36.61 -40.56 19.18
N ALA H 151 -35.75 -39.74 19.76
CA ALA H 151 -35.64 -38.32 19.43
C ALA H 151 -35.28 -38.19 17.96
N VAL H 152 -34.70 -39.24 17.40
CA VAL H 152 -34.33 -39.26 15.99
C VAL H 152 -35.38 -40.02 15.19
N ILE H 153 -35.66 -41.24 15.63
CA ILE H 153 -36.61 -42.13 14.99
C ILE H 153 -37.98 -41.49 14.92
N ASN H 154 -38.43 -40.97 16.05
CA ASN H 154 -39.76 -40.35 16.06
C ASN H 154 -39.86 -39.02 15.37
N THR H 155 -38.85 -38.65 14.59
CA THR H 155 -38.91 -37.38 13.87
C THR H 155 -38.49 -37.64 12.46
N GLN H 156 -37.29 -38.18 12.34
CA GLN H 156 -36.68 -38.47 11.06
C GLN H 156 -37.09 -39.82 10.53
N GLY H 157 -37.48 -40.71 11.44
CA GLY H 157 -37.90 -42.05 11.07
C GLY H 157 -36.80 -43.10 11.08
N VAL H 158 -37.16 -44.32 11.47
CA VAL H 158 -36.24 -45.45 11.53
C VAL H 158 -35.20 -45.44 10.45
N GLU H 159 -35.63 -45.30 9.21
CA GLU H 159 -34.69 -45.28 8.10
C GLU H 159 -33.49 -44.42 8.45
N ALA H 160 -33.71 -43.22 8.98
CA ALA H 160 -32.62 -42.28 9.32
C ALA H 160 -31.37 -42.89 9.93
N LEU H 161 -31.50 -44.00 10.67
CA LEU H 161 -30.32 -44.64 11.25
C LEU H 161 -29.53 -45.41 10.18
N GLU H 162 -30.03 -45.30 8.96
CA GLU H 162 -29.46 -45.89 7.75
C GLU H 162 -28.03 -45.38 7.60
N GLY H 163 -27.05 -46.24 7.77
CA GLY H 163 -25.69 -45.78 7.59
C GLY H 163 -25.20 -44.77 8.63
N ALA H 164 -25.52 -45.08 9.87
CA ALA H 164 -25.12 -44.29 11.01
C ALA H 164 -24.56 -45.33 11.97
N ILE H 165 -23.82 -44.89 12.97
CA ILE H 165 -23.27 -45.76 13.99
C ILE H 165 -23.90 -45.29 15.32
N ILE H 166 -24.15 -46.24 16.22
CA ILE H 166 -24.74 -45.93 17.53
C ILE H 166 -23.69 -46.43 18.47
N ALA H 167 -23.46 -45.71 19.55
CA ALA H 167 -22.46 -46.13 20.49
C ALA H 167 -23.09 -46.09 21.87
N TYR H 168 -23.12 -47.23 22.55
CA TYR H 168 -23.73 -47.30 23.86
C TYR H 168 -22.74 -47.03 24.96
N GLU H 169 -22.97 -45.95 25.70
CA GLU H 169 -22.09 -45.58 26.80
C GLU H 169 -22.60 -45.96 28.19
N PRO H 170 -21.97 -46.93 28.83
CA PRO H 170 -22.42 -47.31 30.16
C PRO H 170 -21.84 -46.28 31.14
N ILE H 171 -22.45 -45.10 31.19
CA ILE H 171 -21.98 -44.03 32.08
C ILE H 171 -21.97 -44.43 33.55
N TRP H 172 -22.92 -45.29 33.94
CA TRP H 172 -23.01 -45.78 35.32
C TRP H 172 -21.70 -46.42 35.81
N ALA H 173 -21.04 -47.20 34.93
CA ALA H 173 -19.75 -47.81 35.28
C ALA H 173 -18.80 -46.61 35.16
N ILE H 174 -17.48 -46.80 35.19
CA ILE H 174 -16.48 -45.71 35.05
C ILE H 174 -15.82 -45.27 36.39
N GLY H 175 -14.78 -46.03 36.75
CA GLY H 175 -14.03 -45.75 37.96
C GLY H 175 -14.80 -45.89 39.28
N THR H 176 -16.14 -45.86 39.19
CA THR H 176 -17.06 -45.96 40.33
C THR H 176 -17.18 -47.40 40.88
N GLY H 177 -16.07 -48.14 40.77
CA GLY H 177 -16.00 -49.50 41.25
C GLY H 177 -16.87 -50.40 40.41
N LYS H 178 -17.83 -49.81 39.69
CA LYS H 178 -18.74 -50.56 38.86
C LYS H 178 -18.19 -50.89 37.50
N ALA H 179 -18.60 -52.08 37.04
CA ALA H 179 -18.16 -52.65 35.78
C ALA H 179 -19.26 -53.30 34.97
N ALA H 180 -19.11 -53.17 33.65
CA ALA H 180 -20.01 -53.76 32.67
C ALA H 180 -19.21 -54.99 32.20
N THR H 181 -19.91 -56.06 31.87
CA THR H 181 -19.26 -57.27 31.41
C THR H 181 -19.68 -57.44 29.97
N ALA H 182 -19.06 -58.36 29.25
CA ALA H 182 -19.44 -58.56 27.86
C ALA H 182 -20.89 -59.04 27.78
N GLU H 183 -21.38 -59.63 28.88
CA GLU H 183 -22.75 -60.15 28.98
C GLU H 183 -23.75 -59.01 29.14
N ASP H 184 -23.41 -58.07 30.01
CA ASP H 184 -24.21 -56.87 30.24
C ASP H 184 -24.33 -56.15 28.90
N ALA H 185 -23.18 -55.84 28.31
CA ALA H 185 -23.08 -55.16 27.04
C ALA H 185 -23.98 -55.79 25.99
N GLN H 186 -23.87 -57.11 25.82
CA GLN H 186 -24.68 -57.82 24.82
C GLN H 186 -26.15 -57.78 25.17
N ARG H 187 -26.45 -57.87 26.45
CA ARG H 187 -27.84 -57.84 26.96
C ARG H 187 -28.42 -56.55 26.42
N ILE H 188 -27.83 -55.45 26.87
CA ILE H 188 -28.23 -54.11 26.47
C ILE H 188 -28.28 -53.86 24.94
N HIS H 189 -27.23 -54.25 24.21
CA HIS H 189 -27.18 -54.04 22.74
C HIS H 189 -28.26 -54.82 22.03
N ALA H 190 -28.72 -55.89 22.63
CA ALA H 190 -29.76 -56.69 22.02
C ALA H 190 -31.09 -55.99 22.16
N GLN H 191 -31.30 -55.36 23.32
CA GLN H 191 -32.53 -54.61 23.59
C GLN H 191 -32.65 -53.40 22.65
N ILE H 192 -31.56 -52.65 22.48
CA ILE H 192 -31.55 -51.49 21.61
C ILE H 192 -31.87 -51.89 20.19
N ARG H 193 -31.15 -52.88 19.68
CA ARG H 193 -31.36 -53.35 18.31
C ARG H 193 -32.81 -53.75 18.15
N ALA H 194 -33.31 -54.49 19.15
CA ALA H 194 -34.70 -54.96 19.18
C ALA H 194 -35.68 -53.80 19.09
N HIS H 195 -35.36 -52.71 19.78
CA HIS H 195 -36.19 -51.51 19.79
C HIS H 195 -36.29 -50.92 18.39
N ILE H 196 -35.23 -51.12 17.63
CA ILE H 196 -35.14 -50.64 16.29
C ILE H 196 -35.87 -51.67 15.41
N ALA H 197 -35.71 -52.95 15.73
CA ALA H 197 -36.33 -54.02 14.96
C ALA H 197 -37.84 -53.97 15.01
N GLU H 198 -38.36 -53.19 15.94
CA GLU H 198 -39.79 -53.02 16.13
C GLU H 198 -40.39 -52.13 15.07
N LYS H 199 -39.61 -51.17 14.58
CA LYS H 199 -40.10 -50.28 13.52
C LYS H 199 -39.64 -50.84 12.16
N SER H 200 -38.44 -51.39 12.14
CA SER H 200 -37.83 -51.98 10.95
C SER H 200 -36.76 -53.00 11.36
N GLU H 201 -36.85 -54.20 10.78
CA GLU H 201 -35.91 -55.28 11.06
C GLU H 201 -34.70 -55.19 10.12
N ALA H 202 -34.93 -54.65 8.93
CA ALA H 202 -33.87 -54.51 7.94
C ALA H 202 -32.86 -53.54 8.52
N VAL H 203 -33.35 -52.38 8.96
CA VAL H 203 -32.52 -51.36 9.56
C VAL H 203 -31.79 -52.00 10.74
N ALA H 204 -32.57 -52.52 11.68
CA ALA H 204 -32.00 -53.12 12.87
C ALA H 204 -30.87 -54.11 12.63
N LYS H 205 -31.06 -55.02 11.69
CA LYS H 205 -30.02 -56.02 11.48
C LYS H 205 -28.76 -55.45 10.89
N ASN H 206 -28.88 -54.30 10.24
CA ASN H 206 -27.76 -53.61 9.59
C ASN H 206 -26.99 -52.54 10.40
N VAL H 207 -27.67 -51.90 11.35
CA VAL H 207 -27.05 -50.83 12.10
C VAL H 207 -25.92 -51.26 12.98
N VAL H 208 -24.75 -50.64 12.79
CA VAL H 208 -23.58 -50.91 13.59
C VAL H 208 -23.84 -50.29 14.93
N ILE H 209 -23.64 -51.07 15.97
CA ILE H 209 -23.87 -50.63 17.32
C ILE H 209 -22.61 -50.93 18.07
N GLN H 210 -21.79 -49.91 18.27
CA GLN H 210 -20.53 -50.05 18.98
C GLN H 210 -20.76 -50.01 20.49
N TYR H 211 -19.84 -50.57 21.24
CA TYR H 211 -19.89 -50.58 22.68
C TYR H 211 -18.93 -49.48 23.19
N GLY H 212 -19.44 -48.59 24.02
CA GLY H 212 -18.62 -47.51 24.53
C GLY H 212 -18.05 -47.65 25.93
N GLY H 213 -18.05 -48.85 26.48
CA GLY H 213 -17.53 -49.00 27.83
C GLY H 213 -16.03 -49.10 27.82
N SER H 214 -15.46 -49.45 28.97
CA SER H 214 -14.02 -49.60 29.08
C SER H 214 -13.57 -50.93 28.50
N VAL H 215 -12.93 -50.87 27.34
CA VAL H 215 -12.46 -52.04 26.64
C VAL H 215 -10.95 -51.90 26.53
N LYS H 216 -10.24 -52.97 26.84
CA LYS H 216 -8.79 -53.01 26.78
C LYS H 216 -8.38 -54.19 25.90
N PRO H 217 -7.09 -54.26 25.48
CA PRO H 217 -6.58 -55.35 24.63
C PRO H 217 -7.07 -56.73 25.03
N GLU H 218 -7.11 -56.98 26.33
CA GLU H 218 -7.57 -58.25 26.88
C GLU H 218 -9.03 -58.24 27.39
N ASN H 219 -9.90 -57.56 26.65
CA ASN H 219 -11.34 -57.46 26.95
C ASN H 219 -11.89 -57.69 25.57
N ALA H 220 -11.39 -56.83 24.69
CA ALA H 220 -11.74 -56.73 23.31
C ALA H 220 -12.44 -57.93 22.65
N ALA H 221 -11.79 -59.10 22.67
CA ALA H 221 -12.39 -60.26 22.01
C ALA H 221 -13.56 -60.89 22.78
N ALA H 222 -13.60 -60.66 24.09
CA ALA H 222 -14.70 -61.16 24.88
C ALA H 222 -15.92 -60.34 24.41
N TYR H 223 -15.66 -59.06 24.15
CA TYR H 223 -16.71 -58.19 23.69
C TYR H 223 -17.07 -58.43 22.26
N PHE H 224 -16.08 -58.40 21.38
CA PHE H 224 -16.37 -58.57 19.97
C PHE H 224 -16.93 -59.92 19.58
N ALA H 225 -17.13 -60.75 20.59
CA ALA H 225 -17.71 -62.09 20.43
C ALA H 225 -19.24 -62.01 20.42
N GLN H 226 -19.80 -61.10 21.21
CA GLN H 226 -21.23 -60.95 21.28
C GLN H 226 -21.78 -60.62 19.90
N PRO H 227 -22.88 -61.23 19.54
CA PRO H 227 -23.47 -60.97 18.23
C PRO H 227 -24.05 -59.58 17.95
N ASP H 228 -24.36 -58.82 19.01
CA ASP H 228 -24.93 -57.46 18.83
C ASP H 228 -24.01 -56.27 19.11
N ILE H 229 -22.76 -56.58 19.48
CA ILE H 229 -21.70 -55.60 19.71
C ILE H 229 -20.90 -55.60 18.40
N ASP H 230 -20.89 -54.50 17.65
CA ASP H 230 -20.16 -54.47 16.36
C ASP H 230 -18.88 -53.69 16.27
N GLY H 231 -18.29 -53.39 17.41
CA GLY H 231 -17.07 -52.61 17.40
C GLY H 231 -16.97 -51.87 18.72
N ALA H 232 -16.12 -50.88 18.80
CA ALA H 232 -15.97 -50.15 20.05
C ALA H 232 -15.62 -48.66 19.86
N LEU H 233 -16.12 -47.82 20.74
CA LEU H 233 -15.75 -46.43 20.67
C LEU H 233 -14.77 -46.39 21.83
N VAL H 234 -13.50 -46.39 21.49
CA VAL H 234 -12.47 -46.46 22.49
C VAL H 234 -11.98 -45.12 23.00
N GLY H 235 -11.85 -45.05 24.33
CA GLY H 235 -11.36 -43.88 25.04
C GLY H 235 -9.87 -43.99 25.31
N GLY H 236 -9.45 -44.28 26.55
CA GLY H 236 -8.03 -44.35 26.87
C GLY H 236 -7.12 -45.21 25.99
N ALA H 237 -7.55 -46.41 25.61
CA ALA H 237 -6.70 -47.27 24.76
C ALA H 237 -6.34 -46.65 23.40
N ALA H 238 -7.17 -45.71 22.94
CA ALA H 238 -6.99 -45.03 21.66
C ALA H 238 -5.74 -44.16 21.60
N LEU H 239 -5.19 -43.87 22.76
CA LEU H 239 -4.03 -43.03 22.87
C LEU H 239 -2.72 -43.78 22.76
N ASP H 240 -2.83 -45.11 22.72
CA ASP H 240 -1.65 -45.95 22.59
C ASP H 240 -1.81 -46.79 21.32
N ALA H 241 -0.85 -46.62 20.41
CA ALA H 241 -0.85 -47.33 19.16
C ALA H 241 -0.95 -48.87 19.32
N LYS H 242 -0.20 -49.45 20.27
CA LYS H 242 -0.21 -50.89 20.49
C LYS H 242 -1.57 -51.37 20.92
N SER H 243 -2.01 -50.84 22.05
CA SER H 243 -3.31 -51.19 22.63
C SER H 243 -4.45 -50.99 21.66
N PHE H 244 -4.45 -49.86 20.99
CA PHE H 244 -5.53 -49.57 20.10
C PHE H 244 -5.55 -50.46 18.86
N ALA H 245 -4.38 -50.77 18.32
CA ALA H 245 -4.30 -51.64 17.13
C ALA H 245 -4.81 -53.00 17.55
N ALA H 246 -4.40 -53.42 18.76
CA ALA H 246 -4.81 -54.69 19.37
C ALA H 246 -6.34 -54.81 19.31
N ILE H 247 -7.01 -53.86 19.94
CA ILE H 247 -8.47 -53.82 19.97
C ILE H 247 -9.05 -53.87 18.56
N ALA H 248 -8.38 -53.24 17.62
CA ALA H 248 -8.88 -53.24 16.25
C ALA H 248 -8.76 -54.63 15.70
N LYS H 249 -7.60 -55.26 15.91
CA LYS H 249 -7.35 -56.62 15.39
C LYS H 249 -8.35 -57.63 15.95
N ALA H 250 -8.49 -57.62 17.28
CA ALA H 250 -9.42 -58.50 17.96
C ALA H 250 -10.78 -58.46 17.31
N ALA H 251 -11.29 -57.27 17.05
CA ALA H 251 -12.61 -57.18 16.44
C ALA H 251 -12.64 -57.71 15.01
N ALA H 252 -11.55 -57.56 14.29
CA ALA H 252 -11.46 -57.99 12.89
C ALA H 252 -11.67 -59.49 12.75
N GLU H 253 -10.84 -60.22 13.49
CA GLU H 253 -10.88 -61.67 13.49
C GLU H 253 -12.14 -62.17 14.17
N ALA H 254 -12.33 -61.78 15.41
CA ALA H 254 -13.48 -62.18 16.21
C ALA H 254 -14.78 -62.11 15.43
N LYS H 255 -14.86 -61.19 14.49
CA LYS H 255 -16.06 -61.04 13.70
C LYS H 255 -16.06 -61.90 12.45
S SO4 I . -32.04 18.32 4.99
O1 SO4 I . -32.01 19.44 4.01
O2 SO4 I . -33.44 18.03 5.37
O3 SO4 I . -31.22 18.70 6.19
O4 SO4 I . -31.49 17.10 4.35
S SO4 J . 21.97 8.11 -5.42
O1 SO4 J . 22.24 9.48 -4.93
O2 SO4 J . 21.45 8.17 -6.80
O3 SO4 J . 20.98 7.45 -4.50
O4 SO4 J . 23.24 7.34 -5.45
S SO4 K . 31.77 -18.48 -5.46
O1 SO4 K . 31.38 -19.90 -5.67
O2 SO4 K . 33.11 -18.23 -6.04
O3 SO4 K . 31.77 -18.19 -3.99
O4 SO4 K . 30.82 -17.60 -6.16
S SO4 L . -20.17 -6.68 11.19
O1 SO4 L . -19.95 -7.64 12.29
O2 SO4 L . -20.48 -7.41 9.94
O3 SO4 L . -18.94 -5.83 11.03
O4 SO4 L . -21.35 -5.83 11.51
#